data_8VC9
#
_entry.id   8VC9
#
_cell.length_a   175.074
_cell.length_b   102.327
_cell.length_c   184.476
_cell.angle_alpha   90.000
_cell.angle_beta   92.490
_cell.angle_gamma   90.000
#
_symmetry.space_group_name_H-M   'C 1 2 1'
#
loop_
_entity.id
_entity.type
_entity.pdbx_description
1 polymer 'Leptospira virulence regulator B (LvrB)'
2 non-polymer 'PHOSPHOMETHYLPHOSPHONIC ACID ADENYLATE ESTER'
3 non-polymer 'MAGNESIUM ION'
4 non-polymer 'BERYLLIUM TRIFLUORIDE ION'
5 non-polymer 'SULFATE ION'
6 water water
#
_entity_poly.entity_id   1
_entity_poly.type   'polypeptide(L)'
_entity_poly.pdbx_seq_one_letter_code
;MNKWKFLFLEDSLVDLELIQRQLNRAKIDYYPIHVSDSEGFSQAILDQKPHLILSDFSLPKYDGFSALKLAKKICPTTPF
IFVSGTYGEEAAIQTLTMGATDYVLKDRIEKLLPAVQRALHELEDHELRIKAEKERYELEEQLRQSQKLEAMGVMAGTMA
HEINNPLIAISEYAAMIAKGEVDSEKAKQLASKIRDESARISTIMKNLLRFSRDDKGSLYPVEVGEILVKLESITQQIFK
MNRIDASWKNVEPGHSIQCREGQILQILLNLVNNAVDSLNQKYPEYDTEKRIILENSIVEENHKKYAEFSIQDFGTGIPI
DIQKSIFKTFFTTKSADKGTGLGLSVSLGIAKEHGGSLNFESEPGRYTRFYLRVPIFDPSVQ
;
_entity_poly.pdbx_strand_id   A,B,C,D,E,F
#
loop_
_chem_comp.id
_chem_comp.type
_chem_comp.name
_chem_comp.formula
ACP non-polymer 'PHOSPHOMETHYLPHOSPHONIC ACID ADENYLATE ESTER' 'C11 H18 N5 O12 P3'
BEF non-polymer 'BERYLLIUM TRIFLUORIDE ION' 'Be F3 -1'
MG non-polymer 'MAGNESIUM ION' 'Mg 2'
SO4 non-polymer 'SULFATE ION' 'O4 S -2'
#
# COMPACT_ATOMS: atom_id res chain seq x y z
N ASN A 2 1.05 -0.49 44.53
CA ASN A 2 0.06 0.54 44.27
C ASN A 2 -1.07 0.43 45.30
N LYS A 3 -1.66 1.57 45.70
CA LYS A 3 -2.86 1.56 46.52
C LYS A 3 -4.01 1.17 45.59
N TRP A 4 -4.10 -0.14 45.34
CA TRP A 4 -5.27 -0.73 44.70
C TRP A 4 -6.57 -0.47 45.47
N LYS A 5 -7.66 -0.45 44.72
CA LYS A 5 -9.01 -0.30 45.25
C LYS A 5 -9.81 -1.54 44.88
N PHE A 6 -10.21 -2.34 45.88
CA PHE A 6 -10.95 -3.57 45.69
C PHE A 6 -12.39 -3.39 46.14
N LEU A 7 -13.34 -3.64 45.23
CA LEU A 7 -14.78 -3.65 45.56
C LEU A 7 -15.21 -5.07 45.88
N PHE A 8 -15.74 -5.30 47.09
CA PHE A 8 -16.28 -6.58 47.53
C PHE A 8 -17.81 -6.55 47.56
N LEU A 9 -18.46 -7.32 46.69
CA LEU A 9 -19.91 -7.55 46.75
C LEU A 9 -20.14 -8.89 47.45
N GLU A 10 -20.42 -8.82 48.74
CA GLU A 10 -20.49 -9.97 49.64
C GLU A 10 -21.41 -9.61 50.79
N ASP A 11 -22.34 -10.50 51.13
CA ASP A 11 -23.25 -10.24 52.24
C ASP A 11 -22.84 -10.85 53.58
N SER A 12 -21.95 -11.85 53.58
CA SER A 12 -21.46 -12.45 54.82
C SER A 12 -20.21 -11.74 55.34
N LEU A 13 -20.33 -11.03 56.46
CA LEU A 13 -19.18 -10.41 57.09
C LEU A 13 -18.13 -11.46 57.49
N VAL A 14 -18.58 -12.68 57.81
CA VAL A 14 -17.66 -13.76 58.15
C VAL A 14 -16.85 -14.20 56.93
N ASP A 15 -17.52 -14.34 55.79
CA ASP A 15 -16.83 -14.73 54.56
C ASP A 15 -15.93 -13.62 54.03
N LEU A 16 -16.37 -12.36 54.17
CA LEU A 16 -15.52 -11.21 53.86
C LEU A 16 -14.21 -11.23 54.65
N GLU A 17 -14.27 -11.50 55.95
CA GLU A 17 -13.05 -11.57 56.73
C GLU A 17 -12.14 -12.69 56.23
N LEU A 18 -12.72 -13.83 55.85
CA LEU A 18 -11.92 -14.90 55.28
C LEU A 18 -11.18 -14.47 54.01
N ILE A 19 -11.91 -13.84 53.07
CA ILE A 19 -11.30 -13.35 51.83
C ILE A 19 -10.21 -12.32 52.10
N GLN A 20 -10.52 -11.30 52.89
CA GLN A 20 -9.56 -10.24 53.20
C GLN A 20 -8.34 -10.78 53.92
N ARG A 21 -8.53 -11.71 54.84
CA ARG A 21 -7.41 -12.35 55.53
C ARG A 21 -6.44 -13.01 54.55
N GLN A 22 -6.95 -13.62 53.49
CA GLN A 22 -6.03 -14.24 52.53
C GLN A 22 -5.23 -13.17 51.79
N LEU A 23 -5.87 -12.06 51.42
CA LEU A 23 -5.13 -10.97 50.79
C LEU A 23 -4.17 -10.29 51.76
N ASN A 24 -4.60 -10.09 53.01
CA ASN A 24 -3.71 -9.44 53.98
C ASN A 24 -2.46 -10.26 54.29
N ARG A 25 -2.55 -11.59 54.24
CA ARG A 25 -1.38 -12.46 54.38
C ARG A 25 -0.32 -12.22 53.30
N ALA A 26 -0.75 -11.79 52.12
CA ALA A 26 0.12 -11.51 50.99
C ALA A 26 0.69 -10.11 51.00
N LYS A 27 0.36 -9.32 52.02
CA LYS A 27 0.77 -7.91 52.12
C LYS A 27 0.40 -7.14 50.86
N ILE A 28 -0.72 -7.53 50.24
CA ILE A 28 -1.27 -6.76 49.13
C ILE A 28 -1.78 -5.44 49.69
N ASP A 29 -1.31 -4.35 49.11
CA ASP A 29 -1.74 -3.02 49.54
C ASP A 29 -3.02 -2.66 48.78
N TYR A 30 -4.17 -2.79 49.44
CA TYR A 30 -5.43 -2.48 48.78
C TYR A 30 -6.31 -1.65 49.70
N TYR A 31 -7.26 -0.93 49.09
CA TYR A 31 -8.30 -0.23 49.82
C TYR A 31 -9.61 -1.02 49.69
N PRO A 32 -10.17 -1.55 50.78
CA PRO A 32 -11.43 -2.30 50.67
C PRO A 32 -12.66 -1.39 50.53
N ILE A 33 -13.52 -1.73 49.57
CA ILE A 33 -14.86 -1.16 49.42
C ILE A 33 -15.85 -2.32 49.52
N HIS A 34 -16.73 -2.27 50.52
CA HIS A 34 -17.69 -3.36 50.74
C HIS A 34 -19.09 -2.86 50.42
N VAL A 35 -19.84 -3.66 49.64
CA VAL A 35 -21.23 -3.38 49.29
C VAL A 35 -22.03 -4.67 49.34
N SER A 36 -23.32 -4.55 49.70
CA SER A 36 -24.19 -5.72 49.82
C SER A 36 -25.44 -5.64 48.96
N ASP A 37 -25.66 -4.56 48.22
CA ASP A 37 -26.86 -4.39 47.40
C ASP A 37 -26.51 -3.76 46.05
N SER A 38 -27.52 -3.69 45.19
CA SER A 38 -27.31 -3.20 43.83
C SER A 38 -27.03 -1.70 43.80
N GLU A 39 -27.61 -0.95 44.71
CA GLU A 39 -27.40 0.49 44.70
C GLU A 39 -25.98 0.83 45.15
N GLY A 40 -25.55 0.26 46.27
CA GLY A 40 -24.16 0.44 46.69
C GLY A 40 -23.14 -0.05 45.68
N PHE A 41 -23.40 -1.21 45.08
CA PHE A 41 -22.53 -1.72 44.04
C PHE A 41 -22.45 -0.79 42.84
N SER A 42 -23.60 -0.30 42.37
CA SER A 42 -23.62 0.61 41.22
C SER A 42 -22.92 1.93 41.51
N GLN A 43 -23.16 2.53 42.69
CA GLN A 43 -22.49 3.77 43.04
C GLN A 43 -20.98 3.59 43.19
N ALA A 44 -20.54 2.52 43.87
CA ALA A 44 -19.12 2.34 44.09
C ALA A 44 -18.36 2.20 42.78
N ILE A 45 -18.92 1.50 41.80
CA ILE A 45 -18.25 1.42 40.50
C ILE A 45 -18.11 2.80 39.89
N LEU A 46 -19.18 3.61 39.93
CA LEU A 46 -19.14 4.92 39.29
C LEU A 46 -18.27 5.91 40.06
N ASP A 47 -18.47 5.99 41.37
CA ASP A 47 -17.80 7.05 42.14
C ASP A 47 -16.37 6.68 42.48
N GLN A 48 -16.13 5.42 42.87
CA GLN A 48 -14.82 5.02 43.38
C GLN A 48 -13.89 4.47 42.30
N LYS A 49 -14.42 3.96 41.21
CA LYS A 49 -13.67 3.33 40.12
C LYS A 49 -12.67 2.29 40.62
N PRO A 50 -13.17 1.16 41.12
CA PRO A 50 -12.31 0.09 41.65
C PRO A 50 -11.43 -0.54 40.58
N HIS A 51 -10.26 -1.02 40.99
CA HIS A 51 -9.37 -1.73 40.08
C HIS A 51 -9.65 -3.23 40.00
N LEU A 52 -10.42 -3.77 40.94
CA LEU A 52 -10.82 -5.17 40.93
C LEU A 52 -12.15 -5.30 41.64
N ILE A 53 -13.01 -6.17 41.10
CA ILE A 53 -14.28 -6.54 41.72
C ILE A 53 -14.22 -8.01 42.12
N LEU A 54 -14.53 -8.27 43.39
CA LEU A 54 -14.69 -9.63 43.91
C LEU A 54 -16.16 -9.72 44.33
N SER A 55 -16.90 -10.68 43.74
CA SER A 55 -18.34 -10.74 44.01
C SER A 55 -18.76 -12.13 44.47
N ASP A 56 -19.57 -12.16 45.54
CA ASP A 56 -20.46 -13.25 45.90
C ASP A 56 -21.60 -13.43 44.91
N PHE A 57 -22.06 -14.69 44.77
CA PHE A 57 -23.21 -14.96 43.92
C PHE A 57 -24.55 -14.68 44.61
N SER A 58 -24.69 -15.01 45.88
CA SER A 58 -25.99 -14.95 46.56
C SER A 58 -26.07 -13.92 47.69
N LEU A 59 -26.40 -12.69 47.34
CA LEU A 59 -26.63 -11.76 48.44
C LEU A 59 -28.12 -11.43 48.61
N PRO A 60 -28.62 -11.21 49.82
CA PRO A 60 -30.06 -11.02 49.98
C PRO A 60 -30.37 -9.76 49.19
N LYS A 61 -31.44 -9.77 48.39
CA LYS A 61 -31.77 -8.65 47.50
C LYS A 61 -30.87 -8.44 46.28
N TYR A 62 -29.79 -9.19 46.08
CA TYR A 62 -28.90 -8.94 44.96
C TYR A 62 -28.19 -10.23 44.55
N ASP A 63 -27.90 -10.36 43.27
CA ASP A 63 -27.23 -11.58 42.79
C ASP A 63 -26.08 -11.27 41.85
N GLY A 64 -25.08 -12.16 41.89
CA GLY A 64 -23.93 -12.02 41.02
C GLY A 64 -24.19 -12.09 39.53
N PHE A 65 -25.30 -12.70 39.09
CA PHE A 65 -25.62 -12.60 37.66
C PHE A 65 -25.95 -11.17 37.29
N SER A 66 -26.78 -10.52 38.11
CA SER A 66 -27.08 -9.10 37.91
C SER A 66 -25.84 -8.24 38.06
N ALA A 67 -24.97 -8.58 39.02
CA ALA A 67 -23.71 -7.86 39.20
C ALA A 67 -22.82 -7.94 37.97
N LEU A 68 -22.64 -9.15 37.43
CA LEU A 68 -21.85 -9.30 36.21
C LEU A 68 -22.43 -8.50 35.03
N LYS A 69 -23.75 -8.59 34.83
CA LYS A 69 -24.37 -7.87 33.72
C LYS A 69 -24.17 -6.36 33.86
N LEU A 70 -24.29 -5.83 35.08
CA LEU A 70 -24.04 -4.41 35.32
C LEU A 70 -22.59 -4.04 35.11
N ALA A 71 -21.66 -4.82 35.66
CA ALA A 71 -20.24 -4.56 35.50
C ALA A 71 -19.84 -4.54 34.03
N LYS A 72 -20.35 -5.48 33.26
CA LYS A 72 -20.07 -5.47 31.83
C LYS A 72 -20.65 -4.23 31.14
N LYS A 73 -21.72 -3.64 31.67
CA LYS A 73 -22.25 -2.40 31.09
C LYS A 73 -21.47 -1.17 31.53
N ILE A 74 -21.11 -1.07 32.80
CA ILE A 74 -20.51 0.17 33.33
C ILE A 74 -18.98 0.17 33.29
N CYS A 75 -18.31 -0.94 33.64
CA CYS A 75 -16.85 -0.96 33.70
C CYS A 75 -16.34 -2.24 33.04
N PRO A 76 -16.49 -2.32 31.72
CA PRO A 76 -16.21 -3.58 31.00
C PRO A 76 -14.80 -4.08 31.17
N THR A 77 -13.85 -3.17 31.36
CA THR A 77 -12.43 -3.49 31.48
C THR A 77 -11.98 -3.84 32.90
N THR A 78 -12.79 -3.57 33.91
CA THR A 78 -12.41 -3.90 35.28
C THR A 78 -12.45 -5.42 35.49
N PRO A 79 -11.36 -6.04 35.94
CA PRO A 79 -11.42 -7.48 36.25
C PRO A 79 -12.47 -7.78 37.29
N PHE A 80 -13.21 -8.87 37.05
CA PHE A 80 -14.30 -9.34 37.90
C PHE A 80 -14.09 -10.80 38.28
N ILE A 81 -13.89 -11.10 39.55
CA ILE A 81 -13.66 -12.47 40.00
C ILE A 81 -14.84 -12.83 40.90
N PHE A 82 -15.51 -13.96 40.61
CA PHE A 82 -16.53 -14.43 41.54
C PHE A 82 -15.88 -15.17 42.68
N VAL A 83 -16.35 -14.92 43.89
CA VAL A 83 -15.95 -15.72 45.05
C VAL A 83 -17.23 -16.15 45.77
N SER A 84 -17.70 -17.36 45.52
CA SER A 84 -18.98 -17.78 46.10
C SER A 84 -18.85 -19.17 46.70
N GLY A 85 -19.60 -19.42 47.78
CA GLY A 85 -19.82 -20.74 48.37
C GLY A 85 -21.03 -21.54 47.90
N THR A 86 -21.88 -20.94 47.07
CA THR A 86 -23.13 -21.52 46.57
C THR A 86 -23.07 -22.55 45.45
N TYR A 87 -21.94 -22.86 44.83
CA TYR A 87 -21.96 -23.95 43.87
C TYR A 87 -20.62 -24.66 43.76
N GLY A 88 -20.62 -25.76 43.03
CA GLY A 88 -19.42 -26.46 42.67
C GLY A 88 -18.67 -25.92 41.47
N GLU A 89 -17.53 -26.55 41.23
CA GLU A 89 -16.67 -26.25 40.07
C GLU A 89 -17.35 -26.41 38.72
N GLU A 90 -18.29 -27.36 38.56
CA GLU A 90 -18.95 -27.48 37.27
C GLU A 90 -19.72 -26.21 36.91
N ALA A 91 -20.42 -25.63 37.88
CA ALA A 91 -21.14 -24.37 37.72
C ALA A 91 -20.23 -23.16 37.57
N ALA A 92 -19.14 -23.14 38.33
CA ALA A 92 -18.14 -22.06 38.30
C ALA A 92 -17.46 -21.87 36.95
N ILE A 93 -17.09 -22.94 36.28
CA ILE A 93 -16.48 -22.83 34.95
C ILE A 93 -17.40 -22.06 34.00
N GLN A 94 -18.71 -22.32 34.08
CA GLN A 94 -19.72 -21.68 33.23
C GLN A 94 -19.70 -20.16 33.44
N THR A 95 -19.55 -19.72 34.69
CA THR A 95 -19.50 -18.29 35.04
C THR A 95 -18.39 -17.58 34.27
N LEU A 96 -17.23 -18.23 34.06
CA LEU A 96 -16.20 -17.60 33.25
C LEU A 96 -16.71 -17.33 31.84
N THR A 97 -17.46 -18.26 31.25
CA THR A 97 -18.05 -18.06 29.93
C THR A 97 -19.01 -16.86 29.91
N MET A 98 -19.66 -16.58 31.02
CA MET A 98 -20.52 -15.40 31.12
C MET A 98 -19.71 -14.13 31.28
N GLY A 99 -18.37 -14.27 31.25
CA GLY A 99 -17.40 -13.19 31.27
C GLY A 99 -16.80 -12.82 32.60
N ALA A 100 -16.97 -13.65 33.63
CA ALA A 100 -16.14 -13.50 34.82
C ALA A 100 -14.66 -13.68 34.45
N THR A 101 -13.80 -12.93 35.13
CA THR A 101 -12.37 -13.02 34.88
C THR A 101 -11.78 -14.29 35.49
N ASP A 102 -12.25 -14.64 36.67
CA ASP A 102 -11.83 -15.86 37.36
C ASP A 102 -12.94 -16.25 38.33
N TYR A 103 -12.86 -17.47 38.81
CA TYR A 103 -13.80 -18.01 39.79
C TYR A 103 -13.11 -18.70 40.95
N VAL A 104 -13.39 -18.27 42.18
CA VAL A 104 -12.73 -18.85 43.33
C VAL A 104 -13.84 -19.45 44.19
N LEU A 105 -13.68 -20.71 44.60
CA LEU A 105 -14.62 -21.35 45.51
C LEU A 105 -14.27 -20.99 46.96
N LYS A 106 -15.30 -20.66 47.75
CA LYS A 106 -15.05 -20.37 49.17
C LYS A 106 -14.41 -21.52 49.93
N ASP A 107 -14.75 -22.76 49.61
CA ASP A 107 -14.06 -23.90 50.24
C ASP A 107 -12.62 -24.06 49.80
N ARG A 108 -12.24 -23.43 48.69
CA ARG A 108 -10.87 -23.52 48.18
C ARG A 108 -10.24 -22.13 48.16
N ILE A 109 -10.37 -21.39 49.26
CA ILE A 109 -9.96 -19.99 49.31
C ILE A 109 -8.48 -19.77 48.97
N GLU A 110 -7.64 -20.81 49.07
CA GLU A 110 -6.24 -20.71 48.63
C GLU A 110 -6.10 -20.31 47.17
N LYS A 111 -7.11 -20.60 46.34
CA LYS A 111 -7.08 -20.21 44.93
C LYS A 111 -7.34 -18.72 44.74
N LEU A 112 -7.83 -18.01 45.76
CA LEU A 112 -8.07 -16.56 45.61
C LEU A 112 -6.80 -15.80 45.28
N LEU A 113 -5.69 -16.11 45.96
CA LEU A 113 -4.47 -15.33 45.78
C LEU A 113 -3.89 -15.40 44.37
N PRO A 114 -3.69 -16.58 43.76
CA PRO A 114 -3.27 -16.60 42.34
C PRO A 114 -4.19 -15.86 41.39
N ALA A 115 -5.50 -15.90 41.62
CA ALA A 115 -6.41 -15.15 40.76
C ALA A 115 -6.17 -13.65 40.91
N VAL A 116 -6.05 -13.17 42.14
CA VAL A 116 -5.75 -11.76 42.41
C VAL A 116 -4.38 -11.35 41.87
N GLN A 117 -3.35 -12.17 42.12
CA GLN A 117 -2.00 -11.85 41.64
C GLN A 117 -1.95 -11.74 40.12
N ARG A 118 -2.59 -12.65 39.41
CA ARG A 118 -2.63 -12.56 37.95
C ARG A 118 -3.29 -11.25 37.51
N ALA A 119 -4.44 -10.93 38.11
CA ALA A 119 -5.14 -9.70 37.77
C ALA A 119 -4.29 -8.45 38.06
N LEU A 120 -3.59 -8.44 39.18
CA LEU A 120 -2.74 -7.30 39.54
C LEU A 120 -1.53 -7.22 38.62
N HIS A 121 -0.94 -8.36 38.27
CA HIS A 121 0.17 -8.38 37.33
C HIS A 121 -0.24 -7.82 35.97
N GLU A 122 -1.43 -8.17 35.49
CA GLU A 122 -1.90 -7.61 34.22
C GLU A 122 -2.04 -6.09 34.30
N LEU A 123 -2.49 -5.57 35.44
CA LEU A 123 -2.56 -4.12 35.63
C LEU A 123 -1.17 -3.49 35.65
N GLU A 124 -0.25 -4.10 36.41
CA GLU A 124 1.14 -3.64 36.47
C GLU A 124 1.80 -3.66 35.09
N ASP A 125 1.59 -4.73 34.32
CA ASP A 125 2.13 -4.82 32.97
C ASP A 125 1.68 -3.64 32.12
N HIS A 126 0.42 -3.24 32.27
CA HIS A 126 -0.03 -2.09 31.51
C HIS A 126 0.71 -0.82 31.96
N GLU A 127 0.88 -0.64 33.27
CA GLU A 127 1.66 0.49 33.79
C GLU A 127 3.11 0.43 33.34
N LEU A 128 3.72 -0.76 33.36
CA LEU A 128 5.08 -0.94 32.89
C LEU A 128 5.23 -0.53 31.42
N ARG A 129 4.25 -0.86 30.59
CA ARG A 129 4.31 -0.46 29.18
C ARG A 129 4.33 1.06 29.03
N ILE A 130 3.44 1.77 29.73
CA ILE A 130 3.45 3.23 29.67
C ILE A 130 4.78 3.81 30.14
N LYS A 131 5.34 3.24 31.20
CA LYS A 131 6.63 3.71 31.71
C LYS A 131 7.73 3.54 30.66
N ALA A 132 7.78 2.37 30.02
CA ALA A 132 8.80 2.15 28.99
C ALA A 132 8.66 3.14 27.82
N GLU A 133 7.43 3.41 27.40
CA GLU A 133 7.20 4.39 26.34
C GLU A 133 7.59 5.80 26.77
N LYS A 134 7.25 6.19 28.01
CA LYS A 134 7.68 7.48 28.55
C LYS A 134 9.19 7.59 28.64
N GLU A 135 9.85 6.58 29.17
CA GLU A 135 11.31 6.59 29.23
C GLU A 135 11.95 6.65 27.84
N ARG A 136 11.40 5.92 26.87
CA ARG A 136 11.92 6.02 25.51
C ARG A 136 11.78 7.44 24.97
N TYR A 137 10.61 8.04 25.17
CA TYR A 137 10.37 9.41 24.72
C TYR A 137 11.31 10.41 25.39
N GLU A 138 11.52 10.28 26.70
CA GLU A 138 12.45 11.16 27.40
C GLU A 138 13.88 11.02 26.88
N LEU A 139 14.32 9.80 26.62
CA LEU A 139 15.66 9.58 26.06
C LEU A 139 15.80 10.18 24.66
N GLU A 140 14.78 10.04 23.82
CA GLU A 140 14.82 10.68 22.50
C GLU A 140 14.95 12.20 22.62
N GLU A 141 14.20 12.80 23.53
CA GLU A 141 14.28 14.24 23.76
C GLU A 141 15.61 14.65 24.38
N GLN A 142 16.13 13.84 25.30
CA GLN A 142 17.46 14.09 25.85
C GLN A 142 18.53 14.03 24.77
N LEU A 143 18.46 13.04 23.88
CA LEU A 143 19.42 12.95 22.78
C LEU A 143 19.34 14.15 21.84
N ARG A 144 18.13 14.56 21.47
CA ARG A 144 17.91 15.73 20.63
C ARG A 144 18.42 17.02 21.25
N GLN A 145 18.20 17.22 22.56
CA GLN A 145 18.76 18.40 23.22
C GLN A 145 20.28 18.36 23.23
N SER A 146 20.84 17.18 23.45
CA SER A 146 22.30 17.05 23.41
C SER A 146 22.87 17.34 22.03
N GLN A 147 22.22 16.83 20.97
CA GLN A 147 22.64 17.14 19.60
C GLN A 147 22.57 18.63 19.26
N LYS A 148 21.57 19.34 19.76
CA LYS A 148 21.55 20.80 19.58
C LYS A 148 22.77 21.44 20.23
N LEU A 149 23.13 21.00 21.43
CA LEU A 149 24.31 21.55 22.10
C LEU A 149 25.58 21.18 21.35
N GLU A 150 25.64 19.96 20.80
CA GLU A 150 26.77 19.53 19.99
C GLU A 150 26.95 20.37 18.73
N ALA A 151 25.86 20.65 18.02
CA ALA A 151 25.92 21.54 16.86
C ALA A 151 26.43 22.95 17.18
N MET A 152 26.03 23.52 18.30
CA MET A 152 26.59 24.82 18.69
C MET A 152 28.11 24.75 18.89
N GLY A 153 28.59 23.65 19.48
CA GLY A 153 30.01 23.49 19.69
C GLY A 153 30.79 23.34 18.39
N VAL A 154 30.25 22.57 17.46
CA VAL A 154 30.83 22.40 16.13
C VAL A 154 30.89 23.72 15.36
N MET A 155 29.85 24.55 15.43
CA MET A 155 29.96 25.84 14.76
C MET A 155 31.03 26.74 15.39
N ALA A 156 31.16 26.71 16.72
CA ALA A 156 32.20 27.48 17.39
C ALA A 156 33.60 27.01 17.00
N GLY A 157 33.75 25.69 16.85
CA GLY A 157 34.99 25.09 16.39
C GLY A 157 35.38 25.46 14.96
N THR A 158 34.42 25.41 14.05
CA THR A 158 34.71 25.73 12.65
C THR A 158 35.09 27.19 12.45
N MET A 159 34.45 28.11 13.17
CA MET A 159 34.84 29.52 13.03
C MET A 159 36.24 29.80 13.59
N ALA A 160 36.58 29.18 14.72
CA ALA A 160 37.94 29.26 15.24
C ALA A 160 39.00 28.74 14.26
N HIS A 161 38.71 27.62 13.58
CA HIS A 161 39.65 27.08 12.59
C HIS A 161 39.83 27.96 11.36
N GLU A 162 38.75 28.51 10.79
CA GLU A 162 38.90 29.39 9.63
C GLU A 162 39.52 30.76 9.93
N ILE A 163 39.36 31.25 11.17
CA ILE A 163 39.99 32.47 11.68
C ILE A 163 41.45 32.35 12.11
N ASN A 164 41.87 31.22 12.66
CA ASN A 164 43.22 31.10 13.19
C ASN A 164 44.28 31.32 12.10
N ASN A 165 44.06 30.85 10.88
CA ASN A 165 45.08 31.09 9.86
C ASN A 165 45.37 32.58 9.67
N PRO A 166 44.39 33.45 9.41
CA PRO A 166 44.68 34.89 9.34
C PRO A 166 45.13 35.51 10.66
N LEU A 167 44.69 34.98 11.81
CA LEU A 167 45.15 35.45 13.11
C LEU A 167 46.64 35.21 13.29
N ILE A 168 47.13 34.05 12.85
CA ILE A 168 48.56 33.77 12.89
C ILE A 168 49.32 34.79 12.05
N ALA A 169 48.85 35.02 10.82
CA ALA A 169 49.50 36.01 9.95
C ALA A 169 49.49 37.40 10.55
N ILE A 170 48.38 37.83 11.14
CA ILE A 170 48.34 39.12 11.83
C ILE A 170 49.38 39.19 12.94
N SER A 171 49.47 38.13 13.75
CA SER A 171 50.44 38.14 14.86
C SER A 171 51.89 38.13 14.40
N GLU A 172 52.20 37.36 13.36
CA GLU A 172 53.55 37.37 12.79
C GLU A 172 53.92 38.71 12.16
N TYR A 173 53.05 39.28 11.32
CA TYR A 173 53.30 40.59 10.74
C TYR A 173 53.47 41.66 11.80
N ALA A 174 52.61 41.64 12.81
CA ALA A 174 52.72 42.60 13.90
C ALA A 174 54.01 42.43 14.66
N ALA A 175 54.42 41.18 14.89
CA ALA A 175 55.68 40.90 15.58
C ALA A 175 56.90 41.41 14.82
N MET A 176 56.94 41.27 13.49
CA MET A 176 58.06 41.81 12.72
C MET A 176 58.17 43.33 12.83
N ILE A 177 57.03 44.04 12.75
CA ILE A 177 57.03 45.48 12.95
C ILE A 177 57.49 45.86 14.35
N ALA A 178 56.98 45.15 15.36
CA ALA A 178 57.31 45.50 16.73
C ALA A 178 58.79 45.29 17.03
N LYS A 179 59.42 44.27 16.42
CA LYS A 179 60.85 44.07 16.61
C LYS A 179 61.73 45.07 15.87
N GLY A 180 61.18 45.87 14.95
CA GLY A 180 62.01 46.78 14.20
C GLY A 180 62.95 46.14 13.19
N GLU A 181 62.72 44.89 12.81
CA GLU A 181 63.56 44.18 11.86
C GLU A 181 63.32 44.58 10.41
N VAL A 182 62.41 45.52 10.19
CA VAL A 182 61.97 45.94 8.86
C VAL A 182 62.04 47.45 8.76
N ASP A 183 62.49 47.94 7.60
CA ASP A 183 62.45 49.38 7.36
C ASP A 183 61.01 49.91 7.36
N SER A 184 60.92 51.24 7.41
CA SER A 184 59.63 51.93 7.51
C SER A 184 58.70 51.56 6.36
N GLU A 185 59.25 51.24 5.20
CA GLU A 185 58.41 50.96 4.03
C GLU A 185 57.85 49.53 4.07
N LYS A 186 58.65 48.54 4.47
CA LYS A 186 58.12 47.21 4.74
C LYS A 186 57.10 47.19 5.88
N ALA A 187 57.34 47.98 6.93
CA ALA A 187 56.38 48.06 8.02
C ALA A 187 55.01 48.58 7.56
N LYS A 188 55.00 49.60 6.70
CA LYS A 188 53.73 50.03 6.10
C LYS A 188 53.12 48.93 5.24
N GLN A 189 53.95 48.22 4.46
CA GLN A 189 53.45 47.12 3.66
C GLN A 189 52.89 45.99 4.54
N LEU A 190 53.60 45.65 5.61
CA LEU A 190 53.11 44.64 6.55
C LEU A 190 51.83 45.10 7.24
N ALA A 191 51.75 46.38 7.60
CA ALA A 191 50.52 46.93 8.18
C ALA A 191 49.35 46.81 7.22
N SER A 192 49.59 46.99 5.91
CA SER A 192 48.54 46.75 4.93
C SER A 192 48.09 45.29 4.94
N LYS A 193 49.05 44.35 5.00
CA LYS A 193 48.69 42.93 5.08
C LYS A 193 47.87 42.64 6.34
N ILE A 194 48.22 43.27 7.46
CA ILE A 194 47.42 43.14 8.69
C ILE A 194 45.99 43.60 8.43
N ARG A 195 45.82 44.73 7.74
CA ARG A 195 44.48 45.22 7.40
C ARG A 195 43.75 44.22 6.51
N ASP A 196 44.47 43.64 5.55
CA ASP A 196 43.86 42.70 4.63
C ASP A 196 43.42 41.41 5.34
N GLU A 197 44.26 40.90 6.25
CA GLU A 197 43.89 39.75 7.06
C GLU A 197 42.76 40.04 8.04
N SER A 198 42.68 41.25 8.59
CA SER A 198 41.54 41.58 9.45
C SER A 198 40.23 41.61 8.66
N ALA A 199 40.29 42.13 7.43
CA ALA A 199 39.14 42.10 6.54
C ALA A 199 38.79 40.66 6.13
N ARG A 200 39.80 39.80 5.94
CA ARG A 200 39.54 38.39 5.67
C ARG A 200 38.79 37.72 6.81
N ILE A 201 39.23 37.91 8.05
CA ILE A 201 38.49 37.35 9.18
C ILE A 201 37.04 37.80 9.17
N SER A 202 36.79 39.09 8.92
CA SER A 202 35.40 39.56 8.85
C SER A 202 34.61 38.89 7.73
N THR A 203 35.26 38.57 6.61
CA THR A 203 34.60 37.89 5.49
C THR A 203 34.30 36.42 5.80
N ILE A 204 35.25 35.72 6.43
CA ILE A 204 35.01 34.34 6.86
C ILE A 204 33.81 34.28 7.78
N MET A 205 33.76 35.17 8.77
CA MET A 205 32.62 35.22 9.67
C MET A 205 31.32 35.54 8.94
N LYS A 206 31.35 36.47 8.00
CA LYS A 206 30.14 36.78 7.24
C LYS A 206 29.66 35.59 6.42
N ASN A 207 30.56 34.84 5.79
CA ASN A 207 30.11 33.67 5.03
C ASN A 207 29.52 32.58 5.93
N LEU A 208 30.13 32.34 7.10
CA LEU A 208 29.56 31.39 8.06
C LEU A 208 28.19 31.82 8.57
N LEU A 209 28.06 33.10 8.97
CA LEU A 209 26.78 33.59 9.47
C LEU A 209 25.71 33.57 8.39
N ARG A 210 26.09 33.74 7.13
CA ARG A 210 25.09 33.67 6.06
C ARG A 210 24.60 32.23 5.83
N PHE A 211 25.44 31.21 6.06
CA PHE A 211 24.90 29.86 5.99
C PHE A 211 24.02 29.54 7.20
N SER A 212 24.33 30.11 8.36
CA SER A 212 23.55 29.80 9.55
C SER A 212 22.28 30.64 9.70
N ARG A 213 22.15 31.74 8.96
CA ARG A 213 20.96 32.57 9.12
C ARG A 213 20.42 33.15 7.82
N ASP A 214 20.74 32.55 6.66
CA ASP A 214 20.18 33.03 5.40
C ASP A 214 19.66 31.94 4.48
N ASP A 215 19.85 30.66 4.81
CA ASP A 215 19.22 29.57 4.06
C ASP A 215 17.81 29.34 4.61
N LYS A 216 16.96 30.34 4.40
CA LYS A 216 15.64 30.38 5.00
C LYS A 216 14.50 30.40 3.99
N GLY A 217 14.65 31.10 2.88
CA GLY A 217 13.64 31.11 1.84
C GLY A 217 12.86 32.41 1.81
N SER A 218 12.32 32.71 0.63
CA SER A 218 11.32 33.76 0.49
C SER A 218 10.03 33.43 1.25
N LEU A 219 9.36 34.48 1.72
CA LEU A 219 7.98 34.41 2.20
C LEU A 219 7.02 34.05 1.08
N TYR A 220 6.05 33.19 1.40
CA TYR A 220 4.96 32.83 0.51
C TYR A 220 3.64 32.84 1.26
N PRO A 221 2.53 33.03 0.54
CA PRO A 221 1.21 32.96 1.19
C PRO A 221 0.94 31.54 1.70
N VAL A 222 0.62 31.44 2.98
CA VAL A 222 0.22 30.18 3.58
C VAL A 222 -1.11 30.36 4.30
N GLU A 223 -1.99 29.38 4.09
CA GLU A 223 -3.29 29.29 4.73
C GLU A 223 -3.13 28.97 6.22
N VAL A 224 -3.82 29.75 7.07
CA VAL A 224 -3.70 29.62 8.53
C VAL A 224 -4.08 28.22 9.00
N GLY A 225 -5.06 27.61 8.35
CA GLY A 225 -5.49 26.29 8.77
C GLY A 225 -4.42 25.23 8.60
N GLU A 226 -3.57 25.34 7.57
CA GLU A 226 -2.54 24.32 7.43
C GLU A 226 -1.59 24.39 8.63
N ILE A 227 -1.31 25.60 9.09
CA ILE A 227 -0.45 25.80 10.26
C ILE A 227 -1.09 25.21 11.51
N LEU A 228 -2.41 25.41 11.68
CA LEU A 228 -3.07 24.88 12.88
C LEU A 228 -3.17 23.35 12.88
N VAL A 229 -3.46 22.74 11.73
CA VAL A 229 -3.47 21.28 11.66
C VAL A 229 -2.10 20.67 11.92
N LYS A 230 -1.05 21.25 11.34
CA LYS A 230 0.30 20.76 11.62
C LYS A 230 0.69 20.93 13.08
N LEU A 231 0.38 22.09 13.66
CA LEU A 231 0.66 22.28 15.08
C LEU A 231 -0.07 21.26 15.95
N GLU A 232 -1.36 21.02 15.66
CA GLU A 232 -2.11 19.99 16.38
C GLU A 232 -1.45 18.62 16.30
N SER A 233 -1.15 18.16 15.07
CA SER A 233 -0.52 16.85 14.86
C SER A 233 0.81 16.67 15.59
N ILE A 234 1.62 17.73 15.71
CA ILE A 234 2.93 17.59 16.35
C ILE A 234 2.83 17.59 17.86
N THR A 235 1.86 18.27 18.44
CA THR A 235 1.81 18.46 19.87
C THR A 235 0.90 17.46 20.56
N GLN A 236 0.05 16.77 19.79
CA GLN A 236 -0.81 15.74 20.34
C GLN A 236 0.00 14.75 21.18
N GLN A 237 1.13 14.31 20.64
CA GLN A 237 1.99 13.38 21.36
C GLN A 237 2.66 14.02 22.57
N ILE A 238 3.01 15.29 22.46
CA ILE A 238 3.61 16.01 23.58
C ILE A 238 2.64 16.10 24.76
N PHE A 239 1.40 16.49 24.49
CA PHE A 239 0.40 16.59 25.55
C PHE A 239 0.10 15.23 26.18
N LYS A 240 -0.01 14.18 25.37
CA LYS A 240 -0.22 12.83 25.91
C LYS A 240 0.93 12.38 26.82
N MET A 241 2.18 12.59 26.40
CA MET A 241 3.31 12.19 27.23
C MET A 241 3.38 12.93 28.56
N ASN A 242 3.02 14.20 28.56
CA ASN A 242 3.04 15.04 29.75
C ASN A 242 1.72 15.03 30.54
N ARG A 243 0.73 14.27 30.09
CA ARG A 243 -0.59 14.22 30.72
C ARG A 243 -1.23 15.61 30.81
N ILE A 244 -1.14 16.38 29.73
CA ILE A 244 -1.72 17.72 29.66
C ILE A 244 -3.06 17.63 28.97
N ASP A 245 -4.08 18.28 29.54
CA ASP A 245 -5.37 18.43 28.89
C ASP A 245 -5.33 19.63 27.96
N ALA A 246 -5.52 19.41 26.65
CA ALA A 246 -5.35 20.50 25.71
C ALA A 246 -6.70 20.82 25.08
N SER A 247 -7.14 22.04 25.32
CA SER A 247 -8.34 22.72 24.83
C SER A 247 -8.07 23.79 23.77
N TRP A 248 -8.95 23.93 22.80
CA TRP A 248 -8.75 24.91 21.75
C TRP A 248 -9.98 25.76 22.01
N LYS A 249 -9.80 27.07 22.10
CA LYS A 249 -10.92 27.99 22.29
C LYS A 249 -11.48 28.59 21.03
N ASN A 250 -10.65 28.78 20.00
CA ASN A 250 -11.12 29.37 18.76
C ASN A 250 -10.11 29.07 17.68
N VAL A 251 -10.59 28.99 16.44
CA VAL A 251 -9.71 28.85 15.29
C VAL A 251 -10.17 29.91 14.30
N GLU A 252 -9.26 30.31 13.39
CA GLU A 252 -9.69 31.21 12.31
C GLU A 252 -9.13 30.94 10.91
N PRO A 253 -9.19 29.71 10.44
CA PRO A 253 -8.78 29.39 9.08
C PRO A 253 -9.52 30.21 7.99
N GLY A 254 -8.88 30.30 6.83
CA GLY A 254 -9.41 30.91 5.61
C GLY A 254 -8.86 32.29 5.41
N HIS A 255 -7.88 32.62 6.22
CA HIS A 255 -7.02 33.79 6.25
C HIS A 255 -5.60 33.33 5.94
N SER A 256 -4.90 34.04 5.05
CA SER A 256 -3.54 33.59 4.77
C SER A 256 -2.57 34.70 5.19
N ILE A 257 -1.36 34.25 5.53
CA ILE A 257 -0.22 35.09 5.85
C ILE A 257 0.99 34.77 4.98
N GLN A 258 1.77 35.81 4.70
CA GLN A 258 3.07 35.69 4.06
C GLN A 258 4.05 35.25 5.12
N CYS A 259 4.44 33.98 5.08
CA CYS A 259 5.31 33.43 6.11
C CYS A 259 6.21 32.35 5.52
N ARG A 260 7.23 32.00 6.30
CA ARG A 260 7.93 30.72 6.16
C ARG A 260 7.22 29.79 7.12
N GLU A 261 6.37 28.91 6.57
CA GLU A 261 5.51 28.06 7.39
C GLU A 261 6.31 27.32 8.47
N GLY A 262 7.46 26.77 8.10
CA GLY A 262 8.30 26.06 9.06
C GLY A 262 8.77 26.91 10.23
N GLN A 263 9.03 28.19 9.97
CA GLN A 263 9.47 29.11 11.02
C GLN A 263 8.33 29.49 11.95
N ILE A 264 7.13 29.65 11.41
CA ILE A 264 5.97 29.88 12.28
C ILE A 264 5.71 28.69 13.19
N LEU A 265 5.73 27.47 12.63
CA LEU A 265 5.62 26.28 13.49
C LEU A 265 6.74 26.21 14.52
N GLN A 266 7.92 26.73 14.20
CA GLN A 266 8.99 26.77 15.19
C GLN A 266 8.67 27.69 16.36
N ILE A 267 8.11 28.87 16.08
CA ILE A 267 7.66 29.74 17.17
C ILE A 267 6.66 29.02 18.05
N LEU A 268 5.59 28.50 17.43
CA LEU A 268 4.51 27.89 18.18
C LEU A 268 5.00 26.70 18.98
N LEU A 269 5.83 25.85 18.37
CA LEU A 269 6.43 24.72 19.08
C LEU A 269 7.34 25.20 20.22
N ASN A 270 8.05 26.31 20.03
CA ASN A 270 8.85 26.84 21.12
C ASN A 270 7.98 27.30 22.29
N LEU A 271 6.86 27.97 21.99
CA LEU A 271 5.95 28.35 23.06
C LEU A 271 5.34 27.13 23.77
N VAL A 272 4.95 26.11 22.99
CA VAL A 272 4.43 24.85 23.56
C VAL A 272 5.45 24.20 24.48
N ASN A 273 6.72 24.13 24.06
CA ASN A 273 7.71 23.52 24.93
C ASN A 273 7.85 24.28 26.24
N ASN A 274 7.82 25.60 26.18
CA ASN A 274 7.83 26.40 27.41
C ASN A 274 6.62 26.10 28.28
N ALA A 275 5.44 25.94 27.67
CA ALA A 275 4.27 25.57 28.45
C ALA A 275 4.42 24.20 29.10
N VAL A 276 4.89 23.19 28.36
CA VAL A 276 5.09 21.86 28.97
C VAL A 276 6.08 21.93 30.14
N ASP A 277 7.19 22.64 29.98
CA ASP A 277 8.15 22.76 31.09
C ASP A 277 7.54 23.47 32.28
N SER A 278 6.83 24.57 32.06
CA SER A 278 6.14 25.26 33.15
C SER A 278 5.11 24.38 33.82
N LEU A 279 4.33 23.64 33.02
CA LEU A 279 3.33 22.73 33.57
C LEU A 279 3.97 21.57 34.34
N ASN A 280 5.03 20.97 33.80
CA ASN A 280 5.67 19.87 34.52
C ASN A 280 6.30 20.31 35.83
N GLN A 281 6.80 21.54 35.88
CA GLN A 281 7.33 22.07 37.14
C GLN A 281 6.23 22.26 38.18
N LYS A 282 5.06 22.74 37.77
CA LYS A 282 3.96 22.93 38.72
C LYS A 282 3.23 21.64 39.07
N TYR A 283 2.99 20.76 38.11
CA TYR A 283 2.24 19.53 38.36
C TYR A 283 3.09 18.33 37.95
N PRO A 284 3.98 17.89 38.84
CA PRO A 284 4.81 16.71 38.53
C PRO A 284 4.00 15.45 38.33
N GLU A 285 2.85 15.32 38.98
CA GLU A 285 1.99 14.17 38.81
C GLU A 285 0.76 14.58 37.99
N TYR A 286 -0.23 13.69 37.90
CA TYR A 286 -1.47 14.01 37.23
C TYR A 286 -2.31 14.99 38.03
N ASP A 287 -2.77 16.05 37.37
CA ASP A 287 -3.65 17.04 37.99
C ASP A 287 -4.65 17.51 36.94
N THR A 288 -5.89 17.73 37.38
CA THR A 288 -6.95 18.21 36.50
C THR A 288 -6.72 19.64 36.01
N GLU A 289 -5.94 20.44 36.73
CA GLU A 289 -5.59 21.80 36.33
C GLU A 289 -4.35 21.88 35.43
N LYS A 290 -3.72 20.77 35.10
CA LYS A 290 -2.58 20.72 34.19
C LYS A 290 -3.12 20.84 32.77
N ARG A 291 -3.59 22.04 32.45
CA ARG A 291 -4.31 22.33 31.23
C ARG A 291 -3.59 23.37 30.38
N ILE A 292 -3.85 23.30 29.09
CA ILE A 292 -3.34 24.22 28.09
C ILE A 292 -4.49 24.65 27.20
N ILE A 293 -4.51 25.93 26.84
CA ILE A 293 -5.50 26.52 25.94
C ILE A 293 -4.73 26.98 24.72
N LEU A 294 -5.17 26.53 23.55
CA LEU A 294 -4.60 26.88 22.26
C LEU A 294 -5.66 27.60 21.45
N GLU A 295 -5.38 28.82 21.03
CA GLU A 295 -6.40 29.55 20.30
C GLU A 295 -5.73 30.19 19.09
N ASN A 296 -6.51 30.37 18.03
CA ASN A 296 -6.19 31.28 16.96
C ASN A 296 -7.35 32.24 16.78
N SER A 297 -7.04 33.45 16.33
CA SER A 297 -8.05 34.48 16.13
C SER A 297 -7.55 35.50 15.11
N ILE A 298 -8.48 36.31 14.59
CA ILE A 298 -8.10 37.46 13.79
C ILE A 298 -8.16 38.64 14.75
N VAL A 299 -7.06 39.38 14.86
CA VAL A 299 -6.94 40.59 15.69
C VAL A 299 -6.64 41.80 14.82
N GLU A 300 -7.16 42.96 15.24
CA GLU A 300 -6.90 44.21 14.55
C GLU A 300 -6.04 45.08 15.47
N GLU A 301 -4.91 45.53 14.93
CA GLU A 301 -3.97 46.37 15.65
C GLU A 301 -3.47 47.44 14.69
N ASN A 302 -3.53 48.69 15.11
CA ASN A 302 -3.13 49.85 14.30
C ASN A 302 -3.77 49.84 12.91
N HIS A 303 -5.08 49.54 12.86
CA HIS A 303 -5.82 49.45 11.59
C HIS A 303 -5.29 48.37 10.65
N LYS A 304 -4.53 47.40 11.17
CA LYS A 304 -4.08 46.23 10.43
C LYS A 304 -4.67 44.97 11.03
N LYS A 305 -5.07 44.03 10.18
CA LYS A 305 -5.57 42.76 10.68
C LYS A 305 -4.39 41.79 10.77
N TYR A 306 -4.34 41.06 11.88
CA TYR A 306 -3.32 40.06 12.17
C TYR A 306 -3.98 38.73 12.53
N ALA A 307 -3.35 37.64 12.08
CA ALA A 307 -3.61 36.33 12.67
C ALA A 307 -2.84 36.19 13.98
N GLU A 308 -3.57 36.00 15.08
CA GLU A 308 -2.99 35.72 16.38
C GLU A 308 -3.08 34.23 16.72
N PHE A 309 -1.93 33.62 16.99
CA PHE A 309 -1.85 32.28 17.58
C PHE A 309 -1.48 32.46 19.04
N SER A 310 -2.31 31.93 19.93
CA SER A 310 -2.15 32.12 21.37
C SER A 310 -1.96 30.78 22.06
N ILE A 311 -1.02 30.73 22.99
CA ILE A 311 -0.77 29.54 23.80
C ILE A 311 -0.81 29.92 25.28
N GLN A 312 -1.82 29.44 25.99
CA GLN A 312 -1.99 29.72 27.40
C GLN A 312 -1.83 28.42 28.18
N ASP A 313 -0.87 28.39 29.09
CA ASP A 313 -0.66 27.31 30.04
C ASP A 313 -1.03 27.78 31.42
N PHE A 314 -1.49 26.86 32.27
CA PHE A 314 -1.77 27.22 33.66
C PHE A 314 -0.67 26.75 34.61
N GLY A 315 0.58 26.72 34.15
CA GLY A 315 1.70 26.30 34.98
C GLY A 315 2.28 27.39 35.87
N THR A 316 3.60 27.35 36.02
CA THR A 316 4.34 28.21 36.95
C THR A 316 4.42 29.63 36.39
N GLY A 317 3.66 30.57 36.96
CA GLY A 317 3.53 31.91 36.44
C GLY A 317 4.91 32.50 36.18
N ILE A 318 5.05 33.67 35.56
CA ILE A 318 6.37 34.22 35.29
C ILE A 318 6.63 35.30 36.34
N PRO A 319 7.64 35.13 37.20
CA PRO A 319 8.01 36.16 38.17
C PRO A 319 8.31 37.55 37.60
N ILE A 320 7.83 38.56 38.33
CA ILE A 320 7.86 39.94 37.86
C ILE A 320 9.30 40.41 37.62
N ASP A 321 10.25 39.94 38.43
CA ASP A 321 11.63 40.35 38.25
C ASP A 321 12.22 39.88 36.91
N ILE A 322 11.80 38.72 36.41
CA ILE A 322 12.38 38.23 35.16
C ILE A 322 11.55 38.61 33.94
N GLN A 323 10.27 38.98 34.13
CA GLN A 323 9.38 39.30 33.02
C GLN A 323 9.98 40.34 32.10
N LYS A 324 10.74 41.30 32.66
CA LYS A 324 11.41 42.32 31.89
C LYS A 324 12.62 41.79 31.14
N SER A 325 13.09 40.59 31.45
CA SER A 325 14.35 40.12 30.89
C SER A 325 14.17 38.95 29.94
N ILE A 326 12.99 38.35 29.85
CA ILE A 326 12.83 37.18 29.00
C ILE A 326 13.10 37.68 27.59
N PHE A 327 13.31 36.77 26.64
CA PHE A 327 13.52 36.98 25.22
C PHE A 327 14.95 37.45 24.98
N LYS A 328 15.74 37.70 26.02
CA LYS A 328 17.15 38.01 25.82
C LYS A 328 17.86 36.74 25.40
N THR A 329 18.77 36.85 24.44
CA THR A 329 19.55 35.69 24.03
C THR A 329 20.28 35.06 25.22
N PHE A 330 20.21 33.72 25.28
CA PHE A 330 20.80 32.86 26.32
C PHE A 330 20.19 33.00 27.71
N PHE A 331 19.12 33.76 27.88
CA PHE A 331 18.46 33.81 29.18
C PHE A 331 17.61 32.57 29.40
N THR A 332 17.92 31.83 30.47
CA THR A 332 17.13 30.65 30.80
C THR A 332 17.14 30.46 32.31
N THR A 333 16.01 30.04 32.89
CA THR A 333 16.00 29.61 34.28
C THR A 333 16.14 28.10 34.43
N LYS A 334 16.05 27.36 33.34
CA LYS A 334 16.22 25.91 33.37
C LYS A 334 17.70 25.54 33.40
N SER A 335 17.99 24.39 34.01
CA SER A 335 19.34 23.85 33.99
C SER A 335 19.81 23.64 32.54
N ALA A 336 21.13 23.52 32.38
CA ALA A 336 21.70 23.35 31.04
C ALA A 336 21.22 22.06 30.37
N ASP A 337 20.98 21.01 31.16
CA ASP A 337 20.48 19.77 30.61
C ASP A 337 19.11 19.94 29.96
N LYS A 338 18.34 20.94 30.42
CA LYS A 338 16.99 21.14 29.92
C LYS A 338 16.74 22.55 29.39
N GLY A 339 17.78 23.39 29.22
CA GLY A 339 17.52 24.65 28.57
C GLY A 339 18.68 25.54 28.12
N THR A 340 18.67 25.83 26.82
CA THR A 340 19.63 26.68 26.11
C THR A 340 19.29 28.17 26.17
N GLY A 341 18.09 28.56 26.62
CA GLY A 341 17.72 29.96 26.61
C GLY A 341 17.53 30.62 25.27
N LEU A 342 17.40 29.85 24.19
CA LEU A 342 17.28 30.40 22.85
C LEU A 342 15.86 30.45 22.30
N GLY A 343 14.91 29.74 22.90
CA GLY A 343 13.57 29.65 22.33
C GLY A 343 12.91 30.99 22.10
N LEU A 344 12.76 31.77 23.17
CA LEU A 344 12.06 33.05 23.06
C LEU A 344 12.84 34.09 22.26
N SER A 345 14.17 34.10 22.35
CA SER A 345 14.94 35.05 21.55
C SER A 345 14.87 34.75 20.05
N VAL A 346 14.92 33.48 19.66
CA VAL A 346 14.73 33.15 18.25
C VAL A 346 13.31 33.46 17.80
N SER A 347 12.31 33.10 18.61
CA SER A 347 10.92 33.39 18.26
C SER A 347 10.64 34.88 18.09
N LEU A 348 11.21 35.74 18.95
CA LEU A 348 11.01 37.18 18.75
C LEU A 348 11.64 37.68 17.46
N GLY A 349 12.84 37.19 17.14
CA GLY A 349 13.46 37.53 15.87
C GLY A 349 12.65 37.11 14.66
N ILE A 350 12.20 35.84 14.65
CA ILE A 350 11.37 35.33 13.57
C ILE A 350 10.08 36.14 13.45
N ALA A 351 9.43 36.44 14.58
CA ALA A 351 8.20 37.22 14.54
C ALA A 351 8.41 38.59 13.90
N LYS A 352 9.51 39.27 14.27
CA LYS A 352 9.84 40.58 13.67
C LYS A 352 10.17 40.47 12.19
N GLU A 353 10.90 39.43 11.78
CA GLU A 353 11.18 39.21 10.36
C GLU A 353 9.92 39.03 9.53
N HIS A 354 8.83 38.59 10.14
CA HIS A 354 7.52 38.43 9.49
C HIS A 354 6.63 39.65 9.65
N GLY A 355 7.17 40.78 10.12
CA GLY A 355 6.37 41.96 10.37
C GLY A 355 5.41 41.80 11.52
N GLY A 356 5.63 40.78 12.36
CA GLY A 356 4.78 40.47 13.47
C GLY A 356 5.38 40.86 14.82
N SER A 357 4.69 40.42 15.88
CA SER A 357 5.15 40.61 17.24
C SER A 357 4.92 39.34 18.04
N LEU A 358 5.75 39.13 19.07
CA LEU A 358 5.55 38.08 20.03
C LEU A 358 5.48 38.71 21.42
N ASN A 359 4.37 38.49 22.12
CA ASN A 359 4.08 39.14 23.40
C ASN A 359 3.57 38.11 24.39
N PHE A 360 3.43 38.51 25.66
CA PHE A 360 2.92 37.57 26.65
C PHE A 360 2.17 38.33 27.75
N GLU A 361 1.30 37.59 28.44
CA GLU A 361 0.63 38.00 29.68
C GLU A 361 0.78 36.88 30.69
N SER A 362 1.07 37.23 31.94
CA SER A 362 1.21 36.22 32.97
C SER A 362 0.89 36.78 34.35
N GLU A 363 0.18 35.98 35.14
CA GLU A 363 -0.04 36.22 36.54
C GLU A 363 0.70 35.15 37.33
N PRO A 364 1.64 35.51 38.19
CA PRO A 364 2.41 34.53 38.96
C PRO A 364 1.55 33.53 39.72
N GLY A 365 1.92 32.25 39.58
CA GLY A 365 1.24 31.13 40.19
C GLY A 365 -0.03 30.68 39.52
N ARG A 366 -0.54 31.41 38.53
CA ARG A 366 -1.79 31.05 37.89
C ARG A 366 -1.63 30.60 36.44
N TYR A 367 -1.17 31.47 35.55
CA TYR A 367 -1.14 31.12 34.13
C TYR A 367 -0.12 31.98 33.41
N THR A 368 0.26 31.54 32.22
CA THR A 368 0.98 32.36 31.25
C THR A 368 0.34 32.20 29.88
N ARG A 369 0.12 33.32 29.19
CA ARG A 369 -0.34 33.34 27.80
C ARG A 369 0.65 34.08 26.90
N PHE A 370 1.32 33.34 26.02
CA PHE A 370 2.08 33.90 24.90
C PHE A 370 1.20 33.94 23.65
N TYR A 371 1.34 35.02 22.88
CA TYR A 371 0.63 35.13 21.62
C TYR A 371 1.51 35.68 20.51
N LEU A 372 1.48 35.01 19.36
CA LEU A 372 2.19 35.42 18.15
C LEU A 372 1.22 36.08 17.19
N ARG A 373 1.51 37.32 16.80
CA ARG A 373 0.75 38.01 15.77
C ARG A 373 1.55 38.10 14.47
N VAL A 374 0.93 37.68 13.36
CA VAL A 374 1.54 37.81 12.03
C VAL A 374 0.52 38.51 11.14
N PRO A 375 0.92 39.51 10.36
CA PRO A 375 -0.02 40.21 9.48
C PRO A 375 -0.69 39.28 8.48
N ILE A 376 -2.01 39.46 8.32
CA ILE A 376 -2.71 38.76 7.26
C ILE A 376 -2.23 39.28 5.91
N PHE A 377 -1.99 38.38 4.97
CA PHE A 377 -1.77 38.76 3.58
C PHE A 377 -3.13 39.07 2.95
N ASP A 378 -3.33 40.33 2.58
CA ASP A 378 -4.50 40.72 1.79
C ASP A 378 -4.13 41.90 0.91
N PRO A 379 -3.91 41.66 -0.39
CA PRO A 379 -3.64 42.79 -1.31
C PRO A 379 -4.74 43.83 -1.36
N SER A 380 -6.00 43.43 -1.16
CA SER A 380 -7.12 44.37 -1.17
C SER A 380 -7.18 45.18 0.12
N MET B 1 4.23 -2.66 -11.07
CA MET B 1 4.02 -2.61 -12.50
C MET B 1 2.61 -2.07 -12.80
N ASN B 2 1.63 -2.58 -12.06
CA ASN B 2 0.22 -2.25 -12.18
C ASN B 2 -0.30 -2.15 -10.76
N LYS B 3 -1.20 -1.19 -10.50
CA LYS B 3 -1.38 -0.78 -9.11
C LYS B 3 -1.97 -1.90 -8.24
N TRP B 4 -3.29 -2.09 -8.22
CA TRP B 4 -3.93 -3.28 -7.66
C TRP B 4 -3.59 -4.61 -8.35
N LYS B 5 -3.63 -5.69 -7.57
CA LYS B 5 -3.46 -7.06 -8.04
C LYS B 5 -4.73 -7.84 -7.68
N PHE B 6 -5.51 -8.28 -8.67
CA PHE B 6 -6.77 -9.01 -8.41
C PHE B 6 -6.63 -10.48 -8.78
N LEU B 7 -6.90 -11.37 -7.82
CA LEU B 7 -6.94 -12.81 -8.09
C LEU B 7 -8.38 -13.28 -8.36
N PHE B 8 -8.62 -13.83 -9.55
CA PHE B 8 -9.93 -14.38 -9.95
C PHE B 8 -9.88 -15.91 -9.94
N LEU B 9 -10.64 -16.55 -9.05
CA LEU B 9 -10.86 -18.00 -9.06
C LEU B 9 -12.20 -18.26 -9.75
N GLU B 10 -12.15 -18.58 -11.04
CA GLU B 10 -13.35 -18.64 -11.87
C GLU B 10 -13.14 -19.60 -13.04
N ASP B 11 -14.10 -20.50 -13.26
CA ASP B 11 -13.98 -21.42 -14.39
C ASP B 11 -14.74 -20.99 -15.64
N SER B 12 -15.71 -20.10 -15.52
CA SER B 12 -16.45 -19.61 -16.68
C SER B 12 -15.77 -18.37 -17.27
N LEU B 13 -15.21 -18.51 -18.46
CA LEU B 13 -14.66 -17.35 -19.14
C LEU B 13 -15.73 -16.29 -19.40
N VAL B 14 -16.99 -16.74 -19.57
CA VAL B 14 -18.08 -15.79 -19.78
C VAL B 14 -18.33 -14.97 -18.53
N ASP B 15 -18.32 -15.61 -17.36
CA ASP B 15 -18.52 -14.89 -16.11
C ASP B 15 -17.33 -14.01 -15.76
N LEU B 16 -16.12 -14.50 -16.04
CA LEU B 16 -14.93 -13.65 -15.89
C LEU B 16 -15.05 -12.38 -16.70
N GLU B 17 -15.46 -12.50 -17.96
CA GLU B 17 -15.63 -11.31 -18.79
C GLU B 17 -16.71 -10.39 -18.23
N LEU B 18 -17.81 -10.95 -17.72
CA LEU B 18 -18.84 -10.12 -17.09
C LEU B 18 -18.30 -9.35 -15.88
N ILE B 19 -17.62 -10.04 -14.97
CA ILE B 19 -17.04 -9.41 -13.78
C ILE B 19 -16.04 -8.32 -14.14
N GLN B 20 -15.08 -8.64 -15.01
CA GLN B 20 -14.05 -7.68 -15.43
C GLN B 20 -14.64 -6.47 -16.14
N ARG B 21 -15.67 -6.69 -16.97
CA ARG B 21 -16.34 -5.57 -17.63
C ARG B 21 -16.86 -4.56 -16.62
N GLN B 22 -17.37 -5.02 -15.48
CA GLN B 22 -17.84 -4.07 -14.48
C GLN B 22 -16.68 -3.30 -13.87
N LEU B 23 -15.56 -3.97 -13.61
CA LEU B 23 -14.40 -3.25 -13.11
C LEU B 23 -13.81 -2.30 -14.14
N ASN B 24 -13.75 -2.70 -15.41
CA ASN B 24 -13.21 -1.81 -16.44
C ASN B 24 -14.07 -0.56 -16.66
N ARG B 25 -15.38 -0.66 -16.44
CA ARG B 25 -16.23 0.53 -16.49
C ARG B 25 -15.82 1.57 -15.46
N ALA B 26 -15.26 1.15 -14.34
CA ALA B 26 -14.81 2.03 -13.28
C ALA B 26 -13.39 2.53 -13.49
N LYS B 27 -12.73 2.10 -14.57
CA LYS B 27 -11.33 2.46 -14.83
C LYS B 27 -10.44 2.12 -13.64
N ILE B 28 -10.78 1.04 -12.93
CA ILE B 28 -9.92 0.53 -11.87
C ILE B 28 -8.64 -0.02 -12.48
N ASP B 29 -7.51 0.46 -11.98
CA ASP B 29 -6.21 -0.02 -12.44
C ASP B 29 -5.84 -1.27 -11.64
N TYR B 30 -6.04 -2.44 -12.23
CA TYR B 30 -5.74 -3.70 -11.56
C TYR B 30 -4.98 -4.61 -12.51
N TYR B 31 -4.25 -5.56 -11.93
CA TYR B 31 -3.60 -6.61 -12.71
C TYR B 31 -4.41 -7.88 -12.53
N PRO B 32 -5.03 -8.42 -13.58
CA PRO B 32 -5.81 -9.65 -13.42
C PRO B 32 -4.92 -10.89 -13.34
N ILE B 33 -5.23 -11.74 -12.36
CA ILE B 33 -4.68 -13.09 -12.24
C ILE B 33 -5.84 -14.05 -12.26
N HIS B 34 -5.89 -14.93 -13.26
CA HIS B 34 -7.00 -15.86 -13.37
C HIS B 34 -6.53 -17.28 -13.08
N VAL B 35 -7.26 -17.98 -12.22
CA VAL B 35 -7.00 -19.37 -11.87
C VAL B 35 -8.31 -20.13 -11.75
N SER B 36 -8.27 -21.42 -12.08
CA SER B 36 -9.47 -22.26 -12.03
C SER B 36 -9.32 -23.48 -11.15
N ASP B 37 -8.16 -23.70 -10.52
CA ASP B 37 -7.94 -24.89 -9.69
C ASP B 37 -7.16 -24.52 -8.44
N SER B 38 -7.02 -25.50 -7.55
CA SER B 38 -6.39 -25.26 -6.24
C SER B 38 -4.90 -24.98 -6.35
N GLU B 39 -4.22 -25.59 -7.32
CA GLU B 39 -2.78 -25.36 -7.42
C GLU B 39 -2.49 -23.94 -7.89
N GLY B 40 -3.15 -23.51 -8.97
CA GLY B 40 -3.01 -22.14 -9.41
C GLY B 40 -3.42 -21.12 -8.37
N PHE B 41 -4.53 -21.38 -7.67
CA PHE B 41 -4.94 -20.50 -6.58
C PHE B 41 -3.89 -20.45 -5.47
N SER B 42 -3.41 -21.62 -5.04
CA SER B 42 -2.41 -21.70 -3.98
C SER B 42 -1.09 -21.04 -4.38
N GLN B 43 -0.60 -21.31 -5.60
CA GLN B 43 0.61 -20.68 -6.08
C GLN B 43 0.48 -19.17 -6.27
N ALA B 44 -0.62 -18.72 -6.86
CA ALA B 44 -0.78 -17.30 -7.13
C ALA B 44 -0.80 -16.47 -5.85
N ILE B 45 -1.43 -16.96 -4.79
CA ILE B 45 -1.41 -16.25 -3.51
C ILE B 45 0.01 -16.07 -2.99
N LEU B 46 0.81 -17.15 -3.03
CA LEU B 46 2.15 -17.08 -2.45
C LEU B 46 3.10 -16.23 -3.29
N ASP B 47 3.14 -16.48 -4.61
CA ASP B 47 4.13 -15.84 -5.47
C ASP B 47 3.71 -14.43 -5.84
N GLN B 48 2.43 -14.23 -6.16
CA GLN B 48 1.98 -12.96 -6.69
C GLN B 48 1.50 -12.01 -5.59
N LYS B 49 1.11 -12.54 -4.44
CA LYS B 49 0.58 -11.73 -3.34
C LYS B 49 -0.50 -10.74 -3.74
N PRO B 50 -1.68 -11.22 -4.11
CA PRO B 50 -2.76 -10.35 -4.55
C PRO B 50 -3.29 -9.44 -3.45
N HIS B 51 -3.79 -8.28 -3.84
CA HIS B 51 -4.40 -7.39 -2.88
C HIS B 51 -5.90 -7.66 -2.70
N LEU B 52 -6.51 -8.43 -3.61
CA LEU B 52 -7.91 -8.79 -3.50
C LEU B 52 -8.15 -10.12 -4.18
N ILE B 53 -8.99 -10.95 -3.56
CA ILE B 53 -9.46 -12.22 -4.12
C ILE B 53 -10.95 -12.19 -4.42
N LEU B 54 -11.29 -12.54 -5.65
CA LEU B 54 -12.66 -12.71 -6.10
C LEU B 54 -12.82 -14.19 -6.43
N SER B 55 -13.75 -14.88 -5.76
CA SER B 55 -13.84 -16.32 -5.95
C SER B 55 -15.27 -16.71 -6.32
N ASP B 56 -15.36 -17.56 -7.35
CA ASP B 56 -16.50 -18.43 -7.63
C ASP B 56 -16.69 -19.54 -6.60
N PHE B 57 -17.95 -19.95 -6.41
CA PHE B 57 -18.17 -21.07 -5.51
C PHE B 57 -17.92 -22.43 -6.15
N SER B 58 -18.30 -22.59 -7.43
CA SER B 58 -18.30 -23.90 -8.11
C SER B 58 -17.33 -24.04 -9.28
N LEU B 59 -16.16 -24.45 -9.00
CA LEU B 59 -15.29 -24.75 -10.13
C LEU B 59 -15.03 -26.25 -10.33
N PRO B 60 -14.87 -26.71 -11.56
CA PRO B 60 -14.67 -28.15 -11.77
C PRO B 60 -13.36 -28.45 -11.05
N LYS B 61 -13.30 -29.51 -10.26
CA LYS B 61 -12.12 -29.81 -9.44
C LYS B 61 -11.83 -28.91 -8.22
N TYR B 62 -12.59 -27.83 -7.97
CA TYR B 62 -12.27 -26.94 -6.86
C TYR B 62 -13.53 -26.24 -6.39
N ASP B 63 -13.59 -25.90 -5.10
CA ASP B 63 -14.78 -25.25 -4.55
C ASP B 63 -14.41 -24.08 -3.65
N GLY B 64 -15.29 -23.08 -3.61
CA GLY B 64 -15.10 -21.92 -2.78
C GLY B 64 -15.05 -22.16 -1.28
N PHE B 65 -15.59 -23.27 -0.78
CA PHE B 65 -15.37 -23.55 0.64
C PHE B 65 -13.91 -23.85 0.91
N SER B 66 -13.31 -24.68 0.07
CA SER B 66 -11.88 -24.98 0.17
C SER B 66 -11.00 -23.76 -0.09
N ALA B 67 -11.38 -22.93 -1.07
CA ALA B 67 -10.64 -21.70 -1.34
C ALA B 67 -10.64 -20.74 -0.15
N LEU B 68 -11.81 -20.50 0.44
CA LEU B 68 -11.89 -19.65 1.62
C LEU B 68 -11.07 -20.23 2.76
N LYS B 69 -11.17 -21.53 3.00
CA LYS B 69 -10.41 -22.14 4.08
C LYS B 69 -8.91 -21.99 3.86
N LEU B 70 -8.46 -22.14 2.61
CA LEU B 70 -7.05 -21.91 2.28
C LEU B 70 -6.64 -20.47 2.48
N ALA B 71 -7.44 -19.53 1.96
CA ALA B 71 -7.16 -18.12 2.13
C ALA B 71 -7.07 -17.71 3.60
N LYS B 72 -7.97 -18.20 4.45
CA LYS B 72 -7.82 -17.87 5.87
C LYS B 72 -6.54 -18.45 6.46
N LYS B 73 -6.01 -19.56 5.91
CA LYS B 73 -4.72 -20.06 6.41
C LYS B 73 -3.51 -19.30 5.85
N ILE B 74 -3.51 -18.99 4.56
CA ILE B 74 -2.32 -18.44 3.90
C ILE B 74 -2.28 -16.91 3.86
N CYS B 75 -3.40 -16.25 3.58
CA CYS B 75 -3.39 -14.79 3.45
C CYS B 75 -4.55 -14.17 4.20
N PRO B 76 -4.52 -14.26 5.53
CA PRO B 76 -5.67 -13.86 6.36
C PRO B 76 -6.10 -12.42 6.19
N THR B 77 -5.17 -11.54 5.85
CA THR B 77 -5.50 -10.13 5.72
C THR B 77 -6.04 -9.75 4.35
N THR B 78 -5.91 -10.60 3.35
CA THR B 78 -6.40 -10.28 2.01
C THR B 78 -7.93 -10.31 1.95
N PRO B 79 -8.59 -9.23 1.52
CA PRO B 79 -10.04 -9.28 1.35
C PRO B 79 -10.41 -10.38 0.36
N PHE B 80 -11.46 -11.13 0.69
CA PHE B 80 -11.96 -12.26 -0.08
C PHE B 80 -13.45 -12.06 -0.36
N ILE B 81 -13.82 -11.87 -1.63
CA ILE B 81 -15.21 -11.64 -2.00
C ILE B 81 -15.66 -12.83 -2.86
N PHE B 82 -16.79 -13.46 -2.48
CA PHE B 82 -17.35 -14.47 -3.36
C PHE B 82 -18.16 -13.77 -4.43
N VAL B 83 -18.02 -14.24 -5.68
CA VAL B 83 -18.90 -13.79 -6.74
C VAL B 83 -19.40 -15.05 -7.42
N SER B 84 -20.59 -15.53 -7.05
CA SER B 84 -21.03 -16.82 -7.58
C SER B 84 -22.47 -16.74 -8.06
N GLY B 85 -22.80 -17.51 -9.11
CA GLY B 85 -24.16 -17.77 -9.57
C GLY B 85 -24.94 -18.98 -9.06
N THR B 86 -24.32 -19.88 -8.31
CA THR B 86 -24.91 -21.12 -7.80
C THR B 86 -25.85 -21.05 -6.59
N TYR B 87 -26.07 -19.91 -5.93
CA TYR B 87 -27.06 -19.91 -4.86
C TYR B 87 -27.70 -18.55 -4.71
N GLY B 88 -28.75 -18.50 -3.88
CA GLY B 88 -29.38 -17.27 -3.46
C GLY B 88 -28.73 -16.53 -2.31
N GLU B 89 -29.31 -15.36 -2.04
CA GLU B 89 -28.93 -14.50 -0.93
C GLU B 89 -29.01 -15.16 0.45
N GLU B 90 -29.96 -16.08 0.66
CA GLU B 90 -30.01 -16.73 1.97
C GLU B 90 -28.72 -17.50 2.24
N ALA B 91 -28.23 -18.20 1.22
CA ALA B 91 -26.98 -18.94 1.29
C ALA B 91 -25.75 -18.04 1.37
N ALA B 92 -25.77 -16.93 0.62
CA ALA B 92 -24.69 -15.95 0.57
C ALA B 92 -24.37 -15.27 1.90
N ILE B 93 -25.36 -14.85 2.68
CA ILE B 93 -25.06 -14.24 3.98
C ILE B 93 -24.26 -15.18 4.87
N GLN B 94 -24.57 -16.47 4.84
CA GLN B 94 -23.89 -17.48 5.65
C GLN B 94 -22.38 -17.49 5.33
N THR B 95 -22.04 -17.35 4.05
CA THR B 95 -20.65 -17.32 3.63
C THR B 95 -19.88 -16.20 4.34
N LEU B 96 -20.51 -15.03 4.55
CA LEU B 96 -19.83 -13.99 5.31
C LEU B 96 -19.48 -14.48 6.71
N THR B 97 -20.38 -15.22 7.35
CA THR B 97 -20.07 -15.80 8.66
C THR B 97 -18.88 -16.75 8.57
N MET B 98 -18.69 -17.40 7.43
CA MET B 98 -17.51 -18.24 7.24
C MET B 98 -16.25 -17.43 6.99
N GLY B 99 -16.38 -16.10 7.01
CA GLY B 99 -15.30 -15.16 6.89
C GLY B 99 -15.00 -14.59 5.52
N ALA B 100 -15.87 -14.75 4.54
CA ALA B 100 -15.78 -13.95 3.33
C ALA B 100 -15.92 -12.47 3.69
N THR B 101 -15.20 -11.62 2.98
CA THR B 101 -15.27 -10.18 3.24
C THR B 101 -16.57 -9.60 2.72
N ASP B 102 -16.99 -10.05 1.55
CA ASP B 102 -18.23 -9.62 0.94
C ASP B 102 -18.66 -10.73 0.00
N TYR B 103 -19.91 -10.67 -0.43
CA TYR B 103 -20.52 -11.62 -1.36
C TYR B 103 -21.31 -10.97 -2.49
N VAL B 104 -20.99 -11.31 -3.74
CA VAL B 104 -21.73 -10.70 -4.85
C VAL B 104 -22.39 -11.86 -5.62
N LEU B 105 -23.69 -11.74 -5.89
CA LEU B 105 -24.40 -12.72 -6.72
C LEU B 105 -24.22 -12.40 -8.20
N LYS B 106 -23.92 -13.42 -9.01
CA LYS B 106 -23.78 -13.19 -10.45
C LYS B 106 -25.02 -12.60 -11.13
N ASP B 107 -26.24 -12.97 -10.70
CA ASP B 107 -27.44 -12.33 -11.26
C ASP B 107 -27.62 -10.87 -10.84
N ARG B 108 -26.89 -10.42 -9.83
CA ARG B 108 -26.98 -9.02 -9.44
C ARG B 108 -25.61 -8.35 -9.55
N ILE B 109 -24.96 -8.52 -10.72
CA ILE B 109 -23.56 -8.12 -10.88
C ILE B 109 -23.28 -6.66 -10.57
N GLU B 110 -24.32 -5.79 -10.61
CA GLU B 110 -24.17 -4.40 -10.19
C GLU B 110 -23.66 -4.26 -8.77
N LYS B 111 -23.89 -5.26 -7.93
CA LYS B 111 -23.36 -5.20 -6.56
C LYS B 111 -21.85 -5.44 -6.50
N LEU B 112 -21.23 -5.94 -7.57
CA LEU B 112 -19.78 -6.15 -7.55
C LEU B 112 -18.99 -4.87 -7.31
N LEU B 113 -19.35 -3.78 -8.00
CA LEU B 113 -18.54 -2.56 -7.90
C LEU B 113 -18.49 -1.96 -6.51
N PRO B 114 -19.61 -1.73 -5.81
CA PRO B 114 -19.51 -1.27 -4.41
C PRO B 114 -18.71 -2.20 -3.51
N ALA B 115 -18.80 -3.51 -3.71
CA ALA B 115 -18.02 -4.42 -2.88
C ALA B 115 -16.52 -4.26 -3.13
N VAL B 116 -16.11 -4.18 -4.41
CA VAL B 116 -14.70 -3.97 -4.74
C VAL B 116 -14.21 -2.62 -4.25
N GLN B 117 -14.99 -1.56 -4.50
CA GLN B 117 -14.61 -0.21 -4.08
C GLN B 117 -14.42 -0.08 -2.58
N ARG B 118 -15.31 -0.68 -1.78
CA ARG B 118 -15.13 -0.63 -0.33
C ARG B 118 -13.82 -1.31 0.06
N ALA B 119 -13.55 -2.48 -0.49
CA ALA B 119 -12.31 -3.19 -0.18
C ALA B 119 -11.08 -2.37 -0.59
N LEU B 120 -11.14 -1.71 -1.76
CA LEU B 120 -10.04 -0.87 -2.21
C LEU B 120 -9.90 0.41 -1.38
N HIS B 121 -11.04 1.01 -1.04
CA HIS B 121 -11.05 2.21 -0.19
C HIS B 121 -10.45 1.91 1.17
N GLU B 122 -10.77 0.76 1.76
CA GLU B 122 -10.16 0.36 3.02
C GLU B 122 -8.66 0.14 2.90
N LEU B 123 -8.20 -0.41 1.77
CA LEU B 123 -6.76 -0.58 1.55
C LEU B 123 -6.01 0.75 1.44
N GLU B 124 -6.56 1.68 0.66
CA GLU B 124 -5.98 3.01 0.55
C GLU B 124 -5.92 3.70 1.90
N ASP B 125 -7.02 3.62 2.66
CA ASP B 125 -7.06 4.21 4.00
C ASP B 125 -5.94 3.68 4.89
N HIS B 126 -5.66 2.39 4.82
CA HIS B 126 -4.57 1.90 5.64
C HIS B 126 -3.25 2.51 5.19
N GLU B 127 -3.02 2.60 3.88
CA GLU B 127 -1.81 3.25 3.34
C GLU B 127 -1.74 4.74 3.70
N LEU B 128 -2.87 5.43 3.60
CA LEU B 128 -2.94 6.84 3.97
C LEU B 128 -2.56 7.07 5.43
N ARG B 129 -3.01 6.20 6.34
CA ARG B 129 -2.65 6.34 7.75
C ARG B 129 -1.14 6.26 7.98
N ILE B 130 -0.48 5.25 7.41
CA ILE B 130 0.98 5.13 7.54
C ILE B 130 1.68 6.36 6.97
N LYS B 131 1.21 6.84 5.82
CA LYS B 131 1.76 8.01 5.16
C LYS B 131 1.64 9.26 6.03
N ALA B 132 0.48 9.46 6.67
CA ALA B 132 0.33 10.62 7.54
C ALA B 132 1.32 10.56 8.69
N GLU B 133 1.55 9.37 9.26
CA GLU B 133 2.56 9.23 10.31
C GLU B 133 3.98 9.50 9.81
N LYS B 134 4.32 9.02 8.61
CA LYS B 134 5.62 9.33 8.02
C LYS B 134 5.79 10.83 7.76
N GLU B 135 4.77 11.47 7.17
CA GLU B 135 4.83 12.91 6.95
C GLU B 135 4.94 13.67 8.26
N ARG B 136 4.22 13.24 9.29
CA ARG B 136 4.36 13.89 10.59
C ARG B 136 5.78 13.77 11.11
N TYR B 137 6.38 12.58 10.99
CA TYR B 137 7.76 12.38 11.42
C TYR B 137 8.74 13.26 10.63
N GLU B 138 8.57 13.36 9.31
CA GLU B 138 9.43 14.23 8.50
C GLU B 138 9.29 15.70 8.90
N LEU B 139 8.07 16.16 9.15
CA LEU B 139 7.87 17.53 9.60
C LEU B 139 8.51 17.77 10.97
N GLU B 140 8.37 16.81 11.88
CA GLU B 140 9.05 16.93 13.17
C GLU B 140 10.56 17.02 13.01
N GLU B 141 11.13 16.21 12.11
CA GLU B 141 12.57 16.23 11.84
C GLU B 141 13.04 17.52 11.16
N GLN B 142 12.26 18.06 10.22
CA GLN B 142 12.61 19.36 9.64
C GLN B 142 12.65 20.47 10.68
N LEU B 143 11.66 20.49 11.58
CA LEU B 143 11.66 21.49 12.64
C LEU B 143 12.89 21.36 13.54
N ARG B 144 13.24 20.13 13.89
CA ARG B 144 14.43 19.87 14.68
C ARG B 144 15.73 20.31 14.02
N GLN B 145 15.88 20.07 12.71
CA GLN B 145 17.07 20.57 12.00
C GLN B 145 17.09 22.09 11.98
N SER B 146 15.94 22.70 11.76
CA SER B 146 15.82 24.16 11.77
C SER B 146 16.14 24.76 13.13
N GLN B 147 15.66 24.16 14.21
CA GLN B 147 16.02 24.63 15.54
C GLN B 147 17.53 24.51 15.80
N LYS B 148 18.13 23.43 15.31
CA LYS B 148 19.58 23.25 15.36
C LYS B 148 20.33 24.34 14.59
N LEU B 149 19.87 24.68 13.39
CA LEU B 149 20.52 25.73 12.59
C LEU B 149 20.39 27.11 13.22
N GLU B 150 19.24 27.41 13.83
CA GLU B 150 19.09 28.68 14.54
C GLU B 150 20.07 28.81 15.71
N ALA B 151 20.22 27.75 16.52
CA ALA B 151 21.22 27.73 17.59
C ALA B 151 22.65 27.90 17.07
N MET B 152 22.99 27.25 15.95
CA MET B 152 24.28 27.49 15.32
C MET B 152 24.40 28.94 14.87
N GLY B 153 23.30 29.49 14.35
CA GLY B 153 23.30 30.86 13.91
C GLY B 153 23.48 31.83 15.06
N VAL B 154 22.81 31.56 16.18
CA VAL B 154 23.00 32.37 17.37
C VAL B 154 24.43 32.27 17.89
N MET B 155 25.02 31.07 17.87
CA MET B 155 26.41 30.96 18.30
C MET B 155 27.38 31.69 17.36
N ALA B 156 27.14 31.65 16.05
CA ALA B 156 27.99 32.41 15.12
C ALA B 156 27.87 33.91 15.34
N GLY B 157 26.66 34.37 15.63
CA GLY B 157 26.41 35.76 15.97
C GLY B 157 27.07 36.24 17.23
N THR B 158 26.97 35.46 18.30
CA THR B 158 27.59 35.87 19.56
C THR B 158 29.11 35.88 19.47
N MET B 159 29.71 34.90 18.77
CA MET B 159 31.16 34.94 18.63
C MET B 159 31.64 36.07 17.73
N ALA B 160 30.91 36.35 16.64
CA ALA B 160 31.18 37.52 15.83
C ALA B 160 31.08 38.84 16.59
N HIS B 161 30.08 38.95 17.47
CA HIS B 161 29.95 40.17 18.27
C HIS B 161 31.09 40.40 19.27
N GLU B 162 31.53 39.37 19.99
CA GLU B 162 32.65 39.53 20.93
C GLU B 162 34.01 39.72 20.26
N ILE B 163 34.19 39.20 19.05
CA ILE B 163 35.38 39.37 18.20
C ILE B 163 35.48 40.72 17.47
N ASN B 164 34.35 41.30 17.03
CA ASN B 164 34.41 42.52 16.24
C ASN B 164 35.06 43.69 16.98
N ASN B 165 34.84 43.84 18.29
CA ASN B 165 35.50 44.95 18.99
C ASN B 165 37.02 44.88 18.87
N PRO B 166 37.69 43.78 19.23
CA PRO B 166 39.15 43.70 19.00
C PRO B 166 39.55 43.72 17.53
N LEU B 167 38.69 43.20 16.64
CA LEU B 167 38.96 43.25 15.22
C LEU B 167 38.99 44.68 14.71
N ILE B 168 38.09 45.52 15.21
CA ILE B 168 38.10 46.96 14.88
C ILE B 168 39.41 47.59 15.36
N ALA B 169 39.81 47.30 16.60
CA ALA B 169 41.06 47.84 17.12
C ALA B 169 42.25 47.43 16.27
N ILE B 170 42.31 46.17 15.83
CA ILE B 170 43.36 45.73 14.92
C ILE B 170 43.38 46.57 13.64
N SER B 171 42.20 46.81 13.05
CA SER B 171 42.15 47.57 11.81
C SER B 171 42.54 49.05 11.98
N GLU B 172 42.12 49.70 13.07
CA GLU B 172 42.54 51.08 13.34
C GLU B 172 44.04 51.20 13.58
N TYR B 173 44.60 50.34 14.44
CA TYR B 173 46.04 50.37 14.68
C TYR B 173 46.83 50.10 13.41
N ALA B 174 46.39 49.12 12.61
CA ALA B 174 47.07 48.85 11.35
C ALA B 174 46.95 50.03 10.39
N ALA B 175 45.76 50.64 10.34
CA ALA B 175 45.55 51.80 9.49
C ALA B 175 46.41 52.99 9.90
N MET B 176 46.56 53.23 11.19
CA MET B 176 47.44 54.32 11.62
C MET B 176 48.88 54.09 11.18
N ILE B 177 49.40 52.86 11.33
CA ILE B 177 50.74 52.57 10.83
C ILE B 177 50.79 52.70 9.31
N ALA B 178 49.80 52.11 8.62
CA ALA B 178 49.81 52.13 7.15
C ALA B 178 49.64 53.54 6.61
N LYS B 179 48.86 54.38 7.29
CA LYS B 179 48.68 55.77 6.91
C LYS B 179 49.89 56.64 7.21
N GLY B 180 50.86 56.12 7.97
CA GLY B 180 52.02 56.90 8.35
C GLY B 180 51.71 57.99 9.35
N GLU B 181 50.59 57.89 10.06
CA GLU B 181 50.19 58.89 11.04
C GLU B 181 50.98 58.78 12.35
N VAL B 182 51.90 57.83 12.45
CA VAL B 182 52.64 57.55 13.67
C VAL B 182 54.13 57.47 13.38
N ASP B 183 54.93 58.04 14.29
CA ASP B 183 56.39 57.88 14.21
C ASP B 183 56.79 56.41 14.38
N SER B 184 58.07 56.15 14.08
CA SER B 184 58.60 54.79 14.10
C SER B 184 58.41 54.12 15.46
N GLU B 185 58.41 54.91 16.53
CA GLU B 185 58.32 54.37 17.90
C GLU B 185 56.87 54.04 18.29
N LYS B 186 55.93 54.91 17.92
CA LYS B 186 54.50 54.62 18.06
C LYS B 186 54.06 53.42 17.24
N ALA B 187 54.63 53.24 16.04
CA ALA B 187 54.30 52.08 15.23
C ALA B 187 54.65 50.76 15.93
N LYS B 188 55.80 50.70 16.59
CA LYS B 188 56.12 49.52 17.40
C LYS B 188 55.13 49.32 18.54
N GLN B 189 54.74 50.40 19.23
CA GLN B 189 53.75 50.28 20.29
C GLN B 189 52.40 49.82 19.74
N LEU B 190 51.97 50.39 18.62
CA LEU B 190 50.72 49.97 17.98
C LEU B 190 50.79 48.52 17.50
N ALA B 191 51.94 48.12 16.95
CA ALA B 191 52.14 46.72 16.57
C ALA B 191 52.06 45.79 17.76
N SER B 192 52.57 46.22 18.92
CA SER B 192 52.39 45.44 20.13
C SER B 192 50.92 45.30 20.50
N LYS B 193 50.16 46.39 20.43
CA LYS B 193 48.73 46.35 20.71
C LYS B 193 48.00 45.41 19.75
N ILE B 194 48.37 45.43 18.47
CA ILE B 194 47.80 44.50 17.49
C ILE B 194 48.03 43.04 17.90
N ARG B 195 49.23 42.70 18.37
CA ARG B 195 49.50 41.34 18.84
C ARG B 195 48.61 40.99 20.02
N ASP B 196 48.44 41.93 20.94
CA ASP B 196 47.63 41.69 22.13
C ASP B 196 46.17 41.50 21.75
N GLU B 197 45.66 42.30 20.82
CA GLU B 197 44.29 42.09 20.33
C GLU B 197 44.12 40.79 19.58
N SER B 198 45.14 40.33 18.84
CA SER B 198 45.05 39.03 18.19
C SER B 198 45.03 37.91 19.23
N ALA B 199 45.80 38.07 20.30
CA ALA B 199 45.75 37.12 21.42
C ALA B 199 44.41 37.17 22.15
N ARG B 200 43.82 38.37 22.26
CA ARG B 200 42.47 38.52 22.82
C ARG B 200 41.41 37.78 22.01
N ILE B 201 41.42 37.94 20.69
CA ILE B 201 40.48 37.19 19.86
C ILE B 201 40.62 35.69 20.08
N SER B 202 41.86 35.19 20.14
CA SER B 202 42.03 33.75 20.40
C SER B 202 41.48 33.33 21.77
N THR B 203 41.61 34.20 22.78
CA THR B 203 41.08 33.91 24.12
C THR B 203 39.56 34.02 24.20
N ILE B 204 38.97 35.04 23.56
CA ILE B 204 37.51 35.15 23.52
C ILE B 204 36.91 33.90 22.91
N MET B 205 37.46 33.45 21.79
CA MET B 205 36.97 32.22 21.17
C MET B 205 37.16 31.00 22.06
N LYS B 206 38.30 30.90 22.74
CA LYS B 206 38.50 29.77 23.65
C LYS B 206 37.50 29.78 24.80
N ASN B 207 37.20 30.96 25.35
CA ASN B 207 36.20 31.00 26.43
C ASN B 207 34.82 30.62 25.90
N LEU B 208 34.48 31.09 24.69
CA LEU B 208 33.24 30.70 24.02
C LEU B 208 33.18 29.21 23.71
N LEU B 209 34.25 28.66 23.14
CA LEU B 209 34.24 27.24 22.80
C LEU B 209 34.14 26.37 24.06
N ARG B 210 34.71 26.83 25.17
CA ARG B 210 34.59 26.11 26.44
C ARG B 210 33.19 26.26 27.04
N PHE B 211 32.52 27.39 26.79
CA PHE B 211 31.14 27.57 27.22
C PHE B 211 30.18 26.73 26.38
N SER B 212 30.51 26.48 25.11
CA SER B 212 29.61 25.70 24.27
C SER B 212 29.78 24.19 24.45
N ARG B 213 30.87 23.73 25.06
CA ARG B 213 31.11 22.30 25.24
C ARG B 213 30.40 21.76 26.50
N GLY B 217 30.08 15.55 30.50
CA GLY B 217 30.30 14.54 31.53
C GLY B 217 31.56 13.72 31.38
N SER B 218 32.03 13.19 32.52
CA SER B 218 33.05 12.15 32.53
C SER B 218 32.54 10.85 31.89
N LEU B 219 33.47 10.11 31.30
CA LEU B 219 33.22 8.73 30.90
C LEU B 219 32.97 7.84 32.12
N TYR B 220 31.99 6.94 31.98
CA TYR B 220 31.66 5.92 32.96
C TYR B 220 31.47 4.59 32.25
N PRO B 221 31.66 3.47 32.96
CA PRO B 221 31.42 2.14 32.36
C PRO B 221 29.95 1.93 32.02
N VAL B 222 29.69 1.55 30.77
CA VAL B 222 28.35 1.21 30.32
C VAL B 222 28.34 -0.17 29.67
N GLU B 223 27.33 -0.96 29.99
CA GLU B 223 27.15 -2.27 29.39
C GLU B 223 26.76 -2.17 27.92
N VAL B 224 27.47 -2.91 27.05
CA VAL B 224 27.24 -2.85 25.61
C VAL B 224 25.80 -3.20 25.30
N GLY B 225 25.24 -4.14 26.05
CA GLY B 225 23.87 -4.56 25.82
C GLY B 225 22.90 -3.45 26.08
N GLU B 226 23.18 -2.58 27.06
CA GLU B 226 22.23 -1.50 27.31
C GLU B 226 22.17 -0.59 26.10
N ILE B 227 23.30 -0.38 25.43
CA ILE B 227 23.33 0.44 24.22
C ILE B 227 22.51 -0.18 23.08
N LEU B 228 22.63 -1.50 22.87
CA LEU B 228 21.88 -2.12 21.78
C LEU B 228 20.38 -2.13 22.01
N VAL B 229 19.94 -2.40 23.24
CA VAL B 229 18.50 -2.32 23.51
C VAL B 229 17.96 -0.92 23.28
N LYS B 230 18.70 0.10 23.72
CA LYS B 230 18.25 1.45 23.44
C LYS B 230 18.25 1.76 21.94
N LEU B 231 19.29 1.38 21.21
CA LEU B 231 19.27 1.59 19.77
C LEU B 231 18.09 0.89 19.09
N GLU B 232 17.84 -0.38 19.42
CA GLU B 232 16.67 -1.09 18.89
C GLU B 232 15.37 -0.35 19.20
N SER B 233 15.17 -0.03 20.48
CA SER B 233 13.98 0.66 20.93
C SER B 233 13.75 1.99 20.20
N ILE B 234 14.82 2.70 19.85
CA ILE B 234 14.64 3.98 19.20
C ILE B 234 14.33 3.84 17.70
N THR B 235 14.88 2.83 17.02
CA THR B 235 14.80 2.80 15.56
C THR B 235 13.70 1.90 14.99
N GLN B 236 13.12 1.00 15.79
CA GLN B 236 12.05 0.15 15.29
C GLN B 236 10.93 0.93 14.62
N GLN B 237 10.48 2.02 15.25
CA GLN B 237 9.41 2.81 14.65
C GLN B 237 9.88 3.53 13.39
N ILE B 238 11.14 3.95 13.33
CA ILE B 238 11.65 4.58 12.11
C ILE B 238 11.61 3.60 10.94
N PHE B 239 12.10 2.38 11.16
CA PHE B 239 12.08 1.39 10.08
C PHE B 239 10.66 1.07 9.65
N LYS B 240 9.75 0.91 10.61
CA LYS B 240 8.34 0.66 10.27
C LYS B 240 7.72 1.80 9.46
N MET B 241 7.95 3.06 9.86
CA MET B 241 7.39 4.18 9.12
C MET B 241 7.96 4.25 7.72
N ASN B 242 9.22 3.90 7.57
CA ASN B 242 9.88 3.91 6.28
C ASN B 242 9.75 2.59 5.55
N ARG B 243 9.05 1.62 6.14
CA ARG B 243 8.89 0.29 5.56
C ARG B 243 10.24 -0.36 5.26
N ILE B 244 11.16 -0.26 6.23
CA ILE B 244 12.50 -0.83 6.11
C ILE B 244 12.51 -2.18 6.84
N ASP B 245 13.07 -3.20 6.18
CA ASP B 245 13.33 -4.49 6.80
C ASP B 245 14.65 -4.46 7.57
N ALA B 246 14.63 -4.69 8.89
CA ALA B 246 15.85 -4.54 9.68
C ALA B 246 16.24 -5.92 10.20
N SER B 247 17.42 -6.34 9.78
CA SER B 247 18.12 -7.57 10.15
C SER B 247 19.30 -7.36 11.11
N TRP B 248 19.45 -8.26 12.08
CA TRP B 248 20.51 -8.16 13.08
C TRP B 248 21.29 -9.46 12.83
N LYS B 249 22.61 -9.36 12.72
CA LYS B 249 23.46 -10.54 12.59
C LYS B 249 24.18 -11.00 13.86
N ASN B 250 24.60 -10.09 14.72
CA ASN B 250 25.32 -10.54 15.91
C ASN B 250 25.29 -9.44 16.96
N VAL B 251 25.34 -9.86 18.22
CA VAL B 251 25.47 -8.98 19.37
C VAL B 251 26.57 -9.52 20.26
N GLU B 252 27.15 -8.63 21.08
CA GLU B 252 28.12 -9.08 22.09
C GLU B 252 28.00 -8.44 23.48
N PRO B 253 26.79 -8.32 24.04
CA PRO B 253 26.64 -7.79 25.40
C PRO B 253 27.47 -8.56 26.44
N GLY B 254 27.75 -7.86 27.54
CA GLY B 254 28.42 -8.39 28.72
C GLY B 254 29.86 -7.94 28.74
N HIS B 255 30.18 -7.03 27.85
CA HIS B 255 31.40 -6.27 27.67
C HIS B 255 31.06 -4.82 27.99
N SER B 256 31.89 -4.13 28.76
CA SER B 256 31.53 -2.75 29.05
C SER B 256 32.62 -1.87 28.46
N ILE B 257 32.22 -0.64 28.13
CA ILE B 257 33.07 0.44 27.65
C ILE B 257 32.91 1.68 28.52
N GLN B 258 34.02 2.42 28.67
CA GLN B 258 34.03 3.73 29.30
C GLN B 258 33.55 4.75 28.28
N CYS B 259 32.31 5.22 28.43
CA CYS B 259 31.72 6.12 27.47
C CYS B 259 30.75 7.09 28.13
N ARG B 260 30.36 8.11 27.37
CA ARG B 260 29.14 8.85 27.62
C ARG B 260 28.09 8.15 26.75
N GLU B 261 27.26 7.34 27.40
CA GLU B 261 26.28 6.50 26.69
C GLU B 261 25.45 7.27 25.67
N GLY B 262 24.99 8.46 26.04
CA GLY B 262 24.20 9.27 25.12
C GLY B 262 24.93 9.63 23.85
N GLN B 263 26.24 9.84 23.92
CA GLN B 263 27.03 10.18 22.74
C GLN B 263 27.26 9.00 21.83
N ILE B 264 27.46 7.79 22.39
CA ILE B 264 27.55 6.60 21.55
C ILE B 264 26.25 6.36 20.79
N LEU B 265 25.11 6.41 21.49
CA LEU B 265 23.81 6.31 20.82
C LEU B 265 23.60 7.39 19.76
N GLN B 266 24.20 8.56 19.97
CA GLN B 266 24.14 9.63 18.97
C GLN B 266 24.87 9.25 17.69
N ILE B 267 26.05 8.65 17.81
CA ILE B 267 26.76 8.15 16.63
C ILE B 267 25.88 7.18 15.87
N LEU B 268 25.38 6.16 16.56
CA LEU B 268 24.62 5.11 15.92
C LEU B 268 23.36 5.66 15.25
N LEU B 269 22.66 6.55 15.93
CA LEU B 269 21.47 7.18 15.36
C LEU B 269 21.78 8.00 14.11
N ASN B 270 22.93 8.66 14.08
CA ASN B 270 23.30 9.40 12.88
C ASN B 270 23.54 8.49 11.68
N LEU B 271 24.20 7.35 11.89
CA LEU B 271 24.39 6.40 10.79
C LEU B 271 23.05 5.83 10.31
N VAL B 272 22.16 5.50 11.24
CA VAL B 272 20.83 5.05 10.86
C VAL B 272 20.10 6.09 10.01
N ASN B 273 20.17 7.36 10.39
CA ASN B 273 19.49 8.39 9.59
C ASN B 273 20.09 8.46 8.19
N ASN B 274 21.41 8.35 8.07
CA ASN B 274 22.03 8.30 6.75
C ASN B 274 21.55 7.09 5.94
N ALA B 275 21.42 5.93 6.60
CA ALA B 275 20.89 4.74 5.92
C ALA B 275 19.44 4.91 5.45
N VAL B 276 18.57 5.43 6.32
CA VAL B 276 17.17 5.65 5.91
C VAL B 276 17.04 6.61 4.73
N ASP B 277 17.79 7.72 4.75
CA ASP B 277 17.72 8.64 3.61
C ASP B 277 18.21 7.98 2.33
N SER B 278 19.33 7.24 2.41
CA SER B 278 19.83 6.50 1.26
C SER B 278 18.82 5.47 0.75
N LEU B 279 18.18 4.73 1.67
CA LEU B 279 17.18 3.73 1.29
C LEU B 279 15.94 4.37 0.66
N ASN B 280 15.43 5.45 1.24
CA ASN B 280 14.26 6.11 0.68
C ASN B 280 14.56 6.73 -0.69
N GLN B 281 15.79 7.20 -0.91
CA GLN B 281 16.16 7.72 -2.22
C GLN B 281 16.19 6.61 -3.27
N LYS B 282 16.69 5.43 -2.92
CA LYS B 282 16.72 4.33 -3.89
C LYS B 282 15.36 3.63 -4.07
N TYR B 283 14.60 3.45 -3.00
CA TYR B 283 13.32 2.74 -3.05
C TYR B 283 12.20 3.63 -2.51
N PRO B 284 11.65 4.50 -3.37
CA PRO B 284 10.55 5.38 -2.94
C PRO B 284 9.29 4.66 -2.53
N GLU B 285 9.01 3.47 -3.08
CA GLU B 285 7.86 2.70 -2.68
C GLU B 285 8.32 1.50 -1.85
N TYR B 286 7.39 0.58 -1.56
CA TYR B 286 7.76 -0.65 -0.86
C TYR B 286 8.54 -1.56 -1.80
N ASP B 287 9.68 -2.05 -1.31
CA ASP B 287 10.53 -2.98 -2.05
C ASP B 287 11.14 -3.99 -1.09
N THR B 288 11.26 -5.24 -1.55
CA THR B 288 11.87 -6.28 -0.74
C THR B 288 13.35 -6.08 -0.46
N GLU B 289 14.06 -5.33 -1.30
CA GLU B 289 15.48 -5.02 -1.08
C GLU B 289 15.74 -3.76 -0.25
N LYS B 290 14.70 -3.08 0.22
CA LYS B 290 14.84 -1.91 1.10
C LYS B 290 15.14 -2.41 2.51
N ARG B 291 16.36 -2.93 2.67
CA ARG B 291 16.78 -3.61 3.89
C ARG B 291 17.99 -2.92 4.52
N ILE B 292 18.10 -3.10 5.83
CA ILE B 292 19.22 -2.62 6.65
C ILE B 292 19.70 -3.75 7.55
N ILE B 293 21.03 -3.82 7.73
CA ILE B 293 21.69 -4.80 8.59
C ILE B 293 22.34 -4.03 9.74
N LEU B 294 22.00 -4.42 10.96
CA LEU B 294 22.54 -3.87 12.20
C LEU B 294 23.26 -4.97 12.96
N GLU B 295 24.54 -4.79 13.24
CA GLU B 295 25.29 -5.84 13.92
C GLU B 295 26.14 -5.18 14.99
N ASN B 296 26.42 -5.95 16.05
CA ASN B 296 27.51 -5.64 16.96
C ASN B 296 28.43 -6.85 17.03
N SER B 297 29.70 -6.60 17.28
CA SER B 297 30.69 -7.68 17.36
C SER B 297 31.87 -7.22 18.22
N ILE B 298 32.68 -8.17 18.64
CA ILE B 298 33.95 -7.87 19.29
C ILE B 298 35.02 -8.00 18.23
N VAL B 299 35.81 -6.94 18.05
CA VAL B 299 36.92 -6.91 17.11
C VAL B 299 38.23 -6.68 17.87
N GLU B 300 39.29 -7.31 17.37
CA GLU B 300 40.63 -7.16 17.91
C GLU B 300 41.50 -6.40 16.92
N GLU B 301 42.14 -5.33 17.38
CA GLU B 301 43.00 -4.51 16.55
C GLU B 301 44.24 -4.14 17.35
N ASN B 302 45.42 -4.40 16.77
CA ASN B 302 46.70 -4.13 17.43
C ASN B 302 46.77 -4.75 18.83
N HIS B 303 46.30 -5.98 18.95
CA HIS B 303 46.24 -6.71 20.22
C HIS B 303 45.33 -6.04 21.26
N LYS B 304 44.44 -5.15 20.82
CA LYS B 304 43.41 -4.56 21.67
C LYS B 304 42.03 -4.98 21.18
N LYS B 305 41.13 -5.30 22.10
CA LYS B 305 39.77 -5.66 21.75
C LYS B 305 38.89 -4.41 21.74
N TYR B 306 38.05 -4.31 20.71
CA TYR B 306 37.11 -3.22 20.52
C TYR B 306 35.70 -3.78 20.33
N ALA B 307 34.71 -3.09 20.87
CA ALA B 307 33.33 -3.27 20.46
C ALA B 307 33.09 -2.52 19.15
N GLU B 308 32.74 -3.26 18.10
CA GLU B 308 32.37 -2.71 16.81
C GLU B 308 30.85 -2.68 16.69
N PHE B 309 30.31 -1.49 16.44
CA PHE B 309 28.91 -1.31 16.07
C PHE B 309 28.84 -1.05 14.57
N SER B 310 28.08 -1.88 13.85
CA SER B 310 28.02 -1.82 12.40
C SER B 310 26.61 -1.55 11.90
N ILE B 311 26.50 -0.64 10.94
CA ILE B 311 25.23 -0.32 10.28
C ILE B 311 25.43 -0.41 8.77
N GLN B 312 24.81 -1.41 8.15
CA GLN B 312 24.90 -1.63 6.70
C GLN B 312 23.54 -1.43 6.06
N ASP B 313 23.46 -0.49 5.13
CA ASP B 313 22.29 -0.28 4.30
C ASP B 313 22.54 -0.74 2.87
N PHE B 314 21.47 -1.16 2.20
CA PHE B 314 21.49 -1.55 0.80
C PHE B 314 20.93 -0.47 -0.12
N GLY B 315 21.15 0.79 0.25
CA GLY B 315 20.66 1.91 -0.53
C GLY B 315 21.57 2.22 -1.69
N THR B 316 21.73 3.51 -1.97
CA THR B 316 22.43 3.97 -3.16
C THR B 316 23.93 3.78 -3.08
N GLY B 317 24.48 3.54 -1.89
CA GLY B 317 25.93 3.52 -1.71
C GLY B 317 26.47 4.92 -1.86
N ILE B 318 27.75 5.12 -1.57
CA ILE B 318 28.38 6.44 -1.66
C ILE B 318 29.21 6.48 -2.94
N PRO B 319 28.88 7.34 -3.90
CA PRO B 319 29.73 7.51 -5.11
C PRO B 319 31.18 7.82 -4.80
N ILE B 320 32.08 7.19 -5.58
CA ILE B 320 33.52 7.20 -5.35
C ILE B 320 34.11 8.62 -5.36
N ASP B 321 33.58 9.52 -6.19
CA ASP B 321 34.11 10.87 -6.24
C ASP B 321 33.94 11.62 -4.93
N ILE B 322 32.86 11.35 -4.19
CA ILE B 322 32.59 12.04 -2.94
C ILE B 322 33.10 11.27 -1.72
N GLN B 323 33.42 9.98 -1.87
CA GLN B 323 33.82 9.14 -0.74
C GLN B 323 34.96 9.70 0.08
N LYS B 324 35.93 10.38 -0.53
CA LYS B 324 36.96 10.93 0.34
C LYS B 324 36.49 12.14 1.13
N SER B 325 35.39 12.76 0.71
CA SER B 325 34.93 14.00 1.32
C SER B 325 33.57 13.76 1.98
N ILE B 326 33.55 13.06 3.12
CA ILE B 326 32.27 12.72 3.73
C ILE B 326 32.24 13.01 5.22
N PHE B 327 33.39 13.06 5.86
CA PHE B 327 33.58 13.41 7.25
C PHE B 327 33.90 14.89 7.43
N LYS B 328 34.04 15.64 6.34
CA LYS B 328 34.26 17.08 6.46
C LYS B 328 32.98 17.73 6.98
N THR B 329 33.17 18.67 7.89
CA THR B 329 32.08 19.46 8.45
C THR B 329 31.30 20.18 7.35
N PHE B 330 29.96 20.12 7.48
CA PHE B 330 28.98 20.71 6.57
C PHE B 330 28.91 20.09 5.18
N PHE B 331 29.61 18.99 4.94
CA PHE B 331 29.46 18.32 3.64
C PHE B 331 28.17 17.51 3.61
N THR B 332 27.32 17.83 2.63
CA THR B 332 26.06 17.13 2.41
C THR B 332 25.78 17.14 0.91
N THR B 333 25.25 16.03 0.40
CA THR B 333 24.73 15.96 -0.95
C THR B 333 23.24 16.21 -1.04
N LYS B 334 22.54 16.26 0.09
CA LYS B 334 21.12 16.57 0.11
C LYS B 334 20.91 18.06 -0.03
N SER B 335 19.77 18.43 -0.61
CA SER B 335 19.41 19.85 -0.66
C SER B 335 19.40 20.39 0.76
N ALA B 336 19.99 21.58 0.95
CA ALA B 336 20.26 22.10 2.28
C ALA B 336 19.02 22.08 3.17
N ASP B 337 17.83 22.15 2.57
CA ASP B 337 16.58 22.12 3.33
C ASP B 337 16.42 20.83 4.13
N LYS B 338 17.07 19.74 3.72
CA LYS B 338 16.97 18.47 4.41
C LYS B 338 18.29 17.96 4.98
N GLY B 339 19.44 18.51 4.59
CA GLY B 339 20.69 18.04 5.14
C GLY B 339 21.68 19.11 5.57
N THR B 340 22.05 19.06 6.85
CA THR B 340 23.02 19.98 7.46
C THR B 340 24.47 19.56 7.25
N GLY B 341 24.73 18.35 6.78
CA GLY B 341 26.10 17.91 6.62
C GLY B 341 26.89 17.73 7.91
N LEU B 342 26.23 17.66 9.07
CA LEU B 342 26.92 17.56 10.35
C LEU B 342 27.00 16.14 10.91
N GLY B 343 26.17 15.22 10.43
CA GLY B 343 26.11 13.91 11.03
C GLY B 343 27.44 13.18 11.13
N LEU B 344 28.09 12.94 9.98
CA LEU B 344 29.31 12.16 9.99
C LEU B 344 30.48 12.88 10.66
N SER B 345 30.57 14.20 10.52
CA SER B 345 31.64 14.93 11.19
C SER B 345 31.50 14.94 12.71
N VAL B 346 30.28 15.11 13.23
CA VAL B 346 30.09 15.04 14.67
C VAL B 346 30.36 13.64 15.19
N SER B 347 29.86 12.60 14.51
CA SER B 347 30.13 11.24 14.92
C SER B 347 31.62 10.89 14.95
N LEU B 348 32.39 11.37 13.97
CA LEU B 348 33.84 11.15 13.98
C LEU B 348 34.53 11.87 15.14
N GLY B 349 34.13 13.10 15.44
CA GLY B 349 34.68 13.79 16.60
C GLY B 349 34.43 13.07 17.90
N ILE B 350 33.17 12.68 18.13
CA ILE B 350 32.78 11.92 19.33
C ILE B 350 33.51 10.59 19.42
N ALA B 351 33.60 9.86 18.30
CA ALA B 351 34.30 8.58 18.29
C ALA B 351 35.75 8.69 18.72
N LYS B 352 36.46 9.72 18.23
CA LYS B 352 37.84 9.93 18.64
C LYS B 352 37.96 10.27 20.11
N GLU B 353 37.05 11.09 20.63
CA GLU B 353 37.02 11.41 22.06
C GLU B 353 36.88 10.19 22.95
N HIS B 354 36.32 9.09 22.44
CA HIS B 354 36.18 7.83 23.15
C HIS B 354 37.33 6.85 22.90
N GLY B 355 38.42 7.31 22.28
CA GLY B 355 39.50 6.41 21.94
C GLY B 355 39.16 5.41 20.85
N GLY B 356 38.10 5.66 20.10
CA GLY B 356 37.65 4.77 19.06
C GLY B 356 37.97 5.31 17.67
N SER B 357 37.44 4.62 16.67
CA SER B 357 37.56 5.07 15.30
C SER B 357 36.21 4.89 14.62
N LEU B 358 35.95 5.71 13.62
CA LEU B 358 34.78 5.55 12.76
C LEU B 358 35.24 5.44 11.32
N ASN B 359 34.92 4.32 10.69
CA ASN B 359 35.39 4.01 9.34
C ASN B 359 34.21 3.50 8.53
N PHE B 360 34.41 3.35 7.23
CA PHE B 360 33.32 2.83 6.42
C PHE B 360 33.88 2.06 5.23
N GLU B 361 33.05 1.17 4.69
CA GLU B 361 33.25 0.49 3.42
C GLU B 361 31.98 0.62 2.61
N SER B 362 32.11 0.89 1.32
CA SER B 362 30.93 1.00 0.48
C SER B 362 31.26 0.60 -0.95
N GLU B 363 30.32 -0.13 -1.56
CA GLU B 363 30.34 -0.42 -2.98
C GLU B 363 29.18 0.31 -3.63
N PRO B 364 29.47 1.19 -4.58
CA PRO B 364 28.42 1.96 -5.26
C PRO B 364 27.31 1.10 -5.86
N GLY B 365 26.06 1.50 -5.58
CA GLY B 365 24.88 0.81 -6.03
C GLY B 365 24.52 -0.45 -5.26
N ARG B 366 25.37 -0.91 -4.33
CA ARG B 366 25.11 -2.13 -3.60
C ARG B 366 24.85 -1.87 -2.12
N TYR B 367 25.83 -1.34 -1.39
CA TYR B 367 25.70 -1.22 0.06
C TYR B 367 26.65 -0.15 0.58
N THR B 368 26.37 0.30 1.79
CA THR B 368 27.31 1.06 2.60
C THR B 368 27.28 0.46 4.00
N ARG B 369 28.45 0.21 4.58
CA ARG B 369 28.57 -0.22 5.97
C ARG B 369 29.42 0.80 6.72
N PHE B 370 28.81 1.53 7.65
CA PHE B 370 29.56 2.33 8.62
C PHE B 370 29.75 1.50 9.88
N TYR B 371 30.95 1.61 10.48
CA TYR B 371 31.19 0.91 11.74
C TYR B 371 31.95 1.76 12.75
N LEU B 372 31.43 1.80 13.98
CA LEU B 372 32.07 2.49 15.10
C LEU B 372 32.75 1.45 15.99
N ARG B 373 34.05 1.60 16.21
CA ARG B 373 34.79 0.75 17.15
C ARG B 373 35.15 1.54 18.41
N VAL B 374 34.83 1.00 19.59
CA VAL B 374 35.25 1.63 20.84
C VAL B 374 35.95 0.60 21.72
N PRO B 375 37.11 0.91 22.31
CA PRO B 375 37.79 -0.07 23.18
C PRO B 375 36.93 -0.53 24.36
N ILE B 376 36.94 -1.84 24.60
CA ILE B 376 36.32 -2.38 25.82
C ILE B 376 37.08 -1.91 27.05
N PHE B 377 36.36 -1.50 28.08
CA PHE B 377 36.98 -1.27 29.38
C PHE B 377 37.21 -2.60 30.08
N ASP B 378 38.47 -2.99 30.28
CA ASP B 378 38.75 -4.13 31.13
C ASP B 378 39.33 -3.64 32.45
N PRO B 379 38.63 -3.82 33.58
CA PRO B 379 39.24 -3.43 34.86
C PRO B 379 40.13 -4.54 35.45
N MET C 1 -38.07 7.25 10.93
CA MET C 1 -38.72 7.15 9.63
C MET C 1 -37.71 7.08 8.49
N ASN C 2 -36.45 7.39 8.79
CA ASN C 2 -35.38 7.31 7.81
C ASN C 2 -34.37 6.28 8.25
N LYS C 3 -33.80 5.57 7.28
CA LYS C 3 -32.88 4.49 7.60
C LYS C 3 -31.68 5.02 8.38
N TRP C 4 -30.74 5.68 7.71
CA TRP C 4 -29.68 6.47 8.32
C TRP C 4 -30.04 7.82 8.96
N LYS C 5 -29.26 8.18 9.98
CA LYS C 5 -29.30 9.47 10.69
C LYS C 5 -27.92 10.12 10.53
N PHE C 6 -27.82 11.25 9.82
CA PHE C 6 -26.52 11.92 9.59
C PHE C 6 -26.44 13.20 10.39
N LEU C 7 -25.40 13.33 11.23
CA LEU C 7 -25.15 14.59 11.95
C LEU C 7 -24.15 15.43 11.16
N PHE C 8 -24.57 16.65 10.77
CA PHE C 8 -23.74 17.64 10.07
C PHE C 8 -23.35 18.75 11.03
N LEU C 9 -22.05 18.88 11.32
CA LEU C 9 -21.49 20.02 12.05
C LEU C 9 -20.90 21.00 11.03
N GLU C 10 -21.67 22.02 10.67
CA GLU C 10 -21.34 22.90 9.55
C GLU C 10 -22.00 24.25 9.79
N ASP C 11 -21.24 25.33 9.64
CA ASP C 11 -21.82 26.66 9.83
C ASP C 11 -22.26 27.35 8.54
N SER C 12 -21.75 26.93 7.39
CA SER C 12 -22.16 27.48 6.10
C SER C 12 -23.35 26.71 5.51
N LEU C 13 -24.51 27.35 5.47
CA LEU C 13 -25.66 26.73 4.79
C LEU C 13 -25.38 26.48 3.33
N VAL C 14 -24.52 27.31 2.71
CA VAL C 14 -24.16 27.12 1.32
C VAL C 14 -23.36 25.85 1.12
N ASP C 15 -22.40 25.60 2.03
CA ASP C 15 -21.62 24.37 1.94
C ASP C 15 -22.46 23.16 2.30
N LEU C 16 -23.35 23.31 3.28
CA LEU C 16 -24.32 22.26 3.61
C LEU C 16 -25.15 21.83 2.40
N GLU C 17 -25.68 22.80 1.63
CA GLU C 17 -26.42 22.41 0.44
C GLU C 17 -25.53 21.66 -0.55
N LEU C 18 -24.28 22.10 -0.70
CA LEU C 18 -23.33 21.39 -1.56
C LEU C 18 -23.10 19.96 -1.10
N ILE C 19 -22.84 19.77 0.19
CA ILE C 19 -22.65 18.44 0.76
C ILE C 19 -23.89 17.56 0.56
N GLN C 20 -25.04 18.08 0.96
CA GLN C 20 -26.30 17.35 0.86
C GLN C 20 -26.66 17.01 -0.58
N ARG C 21 -26.41 17.93 -1.51
CA ARG C 21 -26.66 17.64 -2.92
C ARG C 21 -25.89 16.41 -3.37
N GLN C 22 -24.67 16.23 -2.89
CA GLN C 22 -23.92 15.06 -3.29
C GLN C 22 -24.54 13.79 -2.71
N LEU C 23 -25.01 13.83 -1.46
CA LEU C 23 -25.70 12.67 -0.92
C LEU C 23 -27.05 12.41 -1.59
N ASN C 24 -27.81 13.46 -1.88
CA ASN C 24 -29.11 13.27 -2.53
C ASN C 24 -28.99 12.69 -3.93
N ARG C 25 -27.89 12.99 -4.65
CA ARG C 25 -27.64 12.34 -5.94
C ARG C 25 -27.52 10.83 -5.83
N ALA C 26 -27.07 10.33 -4.69
CA ALA C 26 -26.92 8.90 -4.46
C ALA C 26 -28.20 8.27 -3.94
N LYS C 27 -29.25 9.06 -3.77
CA LYS C 27 -30.52 8.58 -3.20
C LYS C 27 -30.31 7.85 -1.88
N ILE C 28 -29.31 8.28 -1.11
CA ILE C 28 -29.10 7.78 0.24
C ILE C 28 -30.24 8.24 1.13
N ASP C 29 -30.89 7.30 1.79
CA ASP C 29 -31.99 7.63 2.69
C ASP C 29 -31.44 8.00 4.05
N TYR C 30 -31.36 9.30 4.32
CA TYR C 30 -30.83 9.75 5.59
C TYR C 30 -31.75 10.82 6.17
N TYR C 31 -31.65 10.98 7.48
CA TYR C 31 -32.29 12.06 8.20
C TYR C 31 -31.22 13.07 8.56
N PRO C 32 -31.28 14.29 8.05
CA PRO C 32 -30.26 15.29 8.40
C PRO C 32 -30.49 15.90 9.77
N ILE C 33 -29.42 15.98 10.56
CA ILE C 33 -29.39 16.74 11.80
C ILE C 33 -28.30 17.78 11.64
N HIS C 34 -28.65 19.05 11.69
CA HIS C 34 -27.68 20.11 11.48
C HIS C 34 -27.41 20.85 12.78
N VAL C 35 -26.12 21.06 13.09
CA VAL C 35 -25.65 21.81 14.25
C VAL C 35 -24.46 22.70 13.93
N SER C 36 -24.35 23.82 14.63
CA SER C 36 -23.26 24.76 14.42
C SER C 36 -22.45 25.06 15.68
N ASP C 37 -22.82 24.50 16.84
CA ASP C 37 -22.13 24.79 18.09
C ASP C 37 -21.96 23.52 18.92
N SER C 38 -21.22 23.65 20.02
CA SER C 38 -20.88 22.49 20.85
C SER C 38 -22.08 21.95 21.61
N GLU C 39 -23.03 22.81 22.02
CA GLU C 39 -24.17 22.32 22.76
C GLU C 39 -25.08 21.50 21.87
N GLY C 40 -25.42 22.04 20.70
CA GLY C 40 -26.17 21.28 19.72
C GLY C 40 -25.47 20.00 19.29
N PHE C 41 -24.15 20.08 19.05
CA PHE C 41 -23.38 18.88 18.72
C PHE C 41 -23.44 17.85 19.83
N SER C 42 -23.22 18.29 21.08
CA SER C 42 -23.27 17.37 22.22
C SER C 42 -24.67 16.77 22.43
N GLN C 43 -25.71 17.59 22.34
CA GLN C 43 -27.08 17.11 22.48
C GLN C 43 -27.46 16.17 21.34
N ALA C 44 -27.14 16.52 20.10
CA ALA C 44 -27.54 15.68 18.99
C ALA C 44 -26.93 14.29 19.08
N ILE C 45 -25.67 14.20 19.51
CA ILE C 45 -25.05 12.88 19.70
C ILE C 45 -25.79 12.07 20.76
N LEU C 46 -26.12 12.70 21.89
CA LEU C 46 -26.74 11.95 22.99
C LEU C 46 -28.20 11.58 22.70
N ASP C 47 -29.02 12.54 22.26
CA ASP C 47 -30.45 12.30 22.14
C ASP C 47 -30.80 11.54 20.86
N GLN C 48 -30.19 11.92 19.74
CA GLN C 48 -30.58 11.40 18.45
C GLN C 48 -29.81 10.16 18.01
N LYS C 49 -28.62 9.96 18.56
CA LYS C 49 -27.70 8.87 18.23
C LYS C 49 -27.45 8.69 16.73
N PRO C 50 -26.76 9.64 16.11
CA PRO C 50 -26.50 9.59 14.67
C PRO C 50 -25.62 8.41 14.32
N HIS C 51 -25.81 7.89 13.11
CA HIS C 51 -24.99 6.81 12.59
C HIS C 51 -23.75 7.29 11.88
N LEU C 52 -23.66 8.57 11.53
CA LEU C 52 -22.49 9.13 10.90
C LEU C 52 -22.41 10.60 11.29
N ILE C 53 -21.20 11.07 11.54
CA ILE C 53 -20.94 12.49 11.77
C ILE C 53 -20.11 13.01 10.62
N LEU C 54 -20.57 14.10 10.01
CA LEU C 54 -19.82 14.81 8.98
C LEU C 54 -19.52 16.17 9.60
N SER C 55 -18.23 16.51 9.72
CA SER C 55 -17.87 17.73 10.42
C SER C 55 -16.96 18.60 9.58
N ASP C 56 -17.31 19.88 9.55
CA ASP C 56 -16.46 21.03 9.24
C ASP C 56 -15.40 21.28 10.30
N PHE C 57 -14.26 21.84 9.86
CA PHE C 57 -13.25 22.22 10.84
C PHE C 57 -13.51 23.57 11.50
N SER C 58 -13.99 24.56 10.76
CA SER C 58 -14.08 25.94 11.27
C SER C 58 -15.48 26.49 11.44
N LEU C 59 -16.08 26.26 12.58
CA LEU C 59 -17.34 26.95 12.79
C LEU C 59 -17.26 28.08 13.81
N PRO C 60 -18.00 29.18 13.63
CA PRO C 60 -17.85 30.29 14.57
C PRO C 60 -18.29 29.70 15.91
N LYS C 61 -17.55 29.97 16.99
CA LYS C 61 -17.81 29.35 18.30
C LYS C 61 -17.45 27.87 18.48
N TYR C 62 -16.98 27.14 17.45
CA TYR C 62 -16.70 25.72 17.61
C TYR C 62 -15.64 25.29 16.61
N ASP C 63 -14.88 24.25 16.94
CA ASP C 63 -13.84 23.79 16.01
C ASP C 63 -13.88 22.27 15.90
N GLY C 64 -13.51 21.78 14.71
CA GLY C 64 -13.48 20.36 14.46
C GLY C 64 -12.51 19.56 15.30
N PHE C 65 -11.47 20.18 15.87
CA PHE C 65 -10.63 19.43 16.80
C PHE C 65 -11.40 19.08 18.07
N SER C 66 -12.12 20.06 18.61
CA SER C 66 -12.97 19.84 19.78
C SER C 66 -14.10 18.86 19.50
N ALA C 67 -14.68 18.93 18.30
CA ALA C 67 -15.72 17.99 17.89
C ALA C 67 -15.20 16.55 17.85
N LEU C 68 -14.05 16.35 17.22
CA LEU C 68 -13.44 15.03 17.18
C LEU C 68 -13.12 14.52 18.59
N LYS C 69 -12.52 15.39 19.42
CA LYS C 69 -12.16 15.00 20.78
C LYS C 69 -13.39 14.61 21.60
N LEU C 70 -14.49 15.37 21.45
CA LEU C 70 -15.75 15.04 22.11
C LEU C 70 -16.36 13.74 21.60
N ALA C 71 -16.42 13.58 20.28
CA ALA C 71 -16.97 12.36 19.68
C ALA C 71 -16.24 11.12 20.15
N LYS C 72 -14.91 11.17 20.23
CA LYS C 72 -14.15 10.04 20.75
C LYS C 72 -14.47 9.76 22.21
N LYS C 73 -14.88 10.78 22.99
CA LYS C 73 -15.30 10.54 24.37
C LYS C 73 -16.73 10.00 24.48
N ILE C 74 -17.66 10.56 23.70
CA ILE C 74 -19.08 10.25 23.85
C ILE C 74 -19.55 9.13 22.94
N CYS C 75 -19.10 9.11 21.69
CA CYS C 75 -19.55 8.10 20.73
C CYS C 75 -18.36 7.56 19.95
N PRO C 76 -17.47 6.83 20.63
CA PRO C 76 -16.20 6.41 20.01
C PRO C 76 -16.36 5.56 18.76
N THR C 77 -17.43 4.80 18.66
CA THR C 77 -17.66 3.90 17.55
C THR C 77 -18.32 4.52 16.33
N THR C 78 -18.90 5.72 16.45
CA THR C 78 -19.52 6.37 15.30
C THR C 78 -18.47 6.85 14.31
N PRO C 79 -18.53 6.44 13.04
CA PRO C 79 -17.59 6.99 12.06
C PRO C 79 -17.74 8.52 11.99
N PHE C 80 -16.60 9.19 11.92
CA PHE C 80 -16.47 10.65 11.91
C PHE C 80 -15.64 11.08 10.72
N ILE C 81 -16.25 11.80 9.78
CA ILE C 81 -15.59 12.26 8.55
C ILE C 81 -15.50 13.78 8.62
N PHE C 82 -14.29 14.32 8.41
CA PHE C 82 -14.17 15.77 8.27
C PHE C 82 -14.49 16.18 6.84
N VAL C 83 -15.25 17.27 6.68
CA VAL C 83 -15.46 17.88 5.37
C VAL C 83 -15.18 19.38 5.47
N SER C 84 -13.98 19.83 5.09
CA SER C 84 -13.65 21.25 5.30
C SER C 84 -13.00 21.85 4.07
N GLY C 85 -13.25 23.15 3.82
CA GLY C 85 -12.55 24.00 2.88
C GLY C 85 -11.36 24.81 3.40
N THR C 86 -11.12 24.78 4.71
CA THR C 86 -10.07 25.55 5.37
C THR C 86 -8.62 25.04 5.27
N TYR C 87 -8.33 23.88 4.69
CA TYR C 87 -6.92 23.52 4.49
C TYR C 87 -6.78 22.59 3.29
N GLY C 88 -5.51 22.35 2.92
CA GLY C 88 -5.14 21.38 1.92
C GLY C 88 -5.06 19.96 2.40
N GLU C 89 -4.79 19.09 1.43
CA GLU C 89 -4.59 17.66 1.65
C GLU C 89 -3.45 17.30 2.61
N GLU C 90 -2.35 18.07 2.65
CA GLU C 90 -1.29 17.69 3.61
C GLU C 90 -1.80 17.76 5.04
N ALA C 91 -2.53 18.81 5.36
CA ALA C 91 -3.13 18.97 6.68
C ALA C 91 -4.26 17.97 6.92
N ALA C 92 -5.03 17.69 5.87
CA ALA C 92 -6.13 16.71 5.92
C ALA C 92 -5.67 15.29 6.24
N ILE C 93 -4.57 14.84 5.67
CA ILE C 93 -4.05 13.50 5.97
C ILE C 93 -3.80 13.35 7.46
N GLN C 94 -3.29 14.40 8.12
CA GLN C 94 -2.96 14.41 9.54
C GLN C 94 -4.21 14.12 10.38
N THR C 95 -5.35 14.68 9.99
CA THR C 95 -6.62 14.47 10.70
C THR C 95 -7.00 12.98 10.82
N LEU C 96 -6.71 12.16 9.79
CA LEU C 96 -7.01 10.73 9.94
C LEU C 96 -6.24 10.14 11.11
N THR C 97 -4.99 10.52 11.29
CA THR C 97 -4.21 10.08 12.43
C THR C 97 -4.82 10.55 13.76
N MET C 98 -5.50 11.68 13.77
CA MET C 98 -6.19 12.16 14.97
C MET C 98 -7.48 11.40 15.24
N GLY C 99 -7.76 10.41 14.40
CA GLY C 99 -8.86 9.49 14.53
C GLY C 99 -10.12 9.81 13.77
N ALA C 100 -10.06 10.74 12.83
CA ALA C 100 -11.12 10.84 11.85
C ALA C 100 -11.21 9.54 11.05
N THR C 101 -12.43 9.15 10.69
CA THR C 101 -12.59 7.95 9.90
C THR C 101 -12.15 8.22 8.46
N ASP C 102 -12.50 9.39 7.95
CA ASP C 102 -12.14 9.81 6.60
C ASP C 102 -12.12 11.35 6.57
N TYR C 103 -11.53 11.89 5.51
CA TYR C 103 -11.44 13.34 5.27
C TYR C 103 -11.79 13.79 3.85
N VAL C 104 -12.75 14.71 3.71
CA VAL C 104 -13.16 15.13 2.37
C VAL C 104 -12.90 16.63 2.26
N LEU C 105 -12.20 17.06 1.20
CA LEU C 105 -12.02 18.49 0.94
C LEU C 105 -13.22 19.08 0.21
N LYS C 106 -13.67 20.25 0.66
CA LYS C 106 -14.77 20.93 -0.03
C LYS C 106 -14.49 21.21 -1.52
N ASP C 107 -13.24 21.51 -1.89
CA ASP C 107 -12.95 21.66 -3.32
C ASP C 107 -13.01 20.33 -4.10
N ARG C 108 -12.95 19.19 -3.41
CA ARG C 108 -13.05 17.90 -4.08
CA ARG C 108 -13.06 17.91 -4.09
C ARG C 108 -14.23 17.12 -3.51
N ILE C 109 -15.38 17.78 -3.42
CA ILE C 109 -16.60 17.22 -2.82
C ILE C 109 -16.99 15.88 -3.45
N GLU C 110 -16.49 15.58 -4.65
CA GLU C 110 -16.69 14.26 -5.24
C GLU C 110 -16.17 13.12 -4.36
N LYS C 111 -15.17 13.37 -3.51
CA LYS C 111 -14.69 12.32 -2.62
C LYS C 111 -15.64 12.02 -1.44
N LEU C 112 -16.60 12.90 -1.16
CA LEU C 112 -17.54 12.64 -0.06
C LEU C 112 -18.32 11.34 -0.26
N LEU C 113 -18.82 11.11 -1.46
CA LEU C 113 -19.70 9.96 -1.68
C LEU C 113 -19.01 8.61 -1.42
N PRO C 114 -17.83 8.34 -1.99
CA PRO C 114 -17.10 7.11 -1.60
C PRO C 114 -16.81 6.99 -0.11
N ALA C 115 -16.50 8.09 0.58
CA ALA C 115 -16.25 8.02 2.01
C ALA C 115 -17.49 7.62 2.81
N VAL C 116 -18.63 8.24 2.50
CA VAL C 116 -19.90 7.91 3.15
C VAL C 116 -20.34 6.48 2.84
N GLN C 117 -20.25 6.11 1.57
CA GLN C 117 -20.66 4.76 1.16
C GLN C 117 -19.85 3.68 1.87
N ARG C 118 -18.55 3.85 2.00
CA ARG C 118 -17.77 2.86 2.73
C ARG C 118 -18.26 2.77 4.17
N ALA C 119 -18.45 3.90 4.83
CA ALA C 119 -18.92 3.88 6.21
C ALA C 119 -20.28 3.20 6.32
N LEU C 120 -21.18 3.47 5.37
CA LEU C 120 -22.50 2.86 5.36
C LEU C 120 -22.44 1.36 5.03
N HIS C 121 -21.59 1.00 4.07
CA HIS C 121 -21.41 -0.40 3.70
C HIS C 121 -20.92 -1.20 4.91
N GLU C 122 -19.97 -0.63 5.66
CA GLU C 122 -19.50 -1.27 6.89
C GLU C 122 -20.61 -1.40 7.94
N LEU C 123 -21.50 -0.42 8.03
CA LEU C 123 -22.63 -0.51 8.95
C LEU C 123 -23.59 -1.63 8.53
N GLU C 124 -23.92 -1.68 7.25
CA GLU C 124 -24.74 -2.74 6.69
C GLU C 124 -24.12 -4.12 6.89
N ASP C 125 -22.81 -4.23 6.63
CA ASP C 125 -22.11 -5.50 6.81
C ASP C 125 -22.24 -6.03 8.23
N HIS C 126 -22.16 -5.17 9.23
CA HIS C 126 -22.34 -5.65 10.59
C HIS C 126 -23.75 -6.18 10.81
N GLU C 127 -24.76 -5.47 10.30
CA GLU C 127 -26.14 -5.94 10.40
C GLU C 127 -26.37 -7.27 9.67
N LEU C 128 -25.79 -7.42 8.47
CA LEU C 128 -25.89 -8.68 7.72
C LEU C 128 -25.30 -9.87 8.47
N ARG C 129 -24.15 -9.67 9.12
CA ARG C 129 -23.54 -10.74 9.91
C ARG C 129 -24.46 -11.18 11.06
N ILE C 130 -25.01 -10.22 11.80
CA ILE C 130 -25.95 -10.54 12.87
C ILE C 130 -27.16 -11.29 12.33
N LYS C 131 -27.67 -10.85 11.18
CA LYS C 131 -28.82 -11.49 10.54
C LYS C 131 -28.52 -12.94 10.16
N ALA C 132 -27.35 -13.19 9.56
CA ALA C 132 -26.97 -14.56 9.18
C ALA C 132 -26.87 -15.49 10.38
N GLU C 133 -26.32 -14.99 11.50
CA GLU C 133 -26.23 -15.78 12.72
C GLU C 133 -27.60 -16.11 13.27
N LYS C 134 -28.51 -15.15 13.22
CA LYS C 134 -29.89 -15.37 13.59
C LYS C 134 -30.56 -16.41 12.70
N GLU C 135 -30.39 -16.28 11.38
CA GLU C 135 -30.96 -17.27 10.46
C GLU C 135 -30.40 -18.68 10.67
N ARG C 136 -29.09 -18.81 10.91
CA ARG C 136 -28.51 -20.11 11.20
C ARG C 136 -29.10 -20.70 12.48
N TYR C 137 -29.22 -19.88 13.52
CA TYR C 137 -29.81 -20.34 14.78
C TYR C 137 -31.24 -20.81 14.58
N GLU C 138 -32.03 -20.05 13.83
CA GLU C 138 -33.40 -20.43 13.50
C GLU C 138 -33.47 -21.72 12.69
N LEU C 139 -32.58 -21.88 11.70
CA LEU C 139 -32.54 -23.10 10.92
C LEU C 139 -32.15 -24.31 11.76
N GLU C 140 -31.17 -24.15 12.65
CA GLU C 140 -30.80 -25.23 13.56
C GLU C 140 -31.96 -25.64 14.46
N GLU C 141 -32.70 -24.67 15.00
CA GLU C 141 -33.85 -24.96 15.86
C GLU C 141 -35.01 -25.58 15.09
N GLN C 142 -35.25 -25.12 13.86
CA GLN C 142 -36.25 -25.76 13.01
C GLN C 142 -35.89 -27.21 12.70
N LEU C 143 -34.64 -27.50 12.39
CA LEU C 143 -34.22 -28.87 12.15
C LEU C 143 -34.40 -29.78 13.37
N ARG C 144 -34.00 -29.29 14.55
CA ARG C 144 -34.18 -30.04 15.79
C ARG C 144 -35.65 -30.35 16.12
N GLN C 145 -36.54 -29.39 15.90
CA GLN C 145 -37.97 -29.63 16.10
C GLN C 145 -38.50 -30.67 15.13
N SER C 146 -38.07 -30.62 13.88
CA SER C 146 -38.49 -31.60 12.89
C SER C 146 -38.04 -33.02 13.25
N GLN C 147 -36.80 -33.18 13.71
CA GLN C 147 -36.37 -34.49 14.17
C GLN C 147 -37.19 -35.01 15.33
N LYS C 148 -37.59 -34.14 16.25
CA LYS C 148 -38.50 -34.55 17.31
C LYS C 148 -39.85 -35.03 16.77
N LEU C 149 -40.43 -34.31 15.80
CA LEU C 149 -41.71 -34.71 15.23
C LEU C 149 -41.60 -36.00 14.43
N GLU C 150 -40.50 -36.17 13.70
CA GLU C 150 -40.23 -37.40 12.98
C GLU C 150 -40.09 -38.61 13.92
N ALA C 151 -39.35 -38.47 15.01
CA ALA C 151 -39.26 -39.54 16.01
C ALA C 151 -40.61 -39.91 16.62
N MET C 152 -41.47 -38.93 16.90
CA MET C 152 -42.83 -39.24 17.33
C MET C 152 -43.61 -39.97 16.23
N GLY C 153 -43.39 -39.56 14.98
CA GLY C 153 -44.07 -40.17 13.85
C GLY C 153 -43.69 -41.61 13.60
N VAL C 154 -42.41 -41.94 13.72
CA VAL C 154 -41.99 -43.32 13.58
C VAL C 154 -42.60 -44.22 14.65
N MET C 155 -42.67 -43.77 15.90
CA MET C 155 -43.33 -44.62 16.87
C MET C 155 -44.84 -44.78 16.61
N ALA C 156 -45.54 -43.72 16.22
CA ALA C 156 -46.96 -43.86 15.87
C ALA C 156 -47.18 -44.73 14.63
N GLY C 157 -46.30 -44.59 13.64
CA GLY C 157 -46.35 -45.40 12.45
C GLY C 157 -46.09 -46.88 12.64
N THR C 158 -45.05 -47.25 13.39
CA THR C 158 -44.80 -48.67 13.60
C THR C 158 -45.86 -49.35 14.44
N MET C 159 -46.38 -48.69 15.47
CA MET C 159 -47.43 -49.33 16.25
C MET C 159 -48.75 -49.48 15.48
N ALA C 160 -49.13 -48.48 14.69
CA ALA C 160 -50.27 -48.64 13.79
C ALA C 160 -50.10 -49.76 12.77
N HIS C 161 -48.91 -49.90 12.20
CA HIS C 161 -48.65 -50.97 11.25
C HIS C 161 -48.66 -52.38 11.84
N GLU C 162 -48.06 -52.57 13.03
CA GLU C 162 -48.05 -53.90 13.66
C GLU C 162 -49.41 -54.38 14.20
N ILE C 163 -50.29 -53.46 14.55
CA ILE C 163 -51.68 -53.69 14.96
C ILE C 163 -52.69 -53.97 13.85
N ASN C 164 -52.53 -53.39 12.66
CA ASN C 164 -53.55 -53.55 11.63
C ASN C 164 -53.77 -55.01 11.24
N ASN C 165 -52.72 -55.83 11.14
CA ASN C 165 -52.96 -57.24 10.80
C ASN C 165 -53.90 -57.92 11.80
N PRO C 166 -53.62 -57.91 13.11
CA PRO C 166 -54.58 -58.49 14.06
C PRO C 166 -55.92 -57.78 14.15
N LEU C 167 -55.98 -56.47 13.91
CA LEU C 167 -57.26 -55.78 13.89
C LEU C 167 -58.15 -56.28 12.75
N ILE C 168 -57.55 -56.51 11.59
CA ILE C 168 -58.27 -57.10 10.46
C ILE C 168 -58.77 -58.49 10.83
N ALA C 169 -57.89 -59.31 11.41
CA ALA C 169 -58.29 -60.65 11.83
C ALA C 169 -59.42 -60.64 12.85
N ILE C 170 -59.35 -59.76 13.84
CA ILE C 170 -60.45 -59.64 14.82
C ILE C 170 -61.77 -59.31 14.14
N SER C 171 -61.75 -58.37 13.18
CA SER C 171 -62.98 -57.97 12.51
C SER C 171 -63.59 -59.06 11.63
N GLU C 172 -62.76 -59.83 10.92
CA GLU C 172 -63.28 -60.95 10.13
C GLU C 172 -63.89 -62.05 11.01
N TYR C 173 -63.17 -62.47 12.05
CA TYR C 173 -63.74 -63.48 12.94
C TYR C 173 -65.02 -63.00 13.60
N ALA C 174 -65.04 -61.75 14.06
CA ALA C 174 -66.23 -61.19 14.68
C ALA C 174 -67.40 -61.09 13.69
N ALA C 175 -67.11 -60.70 12.45
CA ALA C 175 -68.15 -60.59 11.44
C ALA C 175 -68.81 -61.93 11.12
N MET C 176 -68.05 -63.01 11.04
CA MET C 176 -68.67 -64.32 10.82
C MET C 176 -69.63 -64.71 11.94
N ILE C 177 -69.25 -64.49 13.20
CA ILE C 177 -70.17 -64.75 14.29
C ILE C 177 -71.40 -63.85 14.22
N ALA C 178 -71.20 -62.56 13.99
CA ALA C 178 -72.33 -61.65 13.97
C ALA C 178 -73.28 -61.95 12.81
N LYS C 179 -72.74 -62.39 11.67
CA LYS C 179 -73.51 -62.79 10.51
C LYS C 179 -74.20 -64.13 10.68
N GLY C 180 -73.88 -64.88 11.73
CA GLY C 180 -74.46 -66.20 11.91
C GLY C 180 -73.97 -67.24 10.93
N GLU C 181 -72.83 -67.03 10.30
CA GLU C 181 -72.29 -67.99 9.34
C GLU C 181 -71.64 -69.19 9.99
N VAL C 182 -71.65 -69.27 11.33
CA VAL C 182 -70.97 -70.34 12.05
C VAL C 182 -71.88 -70.97 13.10
N ASP C 183 -71.83 -72.29 13.22
CA ASP C 183 -72.52 -72.96 14.32
C ASP C 183 -71.90 -72.53 15.65
N SER C 184 -72.59 -72.86 16.74
CA SER C 184 -72.15 -72.43 18.08
C SER C 184 -70.73 -72.90 18.40
N GLU C 185 -70.30 -74.04 17.85
CA GLU C 185 -68.98 -74.57 18.18
C GLU C 185 -67.86 -73.88 17.39
N LYS C 186 -68.09 -73.61 16.11
CA LYS C 186 -67.18 -72.75 15.36
C LYS C 186 -67.14 -71.34 15.93
N ALA C 187 -68.29 -70.83 16.41
CA ALA C 187 -68.32 -69.52 17.05
C ALA C 187 -67.44 -69.46 18.30
N LYS C 188 -67.45 -70.50 19.13
CA LYS C 188 -66.53 -70.56 20.25
C LYS C 188 -65.08 -70.60 19.77
N GLN C 189 -64.80 -71.37 18.73
CA GLN C 189 -63.44 -71.41 18.19
C GLN C 189 -62.99 -70.05 17.67
N LEU C 190 -63.88 -69.36 16.93
CA LEU C 190 -63.57 -68.02 16.44
C LEU C 190 -63.38 -66.99 17.56
N ALA C 191 -64.20 -67.07 18.61
CA ALA C 191 -63.98 -66.18 19.76
C ALA C 191 -62.62 -66.39 20.41
N SER C 192 -62.15 -67.64 20.47
CA SER C 192 -60.79 -67.90 20.93
C SER C 192 -59.74 -67.26 20.03
N LYS C 193 -59.88 -67.37 18.71
CA LYS C 193 -58.93 -66.71 17.83
C LYS C 193 -58.91 -65.20 18.05
N ILE C 194 -60.09 -64.59 18.26
CA ILE C 194 -60.18 -63.19 18.60
C ILE C 194 -59.39 -62.87 19.86
N ARG C 195 -59.49 -63.74 20.88
CA ARG C 195 -58.71 -63.52 22.10
C ARG C 195 -57.20 -63.54 21.83
N ASP C 196 -56.73 -64.46 21.00
CA ASP C 196 -55.29 -64.51 20.73
C ASP C 196 -54.83 -63.27 20.00
N GLU C 197 -55.61 -62.82 19.02
CA GLU C 197 -55.27 -61.56 18.37
C GLU C 197 -55.37 -60.38 19.30
N SER C 198 -56.33 -60.38 20.23
CA SER C 198 -56.39 -59.29 21.19
C SER C 198 -55.19 -59.32 22.14
N ALA C 199 -54.77 -60.51 22.56
CA ALA C 199 -53.56 -60.65 23.37
C ALA C 199 -52.31 -60.30 22.57
N ARG C 200 -52.30 -60.64 21.28
CA ARG C 200 -51.21 -60.25 20.41
C ARG C 200 -51.05 -58.73 20.30
N ILE C 201 -52.15 -58.01 20.05
CA ILE C 201 -52.07 -56.55 20.04
C ILE C 201 -51.53 -56.04 21.37
N SER C 202 -52.03 -56.57 22.48
CA SER C 202 -51.50 -56.15 23.78
C SER C 202 -50.02 -56.44 23.95
N THR C 203 -49.55 -57.55 23.38
CA THR C 203 -48.13 -57.86 23.47
C THR C 203 -47.30 -56.94 22.60
N ILE C 204 -47.76 -56.68 21.37
CA ILE C 204 -47.07 -55.75 20.49
C ILE C 204 -46.97 -54.36 21.13
N MET C 205 -48.08 -53.84 21.66
CA MET C 205 -48.05 -52.54 22.30
C MET C 205 -47.14 -52.49 23.53
N LYS C 206 -47.18 -53.52 24.38
CA LYS C 206 -46.28 -53.52 25.54
C LYS C 206 -44.81 -53.59 25.15
N ASN C 207 -44.47 -54.42 24.16
CA ASN C 207 -43.07 -54.51 23.72
C ASN C 207 -42.61 -53.22 23.04
N LEU C 208 -43.46 -52.60 22.24
CA LEU C 208 -43.14 -51.30 21.65
C LEU C 208 -42.96 -50.24 22.73
N LEU C 209 -43.90 -50.18 23.67
CA LEU C 209 -43.84 -49.22 24.78
C LEU C 209 -42.64 -49.48 25.68
N ARG C 210 -42.21 -50.74 25.79
CA ARG C 210 -41.02 -51.08 26.57
C ARG C 210 -39.74 -50.63 25.89
N PHE C 211 -39.72 -50.58 24.56
CA PHE C 211 -38.55 -50.02 23.87
C PHE C 211 -38.48 -48.51 24.01
N SER C 212 -39.63 -47.83 24.13
CA SER C 212 -39.69 -46.38 24.23
C SER C 212 -39.46 -45.85 25.65
N ARG C 213 -39.52 -46.69 26.67
CA ARG C 213 -39.34 -46.24 28.05
C ARG C 213 -37.87 -46.15 28.42
N ASP C 214 -37.49 -45.04 29.05
CA ASP C 214 -36.12 -44.75 29.46
C ASP C 214 -36.08 -44.69 30.98
N ASP C 215 -35.30 -45.59 31.59
CA ASP C 215 -35.14 -45.61 33.05
C ASP C 215 -34.24 -44.44 33.45
N LYS C 216 -34.86 -43.37 33.96
CA LYS C 216 -34.15 -42.12 34.14
C LYS C 216 -33.19 -42.14 35.33
N GLY C 217 -33.48 -42.91 36.37
CA GLY C 217 -32.65 -42.78 37.54
C GLY C 217 -33.36 -42.51 38.85
N SER C 218 -32.71 -42.86 39.95
CA SER C 218 -33.12 -42.40 41.27
C SER C 218 -32.97 -40.89 41.41
N LEU C 219 -33.85 -40.32 42.24
CA LEU C 219 -33.70 -38.95 42.73
C LEU C 219 -32.44 -38.84 43.60
N TYR C 220 -31.70 -37.75 43.43
CA TYR C 220 -30.55 -37.43 44.26
C TYR C 220 -30.59 -35.98 44.70
N PRO C 221 -29.92 -35.65 45.81
CA PRO C 221 -29.85 -34.25 46.26
C PRO C 221 -29.05 -33.40 45.28
N VAL C 222 -29.64 -32.29 44.84
CA VAL C 222 -28.94 -31.35 43.98
C VAL C 222 -28.99 -29.95 44.59
N GLU C 223 -27.85 -29.27 44.55
CA GLU C 223 -27.75 -27.89 45.01
C GLU C 223 -28.48 -26.93 44.08
N VAL C 224 -29.32 -26.06 44.68
CA VAL C 224 -30.16 -25.14 43.91
C VAL C 224 -29.29 -24.25 43.02
N GLY C 225 -28.13 -23.86 43.52
CA GLY C 225 -27.27 -23.00 42.74
C GLY C 225 -26.75 -23.67 41.49
N GLU C 226 -26.49 -24.98 41.54
CA GLU C 226 -25.99 -25.63 40.33
C GLU C 226 -27.06 -25.61 39.25
N ILE C 227 -28.31 -25.78 39.64
CA ILE C 227 -29.42 -25.72 38.70
C ILE C 227 -29.54 -24.35 38.05
N LEU C 228 -29.40 -23.28 38.86
CA LEU C 228 -29.52 -21.94 38.34
C LEU C 228 -28.36 -21.55 37.41
N VAL C 229 -27.13 -21.92 37.76
CA VAL C 229 -26.01 -21.64 36.86
C VAL C 229 -26.16 -22.35 35.53
N LYS C 230 -26.58 -23.61 35.54
CA LYS C 230 -26.83 -24.31 34.27
C LYS C 230 -27.96 -23.66 33.48
N LEU C 231 -29.06 -23.29 34.14
CA LEU C 231 -30.13 -22.59 33.42
C LEU C 231 -29.62 -21.29 32.80
N GLU C 232 -28.87 -20.51 33.57
CA GLU C 232 -28.28 -19.30 33.03
C GLU C 232 -27.43 -19.60 31.81
N SER C 233 -26.50 -20.55 31.95
CA SER C 233 -25.61 -20.92 30.85
C SER C 233 -26.35 -21.37 29.60
N ILE C 234 -27.52 -22.02 29.76
CA ILE C 234 -28.28 -22.53 28.62
C ILE C 234 -29.08 -21.43 27.91
N THR C 235 -29.55 -20.42 28.63
CA THR C 235 -30.49 -19.46 28.09
C THR C 235 -29.82 -18.18 27.60
N GLN C 236 -28.56 -17.93 27.96
CA GLN C 236 -27.88 -16.74 27.45
C GLN C 236 -27.98 -16.61 25.94
N GLN C 237 -27.71 -17.69 25.20
CA GLN C 237 -27.78 -17.60 23.75
C GLN C 237 -29.21 -17.45 23.24
N ILE C 238 -30.18 -18.05 23.93
CA ILE C 238 -31.57 -17.89 23.54
C ILE C 238 -32.00 -16.43 23.65
N PHE C 239 -31.68 -15.79 24.78
CA PHE C 239 -32.05 -14.40 24.96
C PHE C 239 -31.35 -13.46 23.98
N LYS C 240 -30.05 -13.67 23.74
CA LYS C 240 -29.30 -12.88 22.77
C LYS C 240 -29.83 -13.03 21.35
N MET C 241 -30.09 -14.27 20.92
CA MET C 241 -30.61 -14.49 19.56
C MET C 241 -32.00 -13.89 19.38
N ASN C 242 -32.83 -13.93 20.41
CA ASN C 242 -34.17 -13.37 20.35
C ASN C 242 -34.25 -11.91 20.76
N ARG C 243 -33.11 -11.29 21.09
CA ARG C 243 -33.06 -9.91 21.55
C ARG C 243 -33.96 -9.69 22.76
N ILE C 244 -33.90 -10.61 23.72
CA ILE C 244 -34.69 -10.52 24.94
C ILE C 244 -33.78 -9.96 26.03
N ASP C 245 -34.29 -8.99 26.76
CA ASP C 245 -33.58 -8.51 27.96
C ASP C 245 -33.92 -9.39 29.15
N ALA C 246 -32.93 -10.07 29.73
CA ALA C 246 -33.22 -11.02 30.80
C ALA C 246 -32.60 -10.47 32.08
N SER C 247 -33.49 -10.23 33.02
CA SER C 247 -33.32 -9.79 34.40
C SER C 247 -33.59 -10.89 35.43
N TRP C 248 -32.84 -10.91 36.51
CA TRP C 248 -32.99 -11.92 37.55
C TRP C 248 -33.40 -11.04 38.72
N LYS C 249 -34.46 -11.43 39.42
CA LYS C 249 -34.94 -10.75 40.61
C LYS C 249 -34.43 -11.29 41.93
N ASN C 250 -34.21 -12.60 42.06
CA ASN C 250 -33.75 -13.14 43.32
C ASN C 250 -33.19 -14.53 43.09
N VAL C 251 -32.23 -14.92 43.93
CA VAL C 251 -31.74 -16.28 43.91
C VAL C 251 -31.75 -16.80 45.34
N GLU C 252 -31.80 -18.14 45.48
CA GLU C 252 -31.64 -18.73 46.81
C GLU C 252 -30.79 -19.99 46.83
N PRO C 253 -29.63 -19.99 46.16
CA PRO C 253 -28.73 -21.14 46.21
C PRO C 253 -28.33 -21.49 47.64
N GLY C 254 -27.90 -22.73 47.83
CA GLY C 254 -27.38 -23.22 49.08
C GLY C 254 -28.35 -24.05 49.86
N HIS C 255 -29.47 -24.41 49.23
CA HIS C 255 -30.49 -25.34 49.68
C HIS C 255 -30.45 -26.54 48.73
N SER C 256 -30.98 -27.69 49.15
CA SER C 256 -30.98 -28.82 48.24
C SER C 256 -32.40 -29.30 47.98
N ILE C 257 -32.60 -29.88 46.80
CA ILE C 257 -33.84 -30.55 46.43
C ILE C 257 -33.50 -31.97 45.98
N GLN C 258 -34.40 -32.90 46.28
CA GLN C 258 -34.32 -34.26 45.75
C GLN C 258 -34.87 -34.21 44.34
N CYS C 259 -34.00 -34.29 43.33
CA CYS C 259 -34.47 -34.18 41.95
C CYS C 259 -33.61 -35.00 41.01
N ARG C 260 -34.12 -35.18 39.79
CA ARG C 260 -33.32 -35.50 38.62
C ARG C 260 -32.98 -34.17 37.97
N GLU C 261 -31.75 -33.71 38.16
CA GLU C 261 -31.34 -32.38 37.70
C GLU C 261 -31.69 -32.12 36.23
N GLY C 262 -31.42 -33.09 35.35
CA GLY C 262 -31.72 -32.90 33.94
C GLY C 262 -33.18 -32.64 33.64
N GLN C 263 -34.07 -33.26 34.42
CA GLN C 263 -35.51 -33.07 34.27
C GLN C 263 -35.99 -31.73 34.81
N ILE C 264 -35.40 -31.25 35.90
CA ILE C 264 -35.73 -29.90 36.36
C ILE C 264 -35.35 -28.88 35.30
N LEU C 265 -34.13 -28.98 34.76
CA LEU C 265 -33.74 -28.12 33.64
C LEU C 265 -34.65 -28.27 32.43
N GLN C 266 -35.22 -29.45 32.23
CA GLN C 266 -36.18 -29.64 31.14
C GLN C 266 -37.45 -28.83 31.37
N ILE C 267 -37.96 -28.82 32.61
CA ILE C 267 -39.08 -27.95 32.94
C ILE C 267 -38.73 -26.50 32.63
N LEU C 268 -37.60 -26.05 33.18
CA LEU C 268 -37.23 -24.65 33.05
C LEU C 268 -37.03 -24.25 31.59
N LEU C 269 -36.37 -25.10 30.80
CA LEU C 269 -36.21 -24.81 29.38
C LEU C 269 -37.55 -24.79 28.66
N ASN C 270 -38.49 -25.64 29.07
CA ASN C 270 -39.82 -25.62 28.47
C ASN C 270 -40.55 -24.32 28.78
N LEU C 271 -40.47 -23.84 30.02
CA LEU C 271 -41.06 -22.56 30.35
C LEU C 271 -40.38 -21.41 29.60
N VAL C 272 -39.05 -21.43 29.53
CA VAL C 272 -38.30 -20.43 28.78
C VAL C 272 -38.70 -20.42 27.31
N ASN C 273 -38.83 -21.59 26.69
CA ASN C 273 -39.24 -21.63 25.29
C ASN C 273 -40.63 -21.04 25.11
N ASN C 274 -41.55 -21.35 26.04
CA ASN C 274 -42.87 -20.75 26.00
C ASN C 274 -42.81 -19.23 26.13
N ALA C 275 -41.95 -18.74 27.02
CA ALA C 275 -41.76 -17.29 27.15
C ALA C 275 -41.21 -16.67 25.88
N VAL C 276 -40.19 -17.28 25.29
CA VAL C 276 -39.62 -16.77 24.04
C VAL C 276 -40.67 -16.72 22.94
N ASP C 277 -41.47 -17.76 22.80
CA ASP C 277 -42.52 -17.74 21.78
C ASP C 277 -43.53 -16.63 22.01
N SER C 278 -43.97 -16.43 23.26
CA SER C 278 -44.88 -15.32 23.57
C SER C 278 -44.25 -13.98 23.22
N LEU C 279 -42.97 -13.78 23.56
CA LEU C 279 -42.28 -12.53 23.24
C LEU C 279 -42.11 -12.31 21.75
N ASN C 280 -41.73 -13.35 20.99
CA ASN C 280 -41.58 -13.14 19.55
C ASN C 280 -42.90 -12.80 18.88
N GLN C 281 -44.01 -13.33 19.38
CA GLN C 281 -45.31 -12.97 18.82
C GLN C 281 -45.69 -11.51 19.11
N LYS C 282 -45.39 -11.02 20.31
CA LYS C 282 -45.70 -9.64 20.68
C LYS C 282 -44.73 -8.62 20.10
N TYR C 283 -43.43 -8.94 20.08
CA TYR C 283 -42.42 -8.00 19.61
C TYR C 283 -41.62 -8.66 18.47
N PRO C 284 -42.14 -8.59 17.24
CA PRO C 284 -41.43 -9.17 16.10
C PRO C 284 -40.08 -8.53 15.81
N GLU C 285 -39.90 -7.26 16.13
CA GLU C 285 -38.62 -6.60 15.94
C GLU C 285 -37.97 -6.39 17.31
N TYR C 286 -36.89 -5.62 17.32
CA TYR C 286 -36.27 -5.29 18.59
C TYR C 286 -37.13 -4.32 19.39
N ASP C 287 -37.35 -4.64 20.66
CA ASP C 287 -38.09 -3.77 21.55
C ASP C 287 -37.49 -3.84 22.95
N THR C 288 -37.44 -2.69 23.60
CA THR C 288 -36.93 -2.55 24.97
C THR C 288 -37.81 -3.23 26.01
N GLU C 289 -39.09 -3.43 25.71
CA GLU C 289 -40.02 -4.13 26.58
C GLU C 289 -40.05 -5.63 26.36
N LYS C 290 -39.23 -6.14 25.44
CA LYS C 290 -39.10 -7.58 25.19
C LYS C 290 -38.23 -8.17 26.29
N ARG C 291 -38.82 -8.23 27.48
CA ARG C 291 -38.11 -8.60 28.69
C ARG C 291 -38.67 -9.85 29.34
N ILE C 292 -37.78 -10.52 30.07
CA ILE C 292 -38.09 -11.70 30.85
C ILE C 292 -37.47 -11.56 32.24
N ILE C 293 -38.22 -12.01 33.25
CA ILE C 293 -37.75 -12.02 34.64
C ILE C 293 -37.65 -13.46 35.08
N LEU C 294 -36.47 -13.83 35.57
CA LEU C 294 -36.16 -15.15 36.10
C LEU C 294 -35.79 -15.03 37.56
N GLU C 295 -36.51 -15.73 38.42
CA GLU C 295 -36.25 -15.61 39.84
C GLU C 295 -36.24 -17.01 40.42
N ASN C 296 -35.47 -17.19 41.49
CA ASN C 296 -35.62 -18.31 42.39
C ASN C 296 -35.84 -17.77 43.80
N SER C 297 -36.59 -18.52 44.59
CA SER C 297 -36.90 -18.14 45.96
C SER C 297 -37.22 -19.38 46.76
N ILE C 298 -37.18 -19.24 48.07
CA ILE C 298 -37.68 -20.28 48.97
C ILE C 298 -39.08 -19.88 49.39
N VAL C 299 -40.05 -20.78 49.18
CA VAL C 299 -41.43 -20.54 49.58
C VAL C 299 -41.82 -21.58 50.61
N GLU C 300 -42.65 -21.15 51.56
CA GLU C 300 -43.21 -21.99 52.60
C GLU C 300 -44.71 -22.13 52.38
N GLU C 301 -45.18 -23.38 52.33
CA GLU C 301 -46.59 -23.64 52.12
C GLU C 301 -47.01 -24.76 53.05
N ASN C 302 -48.06 -24.52 53.82
CA ASN C 302 -48.55 -25.48 54.79
C ASN C 302 -47.44 -26.02 55.68
N HIS C 303 -46.58 -25.11 56.17
CA HIS C 303 -45.42 -25.44 56.99
C HIS C 303 -44.38 -26.32 56.28
N LYS C 304 -44.39 -26.39 54.96
CA LYS C 304 -43.35 -27.06 54.19
C LYS C 304 -42.61 -26.03 53.35
N LYS C 305 -41.29 -26.16 53.28
CA LYS C 305 -40.49 -25.27 52.44
C LYS C 305 -40.30 -25.85 51.05
N TYR C 306 -40.44 -24.99 50.04
CA TYR C 306 -40.26 -25.34 48.64
C TYR C 306 -39.27 -24.39 47.99
N ALA C 307 -38.44 -24.92 47.11
CA ALA C 307 -37.72 -24.10 46.13
C ALA C 307 -38.65 -23.75 44.99
N GLU C 308 -38.89 -22.46 44.80
CA GLU C 308 -39.67 -21.95 43.66
C GLU C 308 -38.76 -21.40 42.57
N PHE C 309 -38.89 -21.95 41.36
CA PHE C 309 -38.29 -21.39 40.16
C PHE C 309 -39.37 -20.69 39.35
N SER C 310 -39.18 -19.40 39.08
CA SER C 310 -40.19 -18.57 38.41
C SER C 310 -39.67 -18.01 37.11
N ILE C 311 -40.50 -18.06 36.07
CA ILE C 311 -40.18 -17.47 34.78
C ILE C 311 -41.34 -16.55 34.39
N GLN C 312 -41.09 -15.25 34.37
CA GLN C 312 -42.10 -14.27 34.03
C GLN C 312 -41.68 -13.59 32.74
N ASP C 313 -42.53 -13.68 31.73
CA ASP C 313 -42.36 -12.96 30.48
C ASP C 313 -43.42 -11.86 30.36
N PHE C 314 -43.09 -10.77 29.67
CA PHE C 314 -44.09 -9.73 29.45
C PHE C 314 -44.69 -9.76 28.04
N GLY C 315 -44.82 -10.94 27.43
CA GLY C 315 -45.40 -11.02 26.10
C GLY C 315 -46.91 -11.04 26.04
N THR C 316 -47.42 -11.83 25.10
CA THR C 316 -48.85 -11.93 24.77
C THR C 316 -49.52 -12.74 25.86
N GLY C 317 -50.18 -12.08 26.82
CA GLY C 317 -50.74 -12.75 28.00
C GLY C 317 -51.52 -13.99 27.59
N ILE C 318 -52.00 -14.82 28.51
CA ILE C 318 -52.75 -16.01 28.10
C ILE C 318 -54.24 -15.73 28.28
N PRO C 319 -55.02 -15.74 27.19
CA PRO C 319 -56.48 -15.60 27.27
C PRO C 319 -57.17 -16.56 28.22
N ILE C 320 -58.16 -16.02 28.94
CA ILE C 320 -58.85 -16.73 30.02
C ILE C 320 -59.53 -18.00 29.53
N ASP C 321 -60.05 -17.98 28.31
CA ASP C 321 -60.72 -19.16 27.75
C ASP C 321 -59.78 -20.34 27.56
N ILE C 322 -58.50 -20.09 27.28
CA ILE C 322 -57.59 -21.20 27.02
C ILE C 322 -56.83 -21.61 28.28
N GLN C 323 -56.83 -20.77 29.33
CA GLN C 323 -56.07 -21.02 30.55
C GLN C 323 -56.36 -22.38 31.18
N LYS C 324 -57.59 -22.86 31.07
CA LYS C 324 -57.98 -24.17 31.59
C LYS C 324 -57.43 -25.34 30.79
N SER C 325 -56.93 -25.13 29.58
CA SER C 325 -56.55 -26.21 28.69
C SER C 325 -55.05 -26.34 28.41
N ILE C 326 -54.23 -25.36 28.82
CA ILE C 326 -52.81 -25.32 28.48
C ILE C 326 -51.96 -26.48 28.99
N PHE C 327 -52.37 -27.17 30.05
CA PHE C 327 -51.61 -28.33 30.52
C PHE C 327 -52.08 -29.65 29.93
N LYS C 328 -53.14 -29.66 29.12
CA LYS C 328 -53.52 -30.90 28.48
C LYS C 328 -52.49 -31.29 27.42
N THR C 329 -52.16 -32.58 27.39
CA THR C 329 -51.27 -33.12 26.38
C THR C 329 -51.77 -32.82 24.96
N PHE C 330 -50.84 -32.39 24.11
CA PHE C 330 -51.04 -32.01 22.71
C PHE C 330 -51.86 -30.74 22.52
N PHE C 331 -52.19 -30.01 23.58
CA PHE C 331 -52.86 -28.73 23.40
C PHE C 331 -51.82 -27.68 22.98
N THR C 332 -52.05 -27.06 21.83
CA THR C 332 -51.15 -26.01 21.34
C THR C 332 -51.91 -24.97 20.52
N THR C 333 -51.51 -23.70 20.68
CA THR C 333 -51.97 -22.63 19.80
C THR C 333 -51.00 -22.35 18.66
N LYS C 334 -49.81 -22.93 18.69
CA LYS C 334 -48.87 -22.75 17.60
C LYS C 334 -49.22 -23.68 16.44
N SER C 335 -48.89 -23.25 15.22
CA SER C 335 -49.04 -24.11 14.07
C SER C 335 -48.24 -25.39 14.28
N ALA C 336 -48.56 -26.41 13.48
CA ALA C 336 -47.91 -27.71 13.63
C ALA C 336 -46.39 -27.57 13.61
N ASP C 337 -45.86 -26.80 12.66
CA ASP C 337 -44.41 -26.62 12.56
C ASP C 337 -43.82 -26.02 13.81
N LYS C 338 -44.59 -25.19 14.52
CA LYS C 338 -44.07 -24.47 15.67
C LYS C 338 -44.35 -25.17 17.01
N GLY C 339 -45.43 -25.93 17.12
CA GLY C 339 -45.78 -26.45 18.42
C GLY C 339 -46.41 -27.83 18.51
N THR C 340 -45.76 -28.70 19.28
CA THR C 340 -46.18 -30.08 19.56
C THR C 340 -47.19 -30.20 20.69
N GLY C 341 -47.41 -29.14 21.47
CA GLY C 341 -48.31 -29.21 22.62
C GLY C 341 -47.88 -30.08 23.78
N LEU C 342 -46.61 -30.50 23.86
CA LEU C 342 -46.15 -31.39 24.92
C LEU C 342 -45.44 -30.72 26.07
N GLY C 343 -44.97 -29.49 25.91
CA GLY C 343 -44.15 -28.85 26.93
C GLY C 343 -44.76 -28.78 28.32
N LEU C 344 -45.91 -28.13 28.43
CA LEU C 344 -46.51 -27.95 29.75
C LEU C 344 -47.01 -29.26 30.34
N SER C 345 -47.52 -30.17 29.51
CA SER C 345 -47.97 -31.45 30.05
C SER C 345 -46.81 -32.31 30.55
N VAL C 346 -45.69 -32.35 29.83
CA VAL C 346 -44.55 -33.09 30.36
C VAL C 346 -43.99 -32.42 31.62
N SER C 347 -43.85 -31.10 31.60
CA SER C 347 -43.36 -30.39 32.77
C SER C 347 -44.27 -30.57 33.98
N LEU C 348 -45.58 -30.56 33.78
CA LEU C 348 -46.49 -30.80 34.90
C LEU C 348 -46.33 -32.22 35.44
N GLY C 349 -46.16 -33.19 34.55
CA GLY C 349 -45.91 -34.55 35.00
C GLY C 349 -44.64 -34.69 35.81
N ILE C 350 -43.53 -34.14 35.30
CA ILE C 350 -42.26 -34.18 36.01
C ILE C 350 -42.36 -33.47 37.36
N ALA C 351 -43.00 -32.30 37.39
CA ALA C 351 -43.15 -31.57 38.65
C ALA C 351 -43.87 -32.37 39.72
N LYS C 352 -44.95 -33.07 39.34
CA LYS C 352 -45.66 -33.92 40.29
C LYS C 352 -44.83 -35.10 40.76
N GLU C 353 -44.06 -35.71 39.84
CA GLU C 353 -43.15 -36.80 40.19
C GLU C 353 -42.09 -36.37 41.22
N HIS C 354 -41.78 -35.09 41.31
CA HIS C 354 -40.85 -34.56 42.29
C HIS C 354 -41.54 -34.07 43.56
N GLY C 355 -42.82 -34.40 43.73
CA GLY C 355 -43.60 -33.93 44.86
C GLY C 355 -43.85 -32.45 44.84
N GLY C 356 -43.65 -31.82 43.68
CA GLY C 356 -43.79 -30.39 43.51
C GLY C 356 -45.05 -30.00 42.77
N SER C 357 -45.15 -28.72 42.44
CA SER C 357 -46.25 -28.20 41.65
C SER C 357 -45.72 -27.25 40.59
N LEU C 358 -46.47 -27.14 39.49
CA LEU C 358 -46.21 -26.16 38.44
C LEU C 358 -47.46 -25.31 38.26
N ASN C 359 -47.35 -23.99 38.45
CA ASN C 359 -48.49 -23.09 38.44
C ASN C 359 -48.17 -21.85 37.62
N PHE C 360 -49.21 -21.05 37.35
CA PHE C 360 -49.02 -19.80 36.59
C PHE C 360 -50.07 -18.76 36.99
N GLU C 361 -49.72 -17.49 36.74
CA GLU C 361 -50.59 -16.31 36.78
C GLU C 361 -50.36 -15.54 35.47
N SER C 362 -51.43 -15.03 34.87
CA SER C 362 -51.26 -14.28 33.63
C SER C 362 -52.34 -13.24 33.47
N GLU C 363 -51.92 -12.06 32.99
CA GLU C 363 -52.83 -11.02 32.55
C GLU C 363 -52.71 -10.89 31.05
N PRO C 364 -53.81 -11.11 30.31
CA PRO C 364 -53.78 -11.00 28.85
C PRO C 364 -53.22 -9.66 28.38
N GLY C 365 -52.29 -9.73 27.43
CA GLY C 365 -51.66 -8.55 26.89
C GLY C 365 -50.60 -7.93 27.77
N ARG C 366 -50.43 -8.42 29.01
CA ARG C 366 -49.46 -7.85 29.92
C ARG C 366 -48.32 -8.81 30.23
N TYR C 367 -48.60 -9.95 30.87
CA TYR C 367 -47.52 -10.83 31.32
C TYR C 367 -48.03 -12.25 31.53
N THR C 368 -47.09 -13.18 31.59
CA THR C 368 -47.32 -14.54 32.11
C THR C 368 -46.18 -14.87 33.05
N ARG C 369 -46.48 -15.40 34.24
CA ARG C 369 -45.45 -15.91 35.15
C ARG C 369 -45.72 -17.38 35.46
N PHE C 370 -44.85 -18.28 34.99
CA PHE C 370 -44.84 -19.67 35.43
C PHE C 370 -43.87 -19.89 36.58
N TYR C 371 -44.29 -20.71 37.54
CA TYR C 371 -43.41 -21.05 38.65
C TYR C 371 -43.47 -22.54 38.99
N LEU C 372 -42.29 -23.14 39.11
CA LEU C 372 -42.11 -24.53 39.50
C LEU C 372 -41.71 -24.57 40.98
N ARG C 373 -42.48 -25.29 41.80
CA ARG C 373 -42.12 -25.53 43.19
C ARG C 373 -41.65 -26.96 43.39
N VAL C 374 -40.48 -27.12 44.03
CA VAL C 374 -39.99 -28.44 44.38
C VAL C 374 -39.66 -28.45 45.87
N PRO C 375 -40.08 -29.46 46.63
CA PRO C 375 -39.78 -29.51 48.07
C PRO C 375 -38.28 -29.49 48.34
N ILE C 376 -37.87 -28.69 49.32
CA ILE C 376 -36.49 -28.72 49.79
C ILE C 376 -36.17 -30.06 50.46
N PHE C 377 -35.01 -30.60 50.15
CA PHE C 377 -34.42 -31.73 50.86
C PHE C 377 -33.76 -31.26 52.15
N ASP C 378 -34.28 -31.69 53.30
CA ASP C 378 -33.56 -31.43 54.54
C ASP C 378 -32.89 -32.71 55.03
N MET D 1 4.73 -36.29 26.40
CA MET D 1 4.34 -37.10 27.55
C MET D 1 4.08 -36.22 28.77
N ASN D 2 4.41 -34.94 28.66
CA ASN D 2 4.19 -33.96 29.72
C ASN D 2 3.02 -33.05 29.35
N LYS D 3 2.67 -32.20 30.31
CA LYS D 3 1.53 -31.31 30.12
C LYS D 3 1.89 -29.98 29.47
N TRP D 4 3.03 -29.39 29.83
CA TRP D 4 3.56 -28.25 29.09
C TRP D 4 4.86 -28.55 28.35
N LYS D 5 5.07 -27.80 27.28
CA LYS D 5 6.26 -27.83 26.44
C LYS D 5 6.92 -26.45 26.48
N PHE D 6 8.13 -26.37 27.06
CA PHE D 6 8.86 -25.12 27.19
C PHE D 6 10.05 -25.12 26.24
N LEU D 7 10.12 -24.09 25.38
CA LEU D 7 11.27 -23.89 24.52
C LEU D 7 12.24 -22.93 25.21
N PHE D 8 13.47 -23.39 25.45
CA PHE D 8 14.54 -22.60 26.04
C PHE D 8 15.54 -22.26 24.94
N LEU D 9 15.65 -20.97 24.61
CA LEU D 9 16.70 -20.45 23.73
C LEU D 9 17.82 -19.87 24.59
N GLU D 10 18.86 -20.67 24.82
CA GLU D 10 19.90 -20.34 25.78
C GLU D 10 21.17 -21.06 25.35
N ASP D 11 22.31 -20.33 25.32
CA ASP D 11 23.57 -20.96 24.96
C ASP D 11 24.42 -21.40 26.14
N SER D 12 24.17 -20.87 27.33
CA SER D 12 24.90 -21.27 28.52
C SER D 12 24.20 -22.43 29.22
N LEU D 13 24.82 -23.62 29.20
CA LEU D 13 24.29 -24.75 29.95
C LEU D 13 24.22 -24.45 31.45
N VAL D 14 25.11 -23.58 31.93
CA VAL D 14 25.09 -23.21 33.35
C VAL D 14 23.84 -22.42 33.68
N ASP D 15 23.47 -21.47 32.81
CA ASP D 15 22.26 -20.68 33.01
C ASP D 15 20.98 -21.48 32.80
N LEU D 16 20.98 -22.39 31.82
CA LEU D 16 19.87 -23.32 31.63
C LEU D 16 19.59 -24.14 32.89
N GLU D 17 20.62 -24.68 33.52
CA GLU D 17 20.39 -25.43 34.75
C GLU D 17 19.81 -24.54 35.85
N LEU D 18 20.27 -23.29 35.96
CA LEU D 18 19.70 -22.36 36.93
C LEU D 18 18.21 -22.10 36.68
N ILE D 19 17.85 -21.80 35.42
CA ILE D 19 16.45 -21.56 35.04
C ILE D 19 15.59 -22.79 35.33
N GLN D 20 16.01 -23.95 34.84
CA GLN D 20 15.28 -25.19 35.02
C GLN D 20 15.14 -25.56 36.50
N ARG D 21 16.19 -25.34 37.29
CA ARG D 21 16.10 -25.59 38.72
C ARG D 21 14.97 -24.79 39.36
N GLN D 22 14.76 -23.54 38.93
CA GLN D 22 13.66 -22.79 39.51
C GLN D 22 12.34 -23.39 39.06
N LEU D 23 12.28 -23.80 37.79
CA LEU D 23 11.11 -24.49 37.27
C LEU D 23 10.93 -25.87 37.91
N ASN D 24 12.03 -26.62 38.11
CA ASN D 24 11.86 -27.92 38.74
C ASN D 24 11.33 -27.78 40.15
N ARG D 25 11.71 -26.69 40.83
CA ARG D 25 11.09 -26.37 42.11
C ARG D 25 9.59 -26.16 41.83
N ALA D 26 8.78 -26.06 42.88
CA ALA D 26 7.35 -25.85 42.65
C ALA D 26 6.67 -27.01 41.91
N LYS D 27 7.42 -28.05 41.55
CA LYS D 27 6.90 -29.19 40.79
C LYS D 27 6.17 -28.83 39.49
N ILE D 28 6.60 -27.78 38.78
CA ILE D 28 6.01 -27.51 37.47
C ILE D 28 6.36 -28.62 36.49
N ASP D 29 5.32 -29.22 35.89
CA ASP D 29 5.44 -30.28 34.88
C ASP D 29 5.59 -29.74 33.47
N TYR D 30 6.82 -29.74 32.95
CA TYR D 30 7.11 -29.23 31.61
C TYR D 30 8.02 -30.20 30.86
N TYR D 31 7.99 -30.10 29.54
CA TYR D 31 8.92 -30.82 28.68
C TYR D 31 9.95 -29.81 28.19
N PRO D 32 11.23 -29.94 28.54
CA PRO D 32 12.22 -28.97 28.05
C PRO D 32 12.63 -29.24 26.60
N ILE D 33 12.64 -28.18 25.81
CA ILE D 33 13.23 -28.17 24.47
C ILE D 33 14.32 -27.11 24.47
N HIS D 34 15.56 -27.51 24.24
CA HIS D 34 16.67 -26.57 24.27
C HIS D 34 17.23 -26.36 22.86
N VAL D 35 17.42 -25.09 22.50
CA VAL D 35 18.00 -24.70 21.22
C VAL D 35 18.95 -23.54 21.44
N SER D 36 20.00 -23.47 20.60
CA SER D 36 21.01 -22.43 20.72
C SER D 36 21.21 -21.59 19.45
N ASP D 37 20.51 -21.89 18.36
CA ASP D 37 20.66 -21.19 17.09
C ASP D 37 19.29 -20.98 16.45
N SER D 38 19.28 -20.20 15.35
CA SER D 38 18.03 -19.84 14.70
C SER D 38 17.38 -21.03 13.99
N GLU D 39 18.18 -21.97 13.48
CA GLU D 39 17.59 -23.09 12.77
C GLU D 39 16.88 -24.02 13.74
N GLY D 40 17.54 -24.39 14.84
CA GLY D 40 16.89 -25.16 15.88
C GLY D 40 15.68 -24.46 16.48
N PHE D 41 15.79 -23.14 16.73
CA PHE D 41 14.65 -22.37 17.23
C PHE D 41 13.47 -22.40 16.25
N SER D 42 13.74 -22.15 14.96
CA SER D 42 12.69 -22.15 13.95
C SER D 42 12.04 -23.53 13.80
N GLN D 43 12.85 -24.58 13.75
CA GLN D 43 12.31 -25.93 13.65
C GLN D 43 11.50 -26.32 14.87
N ALA D 44 12.01 -26.03 16.07
CA ALA D 44 11.27 -26.45 17.28
C ALA D 44 9.91 -25.78 17.37
N ILE D 45 9.80 -24.50 17.00
CA ILE D 45 8.49 -23.85 17.00
C ILE D 45 7.53 -24.54 16.03
N LEU D 46 8.01 -24.83 14.82
CA LEU D 46 7.15 -25.39 13.79
C LEU D 46 6.78 -26.85 14.09
N ASP D 47 7.78 -27.67 14.40
CA ASP D 47 7.55 -29.10 14.52
C ASP D 47 6.96 -29.45 15.89
N GLN D 48 7.48 -28.84 16.95
CA GLN D 48 7.12 -29.21 18.32
C GLN D 48 5.96 -28.41 18.90
N LYS D 49 5.69 -27.20 18.38
CA LYS D 49 4.66 -26.29 18.85
C LYS D 49 4.67 -26.03 20.36
N PRO D 50 5.70 -25.34 20.86
CA PRO D 50 5.83 -25.09 22.31
C PRO D 50 4.72 -24.20 22.87
N HIS D 51 4.40 -24.41 24.15
CA HIS D 51 3.42 -23.57 24.84
C HIS D 51 4.03 -22.35 25.50
N LEU D 52 5.35 -22.29 25.67
CA LEU D 52 6.00 -21.12 26.23
C LEU D 52 7.41 -21.07 25.67
N ILE D 53 7.87 -19.86 25.35
CA ILE D 53 9.24 -19.61 24.95
C ILE D 53 9.93 -18.76 26.00
N LEU D 54 11.09 -19.23 26.46
CA LEU D 54 12.00 -18.49 27.34
C LEU D 54 13.27 -18.25 26.55
N SER D 55 13.65 -16.98 26.37
CA SER D 55 14.80 -16.71 25.52
C SER D 55 15.82 -15.84 26.24
N ASP D 56 17.08 -16.26 26.13
CA ASP D 56 18.28 -15.44 26.31
C ASP D 56 18.42 -14.41 25.20
N PHE D 57 19.04 -13.27 25.54
CA PHE D 57 19.29 -12.28 24.50
C PHE D 57 20.53 -12.58 23.65
N SER D 58 21.61 -13.07 24.25
CA SER D 58 22.90 -13.19 23.57
C SER D 58 23.39 -14.62 23.36
N LEU D 59 22.98 -15.22 22.27
CA LEU D 59 23.61 -16.51 22.00
C LEU D 59 24.58 -16.41 20.82
N PRO D 60 25.68 -17.16 20.82
CA PRO D 60 26.65 -16.97 19.74
C PRO D 60 25.91 -17.38 18.48
N LYS D 61 26.04 -16.61 17.40
CA LYS D 61 25.27 -16.85 16.18
C LYS D 61 23.77 -16.50 16.19
N TYR D 62 23.19 -16.05 17.32
CA TYR D 62 21.76 -15.78 17.36
C TYR D 62 21.47 -14.73 18.43
N ASP D 63 20.41 -13.96 18.23
CA ASP D 63 20.08 -12.92 19.19
C ASP D 63 18.59 -12.91 19.49
N GLY D 64 18.27 -12.53 20.72
CA GLY D 64 16.86 -12.45 21.11
C GLY D 64 16.02 -11.45 20.34
N PHE D 65 16.64 -10.41 19.73
CA PHE D 65 15.85 -9.53 18.86
C PHE D 65 15.37 -10.25 17.62
N SER D 66 16.24 -11.02 16.97
CA SER D 66 15.83 -11.82 15.83
C SER D 66 14.83 -12.91 16.24
N ALA D 67 15.05 -13.50 17.42
CA ALA D 67 14.13 -14.49 17.97
C ALA D 67 12.75 -13.91 18.23
N LEU D 68 12.68 -12.74 18.87
CA LEU D 68 11.38 -12.11 19.09
C LEU D 68 10.67 -11.80 17.78
N LYS D 69 11.36 -11.21 16.81
CA LYS D 69 10.72 -10.89 15.53
C LYS D 69 10.24 -12.14 14.80
N LEU D 70 11.05 -13.20 14.84
CA LEU D 70 10.66 -14.47 14.24
C LEU D 70 9.48 -15.11 14.97
N ALA D 71 9.54 -15.15 16.31
CA ALA D 71 8.44 -15.72 17.10
C ALA D 71 7.13 -15.00 16.84
N LYS D 72 7.15 -13.66 16.75
CA LYS D 72 5.93 -12.94 16.43
C LYS D 72 5.41 -13.24 15.03
N LYS D 73 6.30 -13.63 14.11
CA LYS D 73 5.86 -14.04 12.77
C LYS D 73 5.31 -15.45 12.72
N ILE D 74 5.94 -16.39 13.43
CA ILE D 74 5.56 -17.80 13.29
C ILE D 74 4.53 -18.23 14.33
N CYS D 75 4.66 -17.80 15.58
CA CYS D 75 3.76 -18.23 16.65
C CYS D 75 3.34 -17.04 17.49
N PRO D 76 2.56 -16.12 16.91
CA PRO D 76 2.24 -14.86 17.61
C PRO D 76 1.53 -15.03 18.94
N THR D 77 0.77 -16.10 19.13
CA THR D 77 0.03 -16.26 20.38
C THR D 77 0.83 -16.94 21.49
N THR D 78 1.97 -17.56 21.19
CA THR D 78 2.77 -18.19 22.25
C THR D 78 3.45 -17.14 23.11
N PRO D 79 3.25 -17.15 24.43
CA PRO D 79 3.97 -16.20 25.29
C PRO D 79 5.48 -16.37 25.15
N PHE D 80 6.17 -15.23 25.11
CA PHE D 80 7.62 -15.12 24.93
C PHE D 80 8.20 -14.30 26.06
N ILE D 81 9.01 -14.92 26.90
CA ILE D 81 9.62 -14.27 28.06
C ILE D 81 11.12 -14.24 27.81
N PHE D 82 11.73 -13.05 27.90
CA PHE D 82 13.18 -12.98 27.85
C PHE D 82 13.73 -13.29 29.22
N VAL D 83 14.80 -14.08 29.27
CA VAL D 83 15.54 -14.31 30.51
C VAL D 83 17.01 -14.07 30.22
N SER D 84 17.53 -12.88 30.52
CA SER D 84 18.91 -12.59 30.14
C SER D 84 19.67 -11.96 31.29
N GLY D 85 20.98 -12.23 31.35
CA GLY D 85 22.00 -11.58 32.17
C GLY D 85 22.77 -10.40 31.55
N THR D 86 22.55 -10.14 30.26
CA THR D 86 23.23 -9.11 29.49
C THR D 86 22.79 -7.66 29.67
N TYR D 87 21.71 -7.34 30.40
CA TYR D 87 21.42 -5.92 30.64
C TYR D 87 20.65 -5.70 31.94
N GLY D 88 20.48 -4.43 32.27
CA GLY D 88 19.64 -3.99 33.37
C GLY D 88 18.17 -3.83 33.07
N GLU D 89 17.44 -3.45 34.12
CA GLU D 89 16.01 -3.16 34.05
C GLU D 89 15.60 -2.06 33.07
N GLU D 90 16.42 -1.02 32.87
CA GLU D 90 16.03 0.01 31.91
C GLU D 90 15.89 -0.55 30.51
N ALA D 91 16.83 -1.41 30.13
CA ALA D 91 16.82 -2.11 28.84
C ALA D 91 15.69 -3.16 28.77
N ALA D 92 15.44 -3.83 29.90
CA ALA D 92 14.39 -4.83 30.05
C ALA D 92 12.97 -4.32 29.82
N ILE D 93 12.61 -3.14 30.33
CA ILE D 93 11.27 -2.58 30.08
C ILE D 93 11.03 -2.43 28.58
N GLN D 94 12.05 -1.99 27.85
CA GLN D 94 11.97 -1.74 26.41
C GLN D 94 11.56 -3.01 25.66
N THR D 95 12.08 -4.16 26.05
CA THR D 95 11.74 -5.43 25.42
C THR D 95 10.23 -5.71 25.47
N LEU D 96 9.55 -5.36 26.56
CA LEU D 96 8.10 -5.54 26.57
C LEU D 96 7.43 -4.72 25.47
N THR D 97 7.87 -3.48 25.23
CA THR D 97 7.32 -2.71 24.12
C THR D 97 7.55 -3.39 22.77
N MET D 98 8.64 -4.13 22.64
CA MET D 98 8.91 -4.91 21.44
C MET D 98 8.08 -6.18 21.40
N GLY D 99 7.23 -6.37 22.40
CA GLY D 99 6.27 -7.45 22.48
C GLY D 99 6.66 -8.68 23.27
N ALA D 100 7.71 -8.62 24.06
CA ALA D 100 7.89 -9.66 25.07
C ALA D 100 6.72 -9.67 26.04
N THR D 101 6.34 -10.87 26.47
CA THR D 101 5.25 -11.07 27.42
C THR D 101 5.66 -10.68 28.84
N ASP D 102 6.90 -11.03 29.21
CA ASP D 102 7.49 -10.69 30.50
C ASP D 102 9.00 -10.71 30.31
N TYR D 103 9.70 -10.13 31.29
CA TYR D 103 11.18 -10.07 31.34
C TYR D 103 11.81 -10.42 32.68
N VAL D 104 12.70 -11.40 32.71
CA VAL D 104 13.30 -11.83 33.98
C VAL D 104 14.82 -11.63 33.83
N LEU D 105 15.44 -10.98 34.82
CA LEU D 105 16.91 -10.83 34.84
C LEU D 105 17.60 -12.05 35.45
N LYS D 106 18.68 -12.51 34.81
CA LYS D 106 19.42 -13.64 35.38
C LYS D 106 19.94 -13.36 36.79
N ASP D 107 20.34 -12.12 37.07
CA ASP D 107 20.74 -11.73 38.42
C ASP D 107 19.58 -11.68 39.41
N ARG D 108 18.33 -11.77 38.96
CA ARG D 108 17.15 -11.79 39.81
C ARG D 108 16.24 -12.97 39.43
N ILE D 109 16.82 -14.18 39.35
CA ILE D 109 16.13 -15.37 38.90
C ILE D 109 14.88 -15.72 39.71
N GLU D 110 14.76 -15.20 40.95
CA GLU D 110 13.53 -15.39 41.72
C GLU D 110 12.28 -14.91 41.00
N LYS D 111 12.41 -13.93 40.10
CA LYS D 111 11.25 -13.47 39.33
C LYS D 111 10.83 -14.44 38.23
N LEU D 112 11.66 -15.41 37.86
CA LEU D 112 11.27 -16.35 36.81
C LEU D 112 10.00 -17.11 37.18
N LEU D 113 9.90 -17.59 38.41
CA LEU D 113 8.77 -18.43 38.79
C LEU D 113 7.44 -17.70 38.71
N PRO D 114 7.26 -16.50 39.29
CA PRO D 114 6.02 -15.75 39.06
C PRO D 114 5.70 -15.46 37.60
N ALA D 115 6.71 -15.17 36.77
CA ALA D 115 6.45 -14.91 35.36
C ALA D 115 5.92 -16.14 34.64
N VAL D 116 6.54 -17.29 34.86
CA VAL D 116 6.06 -18.53 34.26
C VAL D 116 4.66 -18.91 34.77
N GLN D 117 4.46 -18.82 36.09
CA GLN D 117 3.15 -19.14 36.68
C GLN D 117 2.03 -18.25 36.13
N ARG D 118 2.29 -16.95 36.00
CA ARG D 118 1.28 -16.06 35.42
C ARG D 118 0.96 -16.52 34.00
N ALA D 119 1.99 -16.81 33.21
CA ALA D 119 1.81 -17.27 31.84
C ALA D 119 1.03 -18.59 31.78
N LEU D 120 1.31 -19.52 32.70
CA LEU D 120 0.60 -20.80 32.74
C LEU D 120 -0.85 -20.62 33.16
N HIS D 121 -1.10 -19.74 34.12
CA HIS D 121 -2.47 -19.45 34.54
C HIS D 121 -3.29 -18.93 33.36
N GLU D 122 -2.71 -18.04 32.55
CA GLU D 122 -3.38 -17.57 31.34
C GLU D 122 -3.64 -18.69 30.35
N LEU D 123 -2.71 -19.64 30.23
CA LEU D 123 -2.90 -20.80 29.36
C LEU D 123 -4.03 -21.71 29.88
N GLU D 124 -4.01 -21.99 31.19
CA GLU D 124 -5.06 -22.77 31.84
C GLU D 124 -6.43 -22.11 31.69
N ASP D 125 -6.50 -20.79 31.89
CA ASP D 125 -7.74 -20.05 31.73
C ASP D 125 -8.34 -20.22 30.35
N HIS D 126 -7.50 -20.21 29.31
CA HIS D 126 -8.03 -20.42 27.97
C HIS D 126 -8.60 -21.82 27.82
N GLU D 127 -7.88 -22.83 28.34
CA GLU D 127 -8.38 -24.19 28.34
C GLU D 127 -9.67 -24.36 29.13
N LEU D 128 -9.75 -23.72 30.31
CA LEU D 128 -10.99 -23.79 31.08
C LEU D 128 -12.19 -23.24 30.32
N ARG D 129 -12.02 -22.12 29.61
CA ARG D 129 -13.11 -21.57 28.80
C ARG D 129 -13.55 -22.55 27.71
N ILE D 130 -12.59 -23.12 26.98
CA ILE D 130 -12.91 -24.10 25.96
C ILE D 130 -13.64 -25.29 26.57
N LYS D 131 -13.20 -25.75 27.74
CA LYS D 131 -13.84 -26.87 28.42
C LYS D 131 -15.29 -26.55 28.80
N ALA D 132 -15.52 -25.36 29.37
CA ALA D 132 -16.89 -24.97 29.74
C ALA D 132 -17.80 -24.89 28.53
N GLU D 133 -17.29 -24.39 27.40
CA GLU D 133 -18.09 -24.35 26.17
C GLU D 133 -18.40 -25.76 25.70
N LYS D 134 -17.42 -26.66 25.77
CA LYS D 134 -17.66 -28.06 25.43
C LYS D 134 -18.70 -28.68 26.36
N GLU D 135 -18.56 -28.48 27.66
CA GLU D 135 -19.56 -28.99 28.61
C GLU D 135 -20.95 -28.40 28.38
N ARG D 136 -21.05 -27.11 28.10
CA ARG D 136 -22.36 -26.52 27.80
C ARG D 136 -22.98 -27.16 26.57
N TYR D 137 -22.18 -27.33 25.52
CA TYR D 137 -22.66 -27.95 24.30
C TYR D 137 -23.13 -29.39 24.54
N GLU D 138 -22.37 -30.16 25.32
CA GLU D 138 -22.78 -31.52 25.68
C GLU D 138 -24.07 -31.55 26.49
N LEU D 139 -24.22 -30.64 27.46
CA LEU D 139 -25.45 -30.58 28.24
C LEU D 139 -26.66 -30.22 27.39
N GLU D 140 -26.49 -29.27 26.47
CA GLU D 140 -27.56 -28.94 25.54
C GLU D 140 -27.96 -30.14 24.68
N GLU D 141 -26.97 -30.90 24.21
CA GLU D 141 -27.23 -32.10 23.41
C GLU D 141 -27.88 -33.22 24.21
N GLN D 142 -27.48 -33.39 25.47
CA GLN D 142 -28.16 -34.34 26.35
C GLN D 142 -29.63 -33.99 26.61
N LEU D 143 -29.92 -32.71 26.85
CA LEU D 143 -31.31 -32.27 27.05
C LEU D 143 -32.19 -32.51 25.83
N ARG D 144 -31.68 -32.22 24.63
CA ARG D 144 -32.42 -32.51 23.41
C ARG D 144 -32.75 -33.98 23.22
N GLN D 145 -31.81 -34.88 23.52
CA GLN D 145 -32.14 -36.30 23.44
C GLN D 145 -33.19 -36.69 24.47
N SER D 146 -33.10 -36.16 25.69
CA SER D 146 -34.11 -36.45 26.69
C SER D 146 -35.47 -35.89 26.27
N GLN D 147 -35.51 -34.68 25.75
CA GLN D 147 -36.75 -34.12 25.22
C GLN D 147 -37.31 -34.91 24.04
N LYS D 148 -36.44 -35.41 23.15
CA LYS D 148 -36.89 -36.30 22.06
C LYS D 148 -37.50 -37.61 22.58
N LEU D 149 -36.83 -38.24 23.54
CA LEU D 149 -37.30 -39.50 24.11
C LEU D 149 -38.59 -39.35 24.91
N GLU D 150 -38.73 -38.24 25.62
CA GLU D 150 -39.96 -37.95 26.33
C GLU D 150 -41.15 -37.80 25.37
N ALA D 151 -40.95 -37.06 24.28
CA ALA D 151 -41.98 -36.96 23.24
C ALA D 151 -42.33 -38.30 22.60
N MET D 152 -41.35 -39.17 22.34
CA MET D 152 -41.67 -40.52 21.86
C MET D 152 -42.48 -41.31 22.87
N GLY D 153 -42.13 -41.17 24.15
CA GLY D 153 -42.82 -41.88 25.21
C GLY D 153 -44.26 -41.44 25.39
N VAL D 154 -44.50 -40.13 25.35
CA VAL D 154 -45.86 -39.62 25.42
C VAL D 154 -46.71 -40.10 24.25
N MET D 155 -46.15 -40.10 23.03
CA MET D 155 -46.96 -40.64 21.94
C MET D 155 -47.20 -42.14 22.10
N ALA D 156 -46.21 -42.89 22.56
CA ALA D 156 -46.40 -44.31 22.82
C ALA D 156 -47.39 -44.56 23.96
N GLY D 157 -47.32 -43.73 25.01
CA GLY D 157 -48.25 -43.80 26.13
C GLY D 157 -49.70 -43.48 25.82
N THR D 158 -49.95 -42.39 25.09
CA THR D 158 -51.32 -42.02 24.75
C THR D 158 -51.98 -43.01 23.81
N MET D 159 -51.24 -43.56 22.86
CA MET D 159 -51.86 -44.54 21.99
C MET D 159 -52.20 -45.84 22.72
N ALA D 160 -51.34 -46.32 23.62
CA ALA D 160 -51.70 -47.45 24.47
C ALA D 160 -52.91 -47.21 25.38
N HIS D 161 -53.01 -46.01 25.96
CA HIS D 161 -54.15 -45.68 26.82
C HIS D 161 -55.48 -45.59 26.08
N GLU D 162 -55.52 -45.00 24.90
CA GLU D 162 -56.78 -44.93 24.15
C GLU D 162 -57.25 -46.29 23.62
N ILE D 163 -56.31 -47.20 23.37
CA ILE D 163 -56.52 -48.60 22.97
C ILE D 163 -56.91 -49.60 24.08
N ASN D 164 -56.40 -49.45 25.30
CA ASN D 164 -56.66 -50.47 26.31
C ASN D 164 -58.15 -50.66 26.62
N ASN D 165 -58.93 -49.59 26.65
CA ASN D 165 -60.36 -49.80 26.91
C ASN D 165 -61.01 -50.72 25.88
N PRO D 166 -60.91 -50.47 24.56
CA PRO D 166 -61.48 -51.43 23.60
C PRO D 166 -60.79 -52.78 23.58
N LEU D 167 -59.49 -52.86 23.88
CA LEU D 167 -58.84 -54.17 23.95
C LEU D 167 -59.41 -55.01 25.07
N ILE D 168 -59.66 -54.39 26.23
CA ILE D 168 -60.31 -55.07 27.33
C ILE D 168 -61.71 -55.54 26.92
N ALA D 169 -62.49 -54.65 26.33
CA ALA D 169 -63.83 -55.01 25.88
C ALA D 169 -63.85 -56.13 24.84
N ILE D 170 -62.95 -56.08 23.84
CA ILE D 170 -62.86 -57.15 22.86
C ILE D 170 -62.56 -58.50 23.51
N SER D 171 -61.59 -58.53 24.41
CA SER D 171 -61.23 -59.80 25.06
C SER D 171 -62.33 -60.32 25.97
N GLU D 172 -63.00 -59.41 26.68
CA GLU D 172 -64.13 -59.80 27.51
C GLU D 172 -65.31 -60.34 26.70
N TYR D 173 -65.71 -59.65 25.64
CA TYR D 173 -66.79 -60.16 24.80
C TYR D 173 -66.43 -61.50 24.17
N ALA D 174 -65.20 -61.64 23.67
CA ALA D 174 -64.76 -62.89 23.08
C ALA D 174 -64.72 -64.03 24.10
N ALA D 175 -64.29 -63.73 25.33
CA ALA D 175 -64.26 -64.74 26.37
C ALA D 175 -65.66 -65.23 26.72
N MET D 176 -66.65 -64.34 26.77
CA MET D 176 -68.01 -64.79 27.03
C MET D 176 -68.53 -65.72 25.93
N ILE D 177 -68.30 -65.40 24.68
CA ILE D 177 -68.70 -66.29 23.59
C ILE D 177 -67.95 -67.63 23.63
N ALA D 178 -66.62 -67.58 23.80
CA ALA D 178 -65.85 -68.83 23.75
C ALA D 178 -66.17 -69.76 24.91
N LYS D 179 -66.44 -69.20 26.08
CA LYS D 179 -66.84 -69.94 27.26
C LYS D 179 -68.26 -70.47 27.21
N GLY D 180 -69.06 -70.05 26.23
CA GLY D 180 -70.45 -70.45 26.17
C GLY D 180 -71.33 -69.83 27.23
N GLU D 181 -70.90 -68.73 27.84
CA GLU D 181 -71.72 -68.11 28.87
C GLU D 181 -72.88 -67.31 28.28
N VAL D 182 -73.02 -67.28 26.95
CA VAL D 182 -74.02 -66.48 26.26
C VAL D 182 -74.72 -67.39 25.25
N ASP D 183 -76.04 -67.25 25.14
CA ASP D 183 -76.74 -67.97 24.10
C ASP D 183 -76.28 -67.49 22.72
N SER D 184 -76.64 -68.26 21.69
CA SER D 184 -76.20 -67.97 20.33
C SER D 184 -76.59 -66.57 19.87
N GLU D 185 -77.71 -66.04 20.37
CA GLU D 185 -78.21 -64.73 19.92
C GLU D 185 -77.52 -63.56 20.61
N LYS D 186 -77.26 -63.66 21.92
CA LYS D 186 -76.41 -62.68 22.60
C LYS D 186 -74.99 -62.69 22.04
N ALA D 187 -74.48 -63.86 21.68
CA ALA D 187 -73.17 -63.97 21.07
C ALA D 187 -73.06 -63.21 19.75
N LYS D 188 -74.09 -63.26 18.92
CA LYS D 188 -74.09 -62.44 17.71
C LYS D 188 -74.03 -60.95 18.06
N GLN D 189 -74.79 -60.53 19.08
CA GLN D 189 -74.75 -59.15 19.52
C GLN D 189 -73.36 -58.78 20.06
N LEU D 190 -72.76 -59.67 20.86
CA LEU D 190 -71.42 -59.43 21.36
C LEU D 190 -70.40 -59.37 20.23
N ALA D 191 -70.56 -60.24 19.22
CA ALA D 191 -69.69 -60.17 18.05
C ALA D 191 -69.81 -58.83 17.34
N SER D 192 -71.00 -58.26 17.27
CA SER D 192 -71.13 -56.91 16.72
C SER D 192 -70.37 -55.89 17.57
N LYS D 193 -70.50 -55.97 18.89
CA LYS D 193 -69.75 -55.04 19.74
C LYS D 193 -68.25 -55.17 19.52
N ILE D 194 -67.74 -56.40 19.35
CA ILE D 194 -66.33 -56.62 19.02
C ILE D 194 -65.97 -55.92 17.72
N ARG D 195 -66.84 -56.03 16.70
CA ARG D 195 -66.55 -55.34 15.45
C ARG D 195 -66.48 -53.84 15.68
N ASP D 196 -67.38 -53.30 16.50
CA ASP D 196 -67.40 -51.87 16.75
C ASP D 196 -66.15 -51.43 17.51
N GLU D 197 -65.72 -52.21 18.51
CA GLU D 197 -64.46 -51.89 19.20
C GLU D 197 -63.24 -52.05 18.30
N SER D 198 -63.22 -53.03 17.39
CA SER D 198 -62.09 -53.12 16.48
C SER D 198 -62.02 -51.95 15.51
N ALA D 199 -63.18 -51.49 15.01
CA ALA D 199 -63.20 -50.30 14.17
C ALA D 199 -62.82 -49.05 14.95
N ARG D 200 -63.22 -48.98 16.22
CA ARG D 200 -62.81 -47.88 17.09
C ARG D 200 -61.31 -47.81 17.26
N ILE D 201 -60.66 -48.93 17.58
CA ILE D 201 -59.20 -48.92 17.67
C ILE D 201 -58.56 -48.45 16.36
N SER D 202 -59.03 -48.97 15.22
CA SER D 202 -58.48 -48.55 13.93
C SER D 202 -58.67 -47.06 13.64
N THR D 203 -59.80 -46.50 14.05
CA THR D 203 -60.01 -45.06 13.84
C THR D 203 -59.14 -44.23 14.78
N ILE D 204 -59.05 -44.64 16.05
CA ILE D 204 -58.19 -43.96 17.00
C ILE D 204 -56.73 -43.96 16.52
N MET D 205 -56.22 -45.12 16.10
CA MET D 205 -54.85 -45.16 15.58
C MET D 205 -54.66 -44.32 14.31
N LYS D 206 -55.61 -44.40 13.37
CA LYS D 206 -55.50 -43.59 12.15
C LYS D 206 -55.57 -42.11 12.45
N ASN D 207 -56.45 -41.69 13.36
CA ASN D 207 -56.51 -40.27 13.69
C ASN D 207 -55.24 -39.80 14.40
N LEU D 208 -54.69 -40.61 15.30
CA LEU D 208 -53.40 -40.28 15.92
C LEU D 208 -52.28 -40.24 14.89
N LEU D 209 -52.21 -41.26 14.03
CA LEU D 209 -51.17 -41.31 13.00
C LEU D 209 -51.32 -40.18 11.99
N ARG D 210 -52.55 -39.75 11.72
CA ARG D 210 -52.73 -38.61 10.83
C ARG D 210 -52.32 -37.31 11.50
N PHE D 211 -52.46 -37.22 12.83
CA PHE D 211 -51.93 -36.07 13.53
C PHE D 211 -50.41 -36.10 13.57
N SER D 212 -49.80 -37.29 13.62
CA SER D 212 -48.35 -37.22 13.67
C SER D 212 -47.76 -37.08 12.27
N ARG D 213 -48.55 -37.38 11.24
CA ARG D 213 -48.15 -37.30 9.84
C ARG D 213 -48.36 -35.90 9.25
N ASP D 214 -48.48 -34.87 10.08
CA ASP D 214 -48.92 -33.55 9.61
C ASP D 214 -48.07 -33.13 8.42
N ASP D 215 -48.76 -32.81 7.31
CA ASP D 215 -48.14 -32.77 5.99
C ASP D 215 -46.84 -31.98 6.00
N LYS D 216 -45.75 -32.67 5.69
CA LYS D 216 -44.42 -32.07 5.73
C LYS D 216 -44.30 -31.03 4.63
N GLY D 217 -45.33 -30.92 3.80
CA GLY D 217 -45.31 -29.95 2.73
C GLY D 217 -45.19 -30.62 1.37
N SER D 218 -45.65 -29.89 0.36
CA SER D 218 -45.35 -30.22 -1.03
C SER D 218 -43.86 -30.07 -1.32
N LEU D 219 -43.38 -30.89 -2.25
CA LEU D 219 -42.08 -30.71 -2.87
C LEU D 219 -42.02 -29.41 -3.67
N TYR D 220 -40.90 -28.71 -3.56
CA TYR D 220 -40.60 -27.50 -4.33
C TYR D 220 -39.20 -27.57 -4.88
N PRO D 221 -38.93 -26.85 -5.97
CA PRO D 221 -37.57 -26.80 -6.51
C PRO D 221 -36.64 -26.11 -5.51
N VAL D 222 -35.55 -26.79 -5.17
CA VAL D 222 -34.54 -26.19 -4.32
C VAL D 222 -33.23 -26.30 -5.04
N GLU D 223 -32.47 -25.20 -5.02
CA GLU D 223 -31.14 -25.17 -5.61
C GLU D 223 -30.16 -26.00 -4.79
N VAL D 224 -29.41 -26.86 -5.47
CA VAL D 224 -28.47 -27.75 -4.79
C VAL D 224 -27.47 -26.92 -3.97
N GLY D 225 -27.07 -25.76 -4.51
CA GLY D 225 -26.11 -24.94 -3.80
C GLY D 225 -26.65 -24.42 -2.49
N GLU D 226 -27.96 -24.12 -2.41
CA GLU D 226 -28.47 -23.64 -1.14
C GLU D 226 -28.37 -24.74 -0.08
N ILE D 227 -28.61 -25.99 -0.49
CA ILE D 227 -28.49 -27.10 0.43
C ILE D 227 -27.06 -27.25 0.95
N LEU D 228 -26.08 -27.13 0.06
CA LEU D 228 -24.70 -27.30 0.50
C LEU D 228 -24.24 -26.18 1.40
N VAL D 229 -24.59 -24.92 1.09
CA VAL D 229 -24.23 -23.82 1.99
C VAL D 229 -24.88 -23.97 3.35
N LYS D 230 -26.16 -24.36 3.37
CA LYS D 230 -26.82 -24.59 4.65
C LYS D 230 -26.19 -25.73 5.43
N LEU D 231 -25.85 -26.85 4.77
CA LEU D 231 -25.15 -27.92 5.47
C LEU D 231 -23.83 -27.45 6.06
N GLU D 232 -23.04 -26.71 5.29
CA GLU D 232 -21.79 -26.14 5.80
C GLU D 232 -22.04 -25.28 7.05
N SER D 233 -22.96 -24.32 6.96
CA SER D 233 -23.24 -23.46 8.10
C SER D 233 -23.67 -24.22 9.37
N ILE D 234 -24.40 -25.32 9.21
CA ILE D 234 -24.90 -26.09 10.35
C ILE D 234 -23.83 -26.98 10.97
N THR D 235 -22.87 -27.47 10.18
CA THR D 235 -21.97 -28.47 10.67
C THR D 235 -20.64 -27.89 11.16
N GLN D 236 -20.32 -26.63 10.82
CA GLN D 236 -19.09 -25.99 11.30
C GLN D 236 -18.91 -26.09 12.82
N GLN D 237 -19.97 -25.81 13.59
CA GLN D 237 -19.86 -25.89 15.04
C GLN D 237 -19.69 -27.33 15.53
N ILE D 238 -20.33 -28.28 14.85
CA ILE D 238 -20.18 -29.69 15.21
C ILE D 238 -18.73 -30.16 15.03
N PHE D 239 -18.15 -29.86 13.88
CA PHE D 239 -16.77 -30.27 13.61
C PHE D 239 -15.77 -29.60 14.56
N LYS D 240 -15.94 -28.32 14.83
CA LYS D 240 -15.05 -27.66 15.78
C LYS D 240 -15.12 -28.26 17.18
N MET D 241 -16.33 -28.50 17.68
CA MET D 241 -16.47 -29.07 19.03
C MET D 241 -15.92 -30.49 19.14
N ASN D 242 -16.05 -31.29 18.09
CA ASN D 242 -15.56 -32.66 18.08
C ASN D 242 -14.13 -32.79 17.57
N ARG D 243 -13.49 -31.67 17.24
CA ARG D 243 -12.13 -31.60 16.70
C ARG D 243 -11.91 -32.44 15.45
N ILE D 244 -12.87 -32.38 14.52
CA ILE D 244 -12.81 -33.10 13.25
C ILE D 244 -12.34 -32.14 12.18
N ASP D 245 -11.38 -32.55 11.37
CA ASP D 245 -11.01 -31.75 10.19
C ASP D 245 -11.92 -32.09 9.02
N ALA D 246 -12.70 -31.12 8.53
CA ALA D 246 -13.68 -31.41 7.49
C ALA D 246 -13.30 -30.66 6.22
N SER D 247 -13.02 -31.40 5.15
CA SER D 247 -12.77 -30.90 3.80
C SER D 247 -13.94 -31.21 2.89
N TRP D 248 -13.91 -30.60 1.70
CA TRP D 248 -14.94 -30.77 0.69
C TRP D 248 -14.11 -31.31 -0.47
N LYS D 249 -14.57 -32.40 -1.09
CA LYS D 249 -13.89 -32.93 -2.27
C LYS D 249 -14.42 -32.39 -3.58
N ASN D 250 -15.70 -32.10 -3.65
CA ASN D 250 -16.23 -31.60 -4.90
C ASN D 250 -17.61 -31.04 -4.61
N VAL D 251 -18.01 -30.06 -5.41
CA VAL D 251 -19.38 -29.57 -5.35
C VAL D 251 -19.91 -29.58 -6.77
N GLU D 252 -21.24 -29.65 -6.91
CA GLU D 252 -21.85 -29.50 -8.22
C GLU D 252 -23.16 -28.69 -8.21
N PRO D 253 -23.14 -27.56 -7.52
CA PRO D 253 -24.29 -26.64 -7.50
C PRO D 253 -24.71 -26.19 -8.90
N GLY D 254 -25.93 -25.71 -8.97
CA GLY D 254 -26.49 -25.13 -10.18
C GLY D 254 -27.47 -26.02 -10.87
N HIS D 255 -27.82 -27.09 -10.21
CA HIS D 255 -28.89 -27.99 -10.55
C HIS D 255 -29.92 -27.85 -9.44
N SER D 256 -31.14 -28.24 -9.72
CA SER D 256 -32.17 -28.14 -8.70
C SER D 256 -32.71 -29.55 -8.47
N ILE D 257 -33.22 -29.77 -7.27
CA ILE D 257 -33.93 -30.99 -6.95
C ILE D 257 -35.30 -30.59 -6.45
N GLN D 258 -36.29 -31.42 -6.75
CA GLN D 258 -37.63 -31.31 -6.18
C GLN D 258 -37.59 -31.95 -4.81
N CYS D 259 -37.62 -31.15 -3.76
CA CYS D 259 -37.50 -31.69 -2.42
C CYS D 259 -38.25 -30.83 -1.42
N ARG D 260 -38.42 -31.38 -0.22
CA ARG D 260 -38.68 -30.61 1.00
C ARG D 260 -37.30 -30.37 1.62
N GLU D 261 -36.78 -29.14 1.45
CA GLU D 261 -35.41 -28.81 1.85
C GLU D 261 -35.05 -29.19 3.28
N GLY D 262 -35.92 -28.94 4.25
CA GLY D 262 -35.63 -29.30 5.63
C GLY D 262 -35.40 -30.79 5.83
N GLN D 263 -36.11 -31.62 5.05
CA GLN D 263 -35.97 -33.07 5.13
C GLN D 263 -34.66 -33.54 4.50
N ILE D 264 -34.23 -32.91 3.42
CA ILE D 264 -32.91 -33.23 2.87
C ILE D 264 -31.84 -32.91 3.90
N LEU D 265 -31.91 -31.72 4.51
CA LEU D 265 -31.00 -31.37 5.59
C LEU D 265 -31.08 -32.32 6.78
N GLN D 266 -32.24 -32.92 7.05
CA GLN D 266 -32.31 -33.93 8.10
C GLN D 266 -31.49 -35.17 7.76
N ILE D 267 -31.57 -35.64 6.52
CA ILE D 267 -30.73 -36.75 6.08
C ILE D 267 -29.26 -36.43 6.27
N LEU D 268 -28.81 -35.32 5.71
CA LEU D 268 -27.38 -35.00 5.75
C LEU D 268 -26.91 -34.87 7.18
N LEU D 269 -27.69 -34.18 8.01
CA LEU D 269 -27.37 -34.05 9.43
C LEU D 269 -27.40 -35.40 10.14
N ASN D 270 -28.33 -36.28 9.75
CA ASN D 270 -28.33 -37.61 10.35
C ASN D 270 -27.07 -38.38 9.98
N LEU D 271 -26.64 -38.30 8.73
CA LEU D 271 -25.39 -38.93 8.32
C LEU D 271 -24.17 -38.30 9.02
N VAL D 272 -24.14 -36.96 9.11
CA VAL D 272 -23.08 -36.27 9.84
C VAL D 272 -22.99 -36.72 11.30
N ASN D 273 -24.13 -36.82 11.98
CA ASN D 273 -24.10 -37.25 13.38
C ASN D 273 -23.52 -38.66 13.49
N ASN D 274 -23.89 -39.56 12.57
CA ASN D 274 -23.31 -40.89 12.56
C ASN D 274 -21.79 -40.87 12.34
N ALA D 275 -21.32 -40.03 11.44
CA ALA D 275 -19.88 -39.89 11.23
C ALA D 275 -19.19 -39.38 12.48
N VAL D 276 -19.74 -38.36 13.12
CA VAL D 276 -19.14 -37.82 14.35
C VAL D 276 -19.05 -38.90 15.42
N ASP D 277 -20.11 -39.69 15.60
CA ASP D 277 -20.06 -40.77 16.58
C ASP D 277 -19.00 -41.81 16.25
N SER D 278 -18.90 -42.20 14.97
CA SER D 278 -17.84 -43.13 14.55
C SER D 278 -16.45 -42.56 14.81
N LEU D 279 -16.22 -41.28 14.51
CA LEU D 279 -14.93 -40.65 14.76
C LEU D 279 -14.59 -40.55 16.25
N ASN D 280 -15.56 -40.17 17.09
CA ASN D 280 -15.26 -40.07 18.52
C ASN D 280 -14.96 -41.43 19.14
N GLN D 281 -15.59 -42.50 18.64
CA GLN D 281 -15.27 -43.83 19.13
C GLN D 281 -13.86 -44.24 18.73
N LYS D 282 -13.44 -43.90 17.52
CA LYS D 282 -12.09 -44.20 17.04
C LYS D 282 -11.03 -43.26 17.60
N TYR D 283 -11.33 -41.96 17.74
CA TYR D 283 -10.34 -40.99 18.21
C TYR D 283 -10.84 -40.24 19.44
N PRO D 284 -10.66 -40.84 20.63
CA PRO D 284 -11.10 -40.16 21.86
C PRO D 284 -10.38 -38.85 22.14
N GLU D 285 -9.13 -38.71 21.70
CA GLU D 285 -8.39 -37.47 21.84
C GLU D 285 -8.27 -36.77 20.49
N TYR D 286 -7.44 -35.73 20.44
CA TYR D 286 -7.19 -35.07 19.17
C TYR D 286 -6.33 -35.93 18.25
N ASP D 287 -6.77 -36.07 17.00
CA ASP D 287 -5.98 -36.80 16.01
C ASP D 287 -6.13 -36.14 14.65
N THR D 288 -5.03 -36.10 13.91
CA THR D 288 -5.00 -35.56 12.55
C THR D 288 -5.78 -36.37 11.55
N GLU D 289 -5.99 -37.67 11.81
CA GLU D 289 -6.78 -38.54 10.95
C GLU D 289 -8.27 -38.54 11.26
N LYS D 290 -8.71 -37.77 12.25
CA LYS D 290 -10.10 -37.61 12.61
C LYS D 290 -10.72 -36.66 11.60
N ARG D 291 -10.87 -37.16 10.38
CA ARG D 291 -11.28 -36.37 9.23
C ARG D 291 -12.59 -36.87 8.63
N ILE D 292 -13.29 -35.94 7.98
CA ILE D 292 -14.52 -36.18 7.25
C ILE D 292 -14.41 -35.50 5.90
N ILE D 293 -14.90 -36.18 4.87
CA ILE D 293 -14.97 -35.67 3.50
C ILE D 293 -16.45 -35.59 3.12
N LEU D 294 -16.86 -34.41 2.68
CA LEU D 294 -18.20 -34.07 2.21
C LEU D 294 -18.11 -33.66 0.75
N GLU D 295 -18.86 -34.34 -0.11
CA GLU D 295 -18.78 -34.03 -1.52
C GLU D 295 -20.20 -33.95 -2.07
N ASN D 296 -20.39 -33.14 -3.12
CA ASN D 296 -21.56 -33.25 -3.97
C ASN D 296 -21.11 -33.46 -5.41
N SER D 297 -21.94 -34.18 -6.15
CA SER D 297 -21.67 -34.52 -7.54
C SER D 297 -22.98 -34.81 -8.26
N ILE D 298 -22.92 -34.83 -9.58
CA ILE D 298 -24.02 -35.32 -10.42
C ILE D 298 -23.66 -36.76 -10.76
N VAL D 299 -24.58 -37.68 -10.48
CA VAL D 299 -24.41 -39.10 -10.80
C VAL D 299 -25.49 -39.54 -11.78
N GLU D 300 -25.08 -40.45 -12.65
CA GLU D 300 -25.92 -41.07 -13.66
C GLU D 300 -26.15 -42.55 -13.41
N GLU D 301 -27.43 -42.94 -13.44
CA GLU D 301 -27.79 -44.34 -13.26
C GLU D 301 -28.80 -44.51 -14.37
N ASN D 302 -28.55 -45.51 -15.19
CA ASN D 302 -29.38 -45.80 -16.34
C ASN D 302 -29.59 -44.54 -17.19
N HIS D 303 -28.51 -43.77 -17.39
CA HIS D 303 -28.59 -42.50 -18.14
C HIS D 303 -29.52 -41.47 -17.51
N LYS D 304 -29.85 -41.59 -16.23
CA LYS D 304 -30.63 -40.59 -15.52
C LYS D 304 -29.73 -39.94 -14.48
N LYS D 305 -29.85 -38.61 -14.37
CA LYS D 305 -29.08 -37.84 -13.40
C LYS D 305 -29.71 -37.63 -12.03
N TYR D 306 -28.86 -37.77 -11.03
CA TYR D 306 -29.15 -37.59 -9.61
C TYR D 306 -28.16 -36.60 -9.03
N ALA D 307 -28.64 -35.76 -8.12
CA ALA D 307 -27.76 -35.05 -7.21
C ALA D 307 -27.35 -36.00 -6.08
N GLU D 308 -26.05 -36.25 -5.97
CA GLU D 308 -25.46 -37.03 -4.89
C GLU D 308 -24.85 -36.14 -3.82
N PHE D 309 -25.33 -36.30 -2.58
CA PHE D 309 -24.69 -35.73 -1.41
C PHE D 309 -23.97 -36.88 -0.71
N SER D 310 -22.66 -36.75 -0.53
CA SER D 310 -21.83 -37.82 0.04
C SER D 310 -21.13 -37.37 1.30
N ILE D 311 -21.13 -38.23 2.32
CA ILE D 311 -20.42 -37.99 3.59
C ILE D 311 -19.51 -39.16 3.92
N GLN D 312 -18.20 -38.95 3.87
CA GLN D 312 -17.24 -40.00 4.17
C GLN D 312 -16.48 -39.63 5.43
N ASP D 313 -16.55 -40.49 6.44
CA ASP D 313 -15.75 -40.38 7.65
C ASP D 313 -14.69 -41.47 7.68
N PHE D 314 -13.56 -41.19 8.32
CA PHE D 314 -12.54 -42.22 8.46
C PHE D 314 -12.51 -42.82 9.85
N GLY D 315 -13.66 -42.89 10.52
CA GLY D 315 -13.70 -43.48 11.85
C GLY D 315 -13.79 -44.98 11.75
N THR D 316 -14.55 -45.57 12.66
CA THR D 316 -14.62 -47.02 12.74
C THR D 316 -15.49 -47.49 11.59
N GLY D 317 -15.01 -48.46 10.85
CA GLY D 317 -15.67 -48.95 9.65
C GLY D 317 -17.00 -49.54 10.10
N ILE D 318 -17.83 -50.00 9.16
CA ILE D 318 -19.09 -50.62 9.54
C ILE D 318 -18.85 -52.13 9.45
N PRO D 319 -18.92 -52.88 10.56
CA PRO D 319 -18.79 -54.34 10.54
C PRO D 319 -19.73 -55.09 9.60
N ILE D 320 -19.17 -56.11 8.95
CA ILE D 320 -19.87 -56.83 7.89
C ILE D 320 -21.15 -57.46 8.43
N ASP D 321 -21.11 -57.94 9.67
CA ASP D 321 -22.28 -58.58 10.28
C ASP D 321 -23.44 -57.61 10.48
N ILE D 322 -23.15 -56.33 10.73
CA ILE D 322 -24.23 -55.39 10.98
C ILE D 322 -24.67 -54.63 9.73
N GLN D 323 -23.87 -54.67 8.67
CA GLN D 323 -24.16 -53.90 7.45
C GLN D 323 -25.56 -54.15 6.92
N LYS D 324 -26.06 -55.38 7.06
CA LYS D 324 -27.41 -55.71 6.63
C LYS D 324 -28.50 -55.14 7.53
N SER D 325 -28.15 -54.65 8.72
CA SER D 325 -29.15 -54.23 9.70
C SER D 325 -29.19 -52.73 10.01
N ILE D 326 -28.21 -51.95 9.55
CA ILE D 326 -28.12 -50.54 9.94
C ILE D 326 -29.30 -49.66 9.52
N PHE D 327 -30.07 -50.04 8.51
CA PHE D 327 -31.25 -49.27 8.14
C PHE D 327 -32.54 -49.75 8.79
N LYS D 328 -32.51 -50.83 9.57
CA LYS D 328 -33.74 -51.21 10.25
C LYS D 328 -34.08 -50.21 11.34
N THR D 329 -35.37 -49.89 11.43
CA THR D 329 -35.87 -49.01 12.48
C THR D 329 -35.50 -49.54 13.85
N PHE D 330 -35.04 -48.63 14.71
CA PHE D 330 -34.60 -48.88 16.08
C PHE D 330 -33.32 -49.71 16.18
N PHE D 331 -32.65 -50.02 15.08
CA PHE D 331 -31.37 -50.72 15.18
C PHE D 331 -30.27 -49.74 15.58
N THR D 332 -29.62 -50.01 16.70
CA THR D 332 -28.52 -49.16 17.14
C THR D 332 -27.49 -49.99 17.88
N THR D 333 -26.21 -49.66 17.67
CA THR D 333 -25.15 -50.22 18.50
C THR D 333 -24.80 -49.27 19.64
N LYS D 334 -25.33 -48.06 19.61
CA LYS D 334 -25.14 -47.07 20.64
C LYS D 334 -26.06 -47.34 21.83
N SER D 335 -25.62 -46.93 23.02
CA SER D 335 -26.46 -47.03 24.21
C SER D 335 -26.90 -45.66 24.70
N GLY D 339 -28.87 -44.23 22.15
CA GLY D 339 -29.06 -44.30 20.70
C GLY D 339 -30.47 -44.76 20.36
N THR D 340 -31.20 -43.95 19.59
CA THR D 340 -32.55 -44.33 19.20
C THR D 340 -32.63 -45.26 17.99
N GLY D 341 -31.55 -45.43 17.22
CA GLY D 341 -31.67 -46.27 16.05
C GLY D 341 -32.58 -45.75 14.96
N LEU D 342 -32.94 -44.47 14.98
CA LEU D 342 -33.88 -43.92 14.02
C LEU D 342 -33.26 -43.14 12.87
N GLY D 343 -31.99 -42.73 12.98
CA GLY D 343 -31.39 -41.89 11.96
C GLY D 343 -31.45 -42.45 10.55
N LEU D 344 -30.87 -43.63 10.36
CA LEU D 344 -30.81 -44.23 9.02
C LEU D 344 -32.18 -44.69 8.51
N SER D 345 -33.05 -45.19 9.38
CA SER D 345 -34.37 -45.59 8.94
C SER D 345 -35.24 -44.41 8.49
N VAL D 346 -35.19 -43.29 9.22
CA VAL D 346 -35.90 -42.10 8.77
C VAL D 346 -35.31 -41.55 7.48
N SER D 347 -33.98 -41.45 7.42
CA SER D 347 -33.33 -40.98 6.20
C SER D 347 -33.64 -41.84 4.98
N LEU D 348 -33.68 -43.16 5.14
CA LEU D 348 -34.06 -44.01 4.02
C LEU D 348 -35.50 -43.77 3.58
N GLY D 349 -36.41 -43.60 4.53
CA GLY D 349 -37.79 -43.27 4.18
C GLY D 349 -37.92 -41.98 3.40
N ILE D 350 -37.27 -40.91 3.89
CA ILE D 350 -37.26 -39.61 3.21
C ILE D 350 -36.65 -39.69 1.81
N ALA D 351 -35.51 -40.38 1.67
CA ALA D 351 -34.89 -40.49 0.35
C ALA D 351 -35.82 -41.17 -0.65
N LYS D 352 -36.48 -42.26 -0.24
CA LYS D 352 -37.43 -42.94 -1.12
C LYS D 352 -38.65 -42.08 -1.43
N GLU D 353 -39.18 -41.37 -0.43
CA GLU D 353 -40.28 -40.45 -0.69
C GLU D 353 -39.91 -39.38 -1.71
N HIS D 354 -38.62 -39.09 -1.86
CA HIS D 354 -38.10 -38.14 -2.84
C HIS D 354 -37.67 -38.77 -4.15
N GLY D 355 -38.02 -40.03 -4.40
CA GLY D 355 -37.58 -40.72 -5.58
C GLY D 355 -36.11 -41.01 -5.62
N GLY D 356 -35.46 -40.93 -4.47
CA GLY D 356 -34.03 -41.12 -4.34
C GLY D 356 -33.61 -42.43 -3.71
N SER D 357 -32.31 -42.53 -3.44
CA SER D 357 -31.73 -43.66 -2.74
C SER D 357 -30.72 -43.16 -1.70
N LEU D 358 -30.55 -43.95 -0.64
CA LEU D 358 -29.50 -43.75 0.36
C LEU D 358 -28.68 -45.03 0.45
N ASN D 359 -27.38 -44.93 0.19
CA ASN D 359 -26.50 -46.08 0.08
C ASN D 359 -25.20 -45.85 0.85
N PHE D 360 -24.40 -46.91 0.96
CA PHE D 360 -23.13 -46.78 1.64
C PHE D 360 -22.11 -47.76 1.07
N GLU D 361 -20.85 -47.43 1.29
CA GLU D 361 -19.66 -48.24 1.08
C GLU D 361 -18.80 -48.16 2.35
N SER D 362 -18.25 -49.28 2.77
CA SER D 362 -17.41 -49.25 3.96
C SER D 362 -16.36 -50.34 3.94
N GLU D 363 -15.16 -49.97 4.36
CA GLU D 363 -14.10 -50.91 4.64
C GLU D 363 -13.85 -50.85 6.14
N PRO D 364 -14.04 -51.97 6.84
CA PRO D 364 -13.84 -52.00 8.30
C PRO D 364 -12.48 -51.48 8.74
N GLY D 365 -12.50 -50.62 9.75
CA GLY D 365 -11.32 -49.99 10.30
C GLY D 365 -10.73 -48.85 9.50
N ARG D 366 -11.23 -48.58 8.30
CA ARG D 366 -10.68 -47.52 7.46
C ARG D 366 -11.66 -46.37 7.27
N TYR D 367 -12.81 -46.62 6.64
CA TYR D 367 -13.72 -45.52 6.32
C TYR D 367 -15.13 -46.03 6.11
N THR D 368 -16.08 -45.10 6.18
CA THR D 368 -17.44 -45.29 5.70
C THR D 368 -17.86 -44.07 4.90
N ARG D 369 -18.44 -44.29 3.73
CA ARG D 369 -19.04 -43.23 2.91
C ARG D 369 -20.52 -43.53 2.71
N PHE D 370 -21.38 -42.70 3.29
CA PHE D 370 -22.80 -42.66 2.97
C PHE D 370 -23.07 -41.64 1.88
N TYR D 371 -23.95 -41.98 0.95
CA TYR D 371 -24.35 -41.06 -0.10
C TYR D 371 -25.84 -41.07 -0.36
N LEU D 372 -26.42 -39.87 -0.44
CA LEU D 372 -27.82 -39.65 -0.75
C LEU D 372 -27.92 -39.22 -2.20
N ARG D 373 -28.69 -39.96 -3.00
CA ARG D 373 -29.01 -39.57 -4.36
C ARG D 373 -30.46 -39.10 -4.47
N VAL D 374 -30.65 -37.91 -5.04
CA VAL D 374 -31.97 -37.36 -5.31
C VAL D 374 -32.03 -36.95 -6.79
N PRO D 375 -33.09 -37.30 -7.50
CA PRO D 375 -33.18 -36.92 -8.92
C PRO D 375 -33.11 -35.42 -9.14
N ILE D 376 -32.33 -35.02 -10.14
CA ILE D 376 -32.32 -33.62 -10.56
C ILE D 376 -33.69 -33.30 -11.10
N PHE D 377 -34.22 -32.11 -10.75
CA PHE D 377 -35.43 -31.65 -11.41
C PHE D 377 -35.14 -30.38 -12.19
N ASP D 378 -35.19 -30.49 -13.53
CA ASP D 378 -35.18 -29.47 -14.57
C ASP D 378 -36.50 -29.31 -15.33
N PRO D 379 -37.62 -28.94 -14.72
CA PRO D 379 -38.87 -28.89 -15.50
C PRO D 379 -38.94 -27.72 -16.46
N SER D 380 -40.00 -27.66 -17.25
CA SER D 380 -40.28 -26.50 -18.06
C SER D 380 -40.91 -25.40 -17.22
N VAL D 381 -40.94 -24.19 -17.78
CA VAL D 381 -41.51 -23.03 -17.10
C VAL D 381 -42.98 -22.84 -17.45
N LYS E 3 35.96 19.31 -12.57
CA LYS E 3 37.37 19.22 -12.21
C LYS E 3 38.22 19.72 -13.38
N TRP E 4 38.35 21.04 -13.49
CA TRP E 4 39.33 21.64 -14.38
C TRP E 4 40.76 21.19 -14.06
N LYS E 5 41.59 21.21 -15.09
CA LYS E 5 43.01 20.89 -14.99
C LYS E 5 43.81 22.12 -15.43
N PHE E 6 44.54 22.71 -14.48
CA PHE E 6 45.33 23.92 -14.72
C PHE E 6 46.81 23.55 -14.74
N LEU E 7 47.47 23.89 -15.84
CA LEU E 7 48.91 23.74 -15.98
C LEU E 7 49.59 25.06 -15.61
N PHE E 8 50.46 25.00 -14.59
CA PHE E 8 51.26 26.14 -14.13
C PHE E 8 52.70 25.95 -14.58
N LEU E 9 53.17 26.83 -15.47
CA LEU E 9 54.57 26.90 -15.83
C LEU E 9 55.21 28.01 -15.01
N GLU E 10 55.85 27.62 -13.90
CA GLU E 10 56.33 28.59 -12.91
C GLU E 10 57.50 27.97 -12.17
N ASP E 11 58.60 28.73 -12.05
CA ASP E 11 59.78 28.24 -11.33
C ASP E 11 59.87 28.69 -9.88
N SER E 12 59.14 29.73 -9.51
CA SER E 12 59.11 30.18 -8.12
C SER E 12 57.97 29.50 -7.38
N LEU E 13 58.32 28.60 -6.45
CA LEU E 13 57.28 28.00 -5.62
C LEU E 13 56.54 29.06 -4.82
N VAL E 14 57.21 30.16 -4.48
CA VAL E 14 56.57 31.24 -3.75
C VAL E 14 55.53 31.93 -4.63
N ASP E 15 55.86 32.19 -5.90
CA ASP E 15 54.92 32.82 -6.81
C ASP E 15 53.79 31.85 -7.18
N LEU E 16 54.12 30.57 -7.35
CA LEU E 16 53.10 29.54 -7.52
C LEU E 16 52.12 29.54 -6.36
N GLU E 17 52.65 29.60 -5.14
CA GLU E 17 51.77 29.66 -3.98
C GLU E 17 50.92 30.93 -4.00
N LEU E 18 51.50 32.06 -4.41
CA LEU E 18 50.73 33.29 -4.55
C LEU E 18 49.60 33.14 -5.56
N ILE E 19 49.90 32.62 -6.75
CA ILE E 19 48.87 32.38 -7.77
C ILE E 19 47.81 31.42 -7.26
N GLN E 20 48.24 30.26 -6.75
CA GLN E 20 47.30 29.24 -6.25
C GLN E 20 46.48 29.74 -5.07
N ARG E 21 47.10 30.50 -4.16
CA ARG E 21 46.37 31.08 -3.04
C ARG E 21 45.22 31.95 -3.52
N GLN E 22 45.41 32.72 -4.60
CA GLN E 22 44.31 33.53 -5.09
C GLN E 22 43.19 32.67 -5.65
N LEU E 23 43.52 31.60 -6.35
CA LEU E 23 42.46 30.69 -6.80
C LEU E 23 41.82 29.97 -5.61
N ASN E 24 42.64 29.53 -4.64
CA ASN E 24 42.08 28.84 -3.48
C ASN E 24 41.18 29.71 -2.61
N ARG E 25 41.42 31.03 -2.55
CA ARG E 25 40.44 31.85 -1.85
C ARG E 25 39.09 31.74 -2.51
N ALA E 26 39.10 31.55 -3.82
CA ALA E 26 37.90 31.43 -4.60
C ALA E 26 37.52 29.96 -4.56
N LYS E 27 36.39 29.62 -5.15
CA LYS E 27 35.90 28.25 -5.13
C LYS E 27 36.08 27.60 -6.49
N ILE E 28 37.13 27.99 -7.22
CA ILE E 28 37.44 27.31 -8.47
C ILE E 28 37.90 25.90 -8.16
N ASP E 29 37.22 24.91 -8.75
CA ASP E 29 37.56 23.51 -8.60
C ASP E 29 38.58 23.16 -9.68
N TYR E 30 39.86 23.09 -9.31
CA TYR E 30 40.87 22.79 -10.32
C TYR E 30 41.85 21.76 -9.78
N TYR E 31 42.51 21.08 -10.72
CA TYR E 31 43.64 20.19 -10.44
C TYR E 31 44.94 20.87 -10.86
N PRO E 32 45.86 21.17 -9.94
CA PRO E 32 47.12 21.82 -10.34
C PRO E 32 48.11 20.86 -10.99
N ILE E 33 48.69 21.29 -12.11
CA ILE E 33 49.83 20.66 -12.77
C ILE E 33 50.96 21.68 -12.82
N HIS E 34 52.08 21.38 -12.17
CA HIS E 34 53.19 22.33 -12.12
C HIS E 34 54.38 21.83 -12.94
N VAL E 35 54.95 22.70 -13.77
CA VAL E 35 56.13 22.39 -14.58
C VAL E 35 57.10 23.57 -14.62
N SER E 36 58.40 23.25 -14.71
CA SER E 36 59.42 24.29 -14.74
C SER E 36 60.33 24.23 -15.96
N ASP E 37 60.15 23.25 -16.85
CA ASP E 37 61.00 23.09 -18.04
C ASP E 37 60.18 22.70 -19.27
N SER E 38 60.86 22.69 -20.42
CA SER E 38 60.20 22.44 -21.69
C SER E 38 59.74 21.00 -21.83
N GLU E 39 60.45 20.05 -21.27
CA GLU E 39 60.05 18.66 -21.39
C GLU E 39 58.79 18.37 -20.57
N GLY E 40 58.78 18.79 -19.31
CA GLY E 40 57.59 18.67 -18.50
C GLY E 40 56.39 19.41 -19.06
N PHE E 41 56.59 20.62 -19.56
CA PHE E 41 55.51 21.36 -20.19
C PHE E 41 54.95 20.63 -21.41
N SER E 42 55.84 20.15 -22.29
CA SER E 42 55.40 19.42 -23.49
C SER E 42 54.68 18.12 -23.16
N GLN E 43 55.22 17.34 -22.22
CA GLN E 43 54.57 16.11 -21.80
C GLN E 43 53.23 16.36 -21.13
N ALA E 44 53.17 17.34 -20.24
CA ALA E 44 51.92 17.59 -19.52
C ALA E 44 50.78 17.97 -20.47
N ILE E 45 51.07 18.77 -21.50
CA ILE E 45 50.05 19.11 -22.49
C ILE E 45 49.53 17.86 -23.20
N LEU E 46 50.43 16.98 -23.62
CA LEU E 46 50.03 15.81 -24.41
C LEU E 46 49.29 14.78 -23.56
N ASP E 47 49.85 14.42 -22.41
CA ASP E 47 49.30 13.31 -21.64
C ASP E 47 48.09 13.72 -20.81
N GLN E 48 48.16 14.90 -20.17
CA GLN E 48 47.16 15.35 -19.22
C GLN E 48 46.05 16.19 -19.84
N LYS E 49 46.30 16.81 -20.99
CA LYS E 49 45.38 17.72 -21.67
C LYS E 49 44.78 18.80 -20.77
N PRO E 50 45.59 19.77 -20.34
CA PRO E 50 45.09 20.81 -19.44
C PRO E 50 44.06 21.70 -20.14
N HIS E 51 43.11 22.20 -19.34
CA HIS E 51 42.08 23.14 -19.80
C HIS E 51 42.49 24.60 -19.72
N LEU E 52 43.55 24.92 -18.99
CA LEU E 52 44.06 26.29 -18.93
C LEU E 52 45.55 26.20 -18.65
N ILE E 53 46.31 27.09 -19.29
CA ILE E 53 47.74 27.25 -19.05
C ILE E 53 48.04 28.62 -18.43
N LEU E 54 48.75 28.61 -17.32
CA LEU E 54 49.26 29.80 -16.66
C LEU E 54 50.77 29.75 -16.72
N SER E 55 51.38 30.74 -17.34
CA SER E 55 52.83 30.69 -17.55
C SER E 55 53.49 31.95 -17.02
N ASP E 56 54.58 31.73 -16.28
CA ASP E 56 55.65 32.67 -16.03
C ASP E 56 56.43 32.93 -17.32
N PHE E 57 56.98 34.14 -17.45
CA PHE E 57 57.82 34.39 -18.62
C PHE E 57 59.24 33.86 -18.45
N SER E 58 59.83 33.98 -17.25
CA SER E 58 61.24 33.67 -17.05
C SER E 58 61.52 32.48 -16.13
N LEU E 59 61.56 31.27 -16.68
CA LEU E 59 62.00 30.18 -15.83
C LEU E 59 63.39 29.70 -16.23
N PRO E 60 64.23 29.26 -15.29
CA PRO E 60 65.62 28.93 -15.68
C PRO E 60 65.55 27.78 -16.68
N LYS E 61 66.32 27.87 -17.77
CA LYS E 61 66.26 26.91 -18.89
C LYS E 61 65.04 26.97 -19.81
N TYR E 62 64.05 27.83 -19.56
CA TYR E 62 62.85 27.86 -20.39
C TYR E 62 62.25 29.25 -20.35
N ASP E 63 61.58 29.63 -21.43
CA ASP E 63 60.96 30.94 -21.52
C ASP E 63 59.53 30.86 -22.04
N GLY E 64 58.72 31.82 -21.58
CA GLY E 64 57.34 31.90 -22.00
C GLY E 64 57.15 32.15 -23.47
N PHE E 65 58.15 32.70 -24.17
CA PHE E 65 58.03 32.79 -25.62
C PHE E 65 58.03 31.40 -26.26
N SER E 66 58.96 30.53 -25.82
CA SER E 66 58.99 29.15 -26.28
C SER E 66 57.75 28.34 -25.88
N ALA E 67 57.25 28.56 -24.68
CA ALA E 67 56.01 27.91 -24.23
C ALA E 67 54.82 28.29 -25.08
N LEU E 68 54.64 29.59 -25.32
CA LEU E 68 53.55 30.04 -26.18
C LEU E 68 53.66 29.46 -27.58
N LYS E 69 54.85 29.51 -28.18
CA LYS E 69 55.03 28.99 -29.53
C LYS E 69 54.75 27.49 -29.61
N LEU E 70 55.18 26.74 -28.60
CA LEU E 70 54.87 25.32 -28.53
C LEU E 70 53.39 25.09 -28.33
N ALA E 71 52.80 25.80 -27.37
CA ALA E 71 51.37 25.70 -27.10
C ALA E 71 50.52 26.03 -28.32
N LYS E 72 50.87 27.09 -29.05
CA LYS E 72 50.12 27.39 -30.27
C LYS E 72 50.25 26.32 -31.34
N LYS E 73 51.36 25.57 -31.38
CA LYS E 73 51.40 24.48 -32.36
C LYS E 73 50.67 23.22 -31.91
N ILE E 74 50.79 22.85 -30.63
CA ILE E 74 50.29 21.57 -30.14
C ILE E 74 48.86 21.67 -29.61
N CYS E 75 48.50 22.73 -28.88
CA CYS E 75 47.17 22.84 -28.28
C CYS E 75 46.62 24.25 -28.52
N PRO E 76 46.34 24.58 -29.79
CA PRO E 76 45.98 25.97 -30.14
C PRO E 76 44.75 26.50 -29.43
N THR E 77 43.81 25.64 -29.06
CA THR E 77 42.56 26.06 -28.42
C THR E 77 42.64 26.21 -26.91
N THR E 78 43.70 25.70 -26.28
CA THR E 78 43.81 25.84 -24.84
C THR E 78 44.13 27.30 -24.51
N PRO E 79 43.35 27.96 -23.67
CA PRO E 79 43.68 29.33 -23.26
C PRO E 79 45.05 29.37 -22.58
N PHE E 80 45.82 30.41 -22.94
CA PHE E 80 47.17 30.63 -22.43
C PHE E 80 47.28 32.05 -21.87
N ILE E 81 47.48 32.16 -20.56
CA ILE E 81 47.58 33.44 -19.88
C ILE E 81 49.00 33.57 -19.34
N PHE E 82 49.70 34.67 -19.66
CA PHE E 82 50.97 34.89 -19.00
C PHE E 82 50.70 35.56 -17.65
N VAL E 83 51.40 35.10 -16.62
CA VAL E 83 51.40 35.79 -15.33
C VAL E 83 52.83 35.98 -14.87
N SER E 84 53.41 37.16 -15.10
CA SER E 84 54.81 37.33 -14.80
C SER E 84 55.03 38.63 -14.03
N GLY E 85 56.03 38.63 -13.15
CA GLY E 85 56.56 39.82 -12.50
C GLY E 85 57.70 40.54 -13.21
N THR E 86 58.20 39.97 -14.30
CA THR E 86 59.34 40.46 -15.09
C THR E 86 59.10 41.63 -16.04
N TYR E 87 57.89 42.14 -16.24
CA TYR E 87 57.77 43.34 -17.07
C TYR E 87 56.58 44.20 -16.66
N GLY E 88 56.51 45.39 -17.26
CA GLY E 88 55.36 46.27 -17.15
C GLY E 88 54.21 45.95 -18.09
N GLU E 89 53.13 46.70 -17.89
CA GLU E 89 51.95 46.60 -18.75
C GLU E 89 52.20 46.88 -20.22
N GLU E 90 53.11 47.78 -20.57
CA GLU E 90 53.36 47.99 -21.99
C GLU E 90 53.88 46.72 -22.66
N ALA E 91 54.79 46.03 -21.99
CA ALA E 91 55.32 44.77 -22.49
C ALA E 91 54.26 43.68 -22.47
N ALA E 92 53.43 43.69 -21.42
CA ALA E 92 52.31 42.77 -21.26
C ALA E 92 51.28 42.89 -22.37
N ILE E 93 50.96 44.12 -22.78
CA ILE E 93 50.03 44.37 -23.88
C ILE E 93 50.51 43.68 -25.15
N GLN E 94 51.82 43.74 -25.40
CA GLN E 94 52.44 43.17 -26.59
C GLN E 94 52.22 41.66 -26.68
N THR E 95 52.26 40.96 -25.55
CA THR E 95 52.06 39.50 -25.52
C THR E 95 50.73 39.11 -26.15
N LEU E 96 49.67 39.90 -25.95
CA LEU E 96 48.39 39.62 -26.60
C LEU E 96 48.53 39.62 -28.13
N THR E 97 49.32 40.55 -28.69
CA THR E 97 49.52 40.53 -30.15
C THR E 97 50.15 39.21 -30.61
N MET E 98 50.97 38.58 -29.78
CA MET E 98 51.54 37.26 -30.08
C MET E 98 50.56 36.09 -29.86
N GLY E 99 49.32 36.38 -29.45
CA GLY E 99 48.29 35.39 -29.30
C GLY E 99 48.09 34.80 -27.92
N ALA E 100 48.68 35.41 -26.89
CA ALA E 100 48.27 35.11 -25.53
C ALA E 100 46.80 35.43 -25.33
N THR E 101 46.11 34.61 -24.52
CA THR E 101 44.70 34.86 -24.27
C THR E 101 44.50 36.05 -23.33
N ASP E 102 45.35 36.15 -22.31
CA ASP E 102 45.31 37.26 -21.37
C ASP E 102 46.69 37.40 -20.75
N TYR E 103 46.91 38.54 -20.10
CA TYR E 103 48.15 38.87 -19.40
C TYR E 103 47.94 39.41 -17.99
N VAL E 104 48.55 38.78 -17.00
CA VAL E 104 48.35 39.17 -15.61
C VAL E 104 49.73 39.55 -15.05
N LEU E 105 49.81 40.72 -14.41
CA LEU E 105 51.04 41.13 -13.73
C LEU E 105 51.12 40.53 -12.33
N LYS E 106 52.28 40.00 -11.96
CA LYS E 106 52.43 39.48 -10.60
C LYS E 106 52.16 40.55 -9.53
N ASP E 107 52.54 41.81 -9.78
CA ASP E 107 52.21 42.90 -8.86
C ASP E 107 50.72 43.23 -8.83
N ARG E 108 49.95 42.78 -9.82
CA ARG E 108 48.52 43.07 -9.89
C ARG E 108 47.70 41.78 -9.89
N ILE E 109 48.00 40.88 -8.96
CA ILE E 109 47.45 39.53 -8.98
C ILE E 109 45.92 39.50 -8.87
N GLU E 110 45.31 40.58 -8.37
CA GLU E 110 43.86 40.69 -8.37
C GLU E 110 43.27 40.56 -9.78
N LYS E 111 44.04 40.91 -10.81
CA LYS E 111 43.59 40.75 -12.18
C LYS E 111 43.61 39.30 -12.66
N LEU E 112 44.30 38.41 -11.94
CA LEU E 112 44.34 37.00 -12.33
C LEU E 112 42.96 36.37 -12.37
N LEU E 113 42.14 36.64 -11.36
CA LEU E 113 40.84 35.98 -11.25
C LEU E 113 39.89 36.29 -12.41
N PRO E 114 39.66 37.55 -12.78
CA PRO E 114 38.86 37.80 -13.99
C PRO E 114 39.40 37.15 -15.26
N ALA E 115 40.72 37.07 -15.43
CA ALA E 115 41.27 36.41 -16.62
C ALA E 115 40.94 34.92 -16.62
N VAL E 116 41.14 34.26 -15.48
CA VAL E 116 40.80 32.85 -15.34
C VAL E 116 39.30 32.61 -15.52
N GLN E 117 38.47 33.44 -14.90
CA GLN E 117 37.01 33.30 -14.99
C GLN E 117 36.50 33.41 -16.42
N ARG E 118 37.03 34.35 -17.21
CA ARG E 118 36.60 34.45 -18.60
C ARG E 118 36.91 33.17 -19.38
N ALA E 119 38.13 32.66 -19.22
CA ALA E 119 38.52 31.43 -19.92
C ALA E 119 37.65 30.23 -19.52
N LEU E 120 37.31 30.10 -18.23
CA LEU E 120 36.46 29.01 -17.77
C LEU E 120 35.01 29.15 -18.24
N HIS E 121 34.46 30.36 -18.23
CA HIS E 121 33.10 30.58 -18.73
C HIS E 121 32.94 30.21 -20.21
N GLU E 122 33.90 30.56 -21.05
CA GLU E 122 33.81 30.18 -22.46
C GLU E 122 33.79 28.66 -22.62
N LEU E 123 34.53 27.94 -21.79
CA LEU E 123 34.47 26.48 -21.82
C LEU E 123 33.08 26.00 -21.39
N GLU E 124 32.56 26.56 -20.30
CA GLU E 124 31.22 26.26 -19.81
C GLU E 124 30.14 26.58 -20.85
N ASP E 125 30.24 27.73 -21.52
CA ASP E 125 29.27 28.09 -22.55
C ASP E 125 29.18 27.03 -23.63
N HIS E 126 30.32 26.47 -24.03
CA HIS E 126 30.32 25.42 -25.04
C HIS E 126 29.58 24.18 -24.52
N GLU E 127 29.78 23.83 -23.25
CA GLU E 127 29.04 22.72 -22.66
C GLU E 127 27.54 22.97 -22.68
N LEU E 128 27.11 24.20 -22.35
CA LEU E 128 25.68 24.54 -22.42
C LEU E 128 25.12 24.38 -23.82
N ARG E 129 25.86 24.80 -24.84
CA ARG E 129 25.40 24.63 -26.21
C ARG E 129 25.23 23.15 -26.54
N ILE E 130 26.22 22.33 -26.23
CA ILE E 130 26.12 20.89 -26.46
C ILE E 130 24.94 20.31 -25.67
N LYS E 131 24.77 20.76 -24.43
CA LYS E 131 23.67 20.31 -23.57
C LYS E 131 22.33 20.67 -24.19
N ALA E 132 22.20 21.91 -24.67
CA ALA E 132 20.97 22.32 -25.31
C ALA E 132 20.69 21.47 -26.55
N GLU E 133 21.72 21.14 -27.30
CA GLU E 133 21.55 20.25 -28.46
C GLU E 133 21.12 18.86 -28.01
N LYS E 134 21.71 18.36 -26.92
CA LYS E 134 21.30 17.09 -26.34
C LYS E 134 19.84 17.14 -25.90
N GLU E 135 19.44 18.22 -25.21
CA GLU E 135 18.04 18.35 -24.82
C GLU E 135 17.12 18.34 -26.04
N ARG E 136 17.50 19.02 -27.12
CA ARG E 136 16.70 18.96 -28.33
C ARG E 136 16.57 17.53 -28.87
N TYR E 137 17.69 16.79 -28.91
CA TYR E 137 17.65 15.39 -29.36
C TYR E 137 16.77 14.52 -28.48
N GLU E 138 16.86 14.69 -27.17
CA GLU E 138 16.02 13.95 -26.24
C GLU E 138 14.54 14.26 -26.45
N LEU E 139 14.21 15.53 -26.68
CA LEU E 139 12.83 15.89 -26.98
C LEU E 139 12.38 15.27 -28.30
N GLU E 140 13.25 15.28 -29.30
CA GLU E 140 12.95 14.64 -30.58
C GLU E 140 12.69 13.13 -30.44
N GLU E 141 13.50 12.45 -29.63
CA GLU E 141 13.33 11.02 -29.39
C GLU E 141 12.06 10.69 -28.59
N GLN E 142 11.73 11.50 -27.59
CA GLN E 142 10.45 11.30 -26.90
C GLN E 142 9.24 11.46 -27.82
N LEU E 143 9.23 12.47 -28.68
CA LEU E 143 8.12 12.62 -29.60
C LEU E 143 7.98 11.44 -30.57
N ARG E 144 9.10 10.97 -31.13
CA ARG E 144 9.09 9.79 -32.00
C ARG E 144 8.60 8.52 -31.30
N GLN E 145 9.04 8.30 -30.06
CA GLN E 145 8.54 7.15 -29.30
C GLN E 145 7.05 7.27 -29.02
N SER E 146 6.59 8.47 -28.69
CA SER E 146 5.15 8.69 -28.46
C SER E 146 4.35 8.44 -29.74
N GLN E 147 4.84 8.92 -30.87
CA GLN E 147 4.17 8.61 -32.15
C GLN E 147 4.17 7.12 -32.44
N LYS E 148 5.27 6.42 -32.11
CA LYS E 148 5.31 4.97 -32.22
C LYS E 148 4.28 4.27 -31.33
N LEU E 149 4.14 4.72 -30.07
CA LEU E 149 3.16 4.13 -29.16
C LEU E 149 1.73 4.40 -29.61
N GLU E 150 1.49 5.60 -30.13
CA GLU E 150 0.18 5.92 -30.69
C GLU E 150 -0.20 5.05 -31.89
N ALA E 151 0.74 4.84 -32.81
CA ALA E 151 0.50 3.92 -33.93
C ALA E 151 0.21 2.49 -33.49
N MET E 152 0.91 1.99 -32.48
CA MET E 152 0.56 0.68 -31.93
C MET E 152 -0.84 0.67 -31.32
N GLY E 153 -1.20 1.76 -30.66
CA GLY E 153 -2.51 1.88 -30.04
C GLY E 153 -3.64 1.91 -31.04
N VAL E 154 -3.45 2.64 -32.13
CA VAL E 154 -4.44 2.66 -33.21
C VAL E 154 -4.62 1.28 -33.84
N MET E 155 -3.55 0.53 -34.05
CA MET E 155 -3.76 -0.81 -34.58
C MET E 155 -4.53 -1.72 -33.61
N ALA E 156 -4.26 -1.63 -32.29
CA ALA E 156 -5.03 -2.40 -31.32
C ALA E 156 -6.49 -1.98 -31.28
N GLY E 157 -6.74 -0.68 -31.41
CA GLY E 157 -8.08 -0.14 -31.49
C GLY E 157 -8.85 -0.57 -32.71
N THR E 158 -8.21 -0.53 -33.88
CA THR E 158 -8.89 -0.95 -35.11
C THR E 158 -9.18 -2.45 -35.11
N MET E 159 -8.26 -3.25 -34.59
CA MET E 159 -8.53 -4.68 -34.53
C MET E 159 -9.64 -4.99 -33.53
N ALA E 160 -9.65 -4.32 -32.37
CA ALA E 160 -10.77 -4.44 -31.44
C ALA E 160 -12.11 -3.98 -32.02
N HIS E 161 -12.12 -2.87 -32.75
CA HIS E 161 -13.36 -2.40 -33.38
C HIS E 161 -13.90 -3.29 -34.50
N GLU E 162 -13.04 -3.79 -35.39
CA GLU E 162 -13.53 -4.66 -36.47
C GLU E 162 -13.98 -6.05 -36.01
N ILE E 163 -13.43 -6.57 -34.92
CA ILE E 163 -13.81 -7.83 -34.23
C ILE E 163 -15.06 -7.79 -33.35
N ASN E 164 -15.34 -6.68 -32.67
CA ASN E 164 -16.44 -6.67 -31.72
C ASN E 164 -17.79 -7.01 -32.35
N ASN E 165 -18.08 -6.54 -33.56
CA ASN E 165 -19.37 -6.92 -34.15
C ASN E 165 -19.53 -8.43 -34.33
N PRO E 166 -18.61 -9.14 -35.00
CA PRO E 166 -18.74 -10.62 -35.08
C PRO E 166 -18.60 -11.36 -33.76
N LEU E 167 -17.83 -10.84 -32.81
CA LEU E 167 -17.75 -11.48 -31.51
C LEU E 167 -19.09 -11.46 -30.80
N ILE E 168 -19.81 -10.33 -30.91
CA ILE E 168 -21.16 -10.27 -30.35
C ILE E 168 -22.08 -11.31 -31.00
N ALA E 169 -22.06 -11.38 -32.33
CA ALA E 169 -22.86 -12.35 -33.05
C ALA E 169 -22.51 -13.78 -32.70
N ILE E 170 -21.21 -14.08 -32.60
CA ILE E 170 -20.82 -15.43 -32.18
C ILE E 170 -21.38 -15.78 -30.81
N SER E 171 -21.27 -14.84 -29.86
CA SER E 171 -21.75 -15.10 -28.51
C SER E 171 -23.26 -15.27 -28.40
N GLU E 172 -24.01 -14.45 -29.14
CA GLU E 172 -25.47 -14.59 -29.16
C GLU E 172 -25.92 -15.90 -29.77
N TYR E 173 -25.37 -16.24 -30.94
CA TYR E 173 -25.71 -17.50 -31.59
C TYR E 173 -25.33 -18.71 -30.74
N ALA E 174 -24.14 -18.70 -30.15
CA ALA E 174 -23.69 -19.80 -29.30
C ALA E 174 -24.54 -19.96 -28.04
N ALA E 175 -24.94 -18.86 -27.42
CA ALA E 175 -25.78 -18.94 -26.24
C ALA E 175 -27.16 -19.55 -26.54
N MET E 176 -27.77 -19.19 -27.67
CA MET E 176 -29.04 -19.82 -28.03
C MET E 176 -28.92 -21.32 -28.20
N ILE E 177 -27.87 -21.78 -28.87
CA ILE E 177 -27.63 -23.21 -29.00
C ILE E 177 -27.40 -23.87 -27.65
N ALA E 178 -26.54 -23.26 -26.82
CA ALA E 178 -26.22 -23.88 -25.54
C ALA E 178 -27.39 -23.94 -24.57
N LYS E 179 -28.25 -22.92 -24.59
CA LYS E 179 -29.47 -22.84 -23.78
C LYS E 179 -30.62 -23.74 -24.24
N GLY E 180 -30.53 -24.36 -25.41
CA GLY E 180 -31.62 -25.17 -25.93
C GLY E 180 -32.84 -24.39 -26.35
N GLU E 181 -32.70 -23.08 -26.57
CA GLU E 181 -33.83 -22.26 -26.98
C GLU E 181 -34.17 -22.43 -28.45
N VAL E 182 -33.44 -23.29 -29.15
CA VAL E 182 -33.59 -23.46 -30.59
C VAL E 182 -33.70 -24.96 -30.92
N ASP E 183 -34.60 -25.30 -31.84
CA ASP E 183 -34.68 -26.68 -32.33
C ASP E 183 -33.41 -27.10 -33.07
N SER E 184 -33.30 -28.41 -33.29
CA SER E 184 -32.11 -29.00 -33.90
C SER E 184 -31.76 -28.42 -35.27
N GLU E 185 -32.74 -27.98 -36.04
CA GLU E 185 -32.45 -27.49 -37.38
C GLU E 185 -31.97 -26.02 -37.38
N LYS E 186 -32.60 -25.18 -36.56
CA LYS E 186 -32.12 -23.84 -36.31
C LYS E 186 -30.74 -23.82 -35.67
N ALA E 187 -30.47 -24.77 -34.76
CA ALA E 187 -29.15 -24.85 -34.15
C ALA E 187 -28.05 -25.07 -35.18
N LYS E 188 -28.29 -25.93 -36.17
CA LYS E 188 -27.33 -26.07 -37.26
C LYS E 188 -27.17 -24.78 -38.06
N GLN E 189 -28.27 -24.08 -38.32
CA GLN E 189 -28.20 -22.81 -39.04
C GLN E 189 -27.42 -21.74 -38.27
N LEU E 190 -27.66 -21.63 -36.97
CA LEU E 190 -26.91 -20.67 -36.16
C LEU E 190 -25.42 -21.01 -36.11
N ALA E 191 -25.09 -22.30 -36.02
CA ALA E 191 -23.70 -22.74 -36.08
C ALA E 191 -23.05 -22.36 -37.41
N SER E 192 -23.79 -22.43 -38.52
CA SER E 192 -23.26 -21.94 -39.78
C SER E 192 -22.96 -20.45 -39.70
N LYS E 193 -23.88 -19.67 -39.13
CA LYS E 193 -23.64 -18.25 -38.96
C LYS E 193 -22.41 -17.99 -38.10
N ILE E 194 -22.23 -18.79 -37.03
CA ILE E 194 -21.03 -18.71 -36.20
C ILE E 194 -19.77 -18.95 -37.03
N ARG E 195 -19.82 -19.93 -37.94
CA ARG E 195 -18.68 -20.21 -38.82
C ARG E 195 -18.37 -19.00 -39.70
N ASP E 196 -19.40 -18.35 -40.24
CA ASP E 196 -19.22 -17.20 -41.12
C ASP E 196 -18.63 -16.01 -40.37
N GLU E 197 -19.11 -15.73 -39.16
CA GLU E 197 -18.55 -14.69 -38.33
C GLU E 197 -17.12 -14.98 -37.89
N SER E 198 -16.78 -16.25 -37.66
CA SER E 198 -15.40 -16.61 -37.33
C SER E 198 -14.46 -16.38 -38.51
N ALA E 199 -14.93 -16.67 -39.73
CA ALA E 199 -14.16 -16.38 -40.94
C ALA E 199 -13.98 -14.88 -41.16
N ARG E 200 -14.98 -14.08 -40.80
CA ARG E 200 -14.86 -12.64 -40.87
C ARG E 200 -13.73 -12.12 -39.98
N ILE E 201 -13.68 -12.57 -38.73
CA ILE E 201 -12.59 -12.18 -37.85
C ILE E 201 -11.24 -12.56 -38.44
N SER E 202 -11.10 -13.77 -38.99
CA SER E 202 -9.84 -14.16 -39.61
C SER E 202 -9.46 -13.27 -40.80
N THR E 203 -10.45 -12.80 -41.55
CA THR E 203 -10.13 -11.91 -42.68
C THR E 203 -9.69 -10.53 -42.20
N ILE E 204 -10.35 -9.99 -41.18
CA ILE E 204 -9.92 -8.75 -40.56
C ILE E 204 -8.49 -8.85 -40.06
N MET E 205 -8.17 -9.94 -39.34
CA MET E 205 -6.82 -10.13 -38.84
C MET E 205 -5.79 -10.22 -39.97
N LYS E 206 -6.12 -10.92 -41.06
CA LYS E 206 -5.21 -10.99 -42.18
C LYS E 206 -4.96 -9.63 -42.83
N ASN E 207 -6.01 -8.82 -42.97
CA ASN E 207 -5.83 -7.49 -43.56
C ASN E 207 -4.97 -6.59 -42.68
N LEU E 208 -5.16 -6.63 -41.35
CA LEU E 208 -4.29 -5.87 -40.45
C LEU E 208 -2.84 -6.34 -40.52
N LEU E 209 -2.62 -7.66 -40.42
CA LEU E 209 -1.27 -8.20 -40.48
C LEU E 209 -0.60 -7.97 -41.83
N ARG E 210 -1.37 -7.95 -42.92
CA ARG E 210 -0.79 -7.67 -44.23
C ARG E 210 -0.38 -6.21 -44.38
N PHE E 211 -1.09 -5.28 -43.73
CA PHE E 211 -0.66 -3.89 -43.74
C PHE E 211 0.57 -3.67 -42.87
N SER E 212 0.74 -4.44 -41.81
CA SER E 212 1.87 -4.23 -40.91
C SER E 212 3.17 -4.87 -41.37
N ARG E 213 3.14 -5.78 -42.33
CA ARG E 213 4.38 -6.43 -42.77
C ARG E 213 5.14 -5.62 -43.82
N LYS E 216 6.99 -6.30 -48.75
CA LYS E 216 7.85 -6.72 -47.64
C LYS E 216 9.32 -6.52 -47.98
N GLY E 217 9.78 -7.16 -49.05
CA GLY E 217 11.17 -7.09 -49.43
C GLY E 217 11.78 -8.43 -49.74
N SER E 218 12.84 -8.45 -50.55
CA SER E 218 13.69 -9.62 -50.72
C SER E 218 15.10 -9.31 -50.22
N LEU E 219 15.77 -10.36 -49.73
CA LEU E 219 17.21 -10.32 -49.47
C LEU E 219 17.98 -10.16 -50.77
N TYR E 220 19.00 -9.31 -50.73
CA TYR E 220 19.94 -9.11 -51.82
C TYR E 220 21.34 -9.10 -51.24
N PRO E 221 22.36 -9.43 -52.04
CA PRO E 221 23.74 -9.34 -51.53
C PRO E 221 24.10 -7.88 -51.26
N VAL E 222 24.56 -7.62 -50.04
CA VAL E 222 25.04 -6.30 -49.65
C VAL E 222 26.44 -6.44 -49.06
N GLU E 223 27.31 -5.52 -49.47
CA GLU E 223 28.68 -5.44 -48.99
C GLU E 223 28.72 -5.01 -47.52
N VAL E 224 29.49 -5.75 -46.73
CA VAL E 224 29.59 -5.50 -45.27
C VAL E 224 30.08 -4.08 -45.02
N GLY E 225 30.97 -3.59 -45.86
CA GLY E 225 31.51 -2.26 -45.67
C GLY E 225 30.47 -1.17 -45.81
N GLU E 226 29.48 -1.37 -46.69
CA GLU E 226 28.47 -0.32 -46.81
C GLU E 226 27.69 -0.20 -45.53
N ILE E 227 27.41 -1.32 -44.88
CA ILE E 227 26.69 -1.33 -43.60
C ILE E 227 27.46 -0.60 -42.50
N LEU E 228 28.77 -0.84 -42.41
CA LEU E 228 29.57 -0.18 -41.38
C LEU E 228 29.70 1.32 -41.62
N VAL E 229 29.91 1.73 -42.88
CA VAL E 229 29.96 3.16 -43.16
C VAL E 229 28.64 3.85 -42.86
N LYS E 230 27.53 3.22 -43.24
CA LYS E 230 26.23 3.78 -42.90
C LYS E 230 25.99 3.82 -41.40
N LEU E 231 26.34 2.74 -40.68
CA LEU E 231 26.22 2.74 -39.23
C LEU E 231 27.04 3.86 -38.60
N GLU E 232 28.27 4.03 -39.05
CA GLU E 232 29.11 5.11 -38.55
C GLU E 232 28.45 6.47 -38.72
N SER E 233 27.99 6.79 -39.94
CA SER E 233 27.39 8.11 -40.17
C SER E 233 26.22 8.38 -39.25
N ILE E 234 25.42 7.37 -38.91
CA ILE E 234 24.27 7.64 -38.05
C ILE E 234 24.66 7.70 -36.59
N THR E 235 25.65 6.92 -36.17
CA THR E 235 25.99 6.75 -34.76
C THR E 235 27.16 7.63 -34.38
N GLN E 236 27.16 8.89 -34.77
CA GLN E 236 28.26 9.79 -34.38
C GLN E 236 27.76 11.00 -33.60
N GLN E 237 26.69 11.63 -34.09
CA GLN E 237 26.15 12.78 -33.38
C GLN E 237 25.54 12.34 -32.06
N ILE E 238 24.96 11.13 -32.02
CA ILE E 238 24.42 10.60 -30.77
C ILE E 238 25.53 10.46 -29.74
N PHE E 239 26.66 9.86 -30.12
CA PHE E 239 27.77 9.73 -29.17
C PHE E 239 28.31 11.09 -28.75
N LYS E 240 28.45 12.01 -29.70
CA LYS E 240 28.91 13.36 -29.35
C LYS E 240 27.95 14.06 -28.39
N MET E 241 26.64 13.98 -28.65
CA MET E 241 25.68 14.63 -27.77
C MET E 241 25.70 14.02 -26.37
N ASN E 242 25.90 12.70 -26.29
CA ASN E 242 25.95 11.96 -25.05
C ASN E 242 27.33 11.90 -24.41
N ARG E 243 28.32 12.53 -25.03
CA ARG E 243 29.70 12.50 -24.57
C ARG E 243 30.27 11.09 -24.40
N ILE E 244 30.02 10.25 -25.40
CA ILE E 244 30.52 8.87 -25.39
C ILE E 244 31.77 8.84 -26.26
N ASP E 245 32.83 8.21 -25.75
CA ASP E 245 34.04 7.94 -26.54
C ASP E 245 33.85 6.66 -27.35
N ALA E 246 33.90 6.75 -28.68
CA ALA E 246 33.62 5.58 -29.50
C ALA E 246 34.88 5.14 -30.23
N SER E 247 35.29 3.92 -29.91
CA SER E 247 36.39 3.14 -30.47
C SER E 247 35.95 1.98 -31.37
N TRP E 248 36.70 1.74 -32.46
CA TRP E 248 36.36 0.68 -33.40
C TRP E 248 37.57 -0.24 -33.31
N LYS E 249 37.33 -1.54 -33.15
CA LYS E 249 38.38 -2.56 -33.11
C LYS E 249 38.71 -3.24 -34.43
N ASN E 250 37.73 -3.47 -35.30
CA ASN E 250 38.05 -4.15 -36.54
C ASN E 250 36.95 -3.93 -37.56
N VAL E 251 37.34 -3.97 -38.83
CA VAL E 251 36.39 -3.94 -39.93
C VAL E 251 36.76 -5.13 -40.80
N GLU E 252 35.79 -5.62 -41.59
CA GLU E 252 36.11 -6.64 -42.58
C GLU E 252 35.35 -6.50 -43.89
N PRO E 253 35.30 -5.29 -44.47
CA PRO E 253 34.63 -5.10 -45.76
C PRO E 253 35.17 -6.01 -46.86
N GLY E 254 34.34 -6.23 -47.85
CA GLY E 254 34.65 -6.98 -49.06
C GLY E 254 34.09 -8.37 -48.98
N HIS E 255 33.28 -8.59 -47.96
CA HIS E 255 32.45 -9.74 -47.67
C HIS E 255 31.01 -9.28 -47.80
N SER E 256 30.19 -10.02 -48.53
CA SER E 256 28.82 -9.58 -48.64
C SER E 256 27.92 -10.65 -48.03
N ILE E 257 26.78 -10.19 -47.55
CA ILE E 257 25.71 -11.00 -47.02
C ILE E 257 24.42 -10.71 -47.76
N GLN E 258 23.59 -11.74 -47.88
CA GLN E 258 22.23 -11.61 -48.39
C GLN E 258 21.37 -11.09 -47.25
N CYS E 259 20.99 -9.81 -47.33
CA CYS E 259 20.26 -9.15 -46.27
C CYS E 259 19.32 -8.10 -46.83
N ARG E 260 18.43 -7.64 -45.95
CA ARG E 260 17.74 -6.36 -46.11
C ARG E 260 18.57 -5.32 -45.35
N GLU E 261 19.34 -4.52 -46.10
CA GLU E 261 20.27 -3.59 -45.48
C GLU E 261 19.62 -2.72 -44.41
N GLY E 262 18.42 -2.20 -44.68
CA GLY E 262 17.74 -1.36 -43.71
C GLY E 262 17.44 -2.07 -42.40
N GLN E 263 17.14 -3.36 -42.46
CA GLN E 263 16.85 -4.17 -41.28
C GLN E 263 18.09 -4.52 -40.48
N ILE E 264 19.21 -4.78 -41.16
CA ILE E 264 20.48 -4.97 -40.45
C ILE E 264 20.87 -3.71 -39.71
N LEU E 265 20.82 -2.56 -40.39
CA LEU E 265 21.05 -1.27 -39.72
C LEU E 265 20.09 -1.02 -38.57
N GLN E 266 18.86 -1.54 -38.65
CA GLN E 266 17.90 -1.42 -37.54
C GLN E 266 18.35 -2.16 -36.30
N ILE E 267 18.86 -3.39 -36.44
CA ILE E 267 19.43 -4.10 -35.29
C ILE E 267 20.55 -3.30 -34.66
N LEU E 268 21.54 -2.92 -35.46
CA LEU E 268 22.71 -2.26 -34.92
C LEU E 268 22.34 -0.98 -34.21
N LEU E 269 21.47 -0.18 -34.83
CA LEU E 269 21.00 1.05 -34.21
C LEU E 269 20.26 0.77 -32.91
N ASN E 270 19.49 -0.33 -32.87
CA ASN E 270 18.82 -0.72 -31.63
C ASN E 270 19.80 -1.09 -30.53
N LEU E 271 20.86 -1.82 -30.89
CA LEU E 271 21.90 -2.13 -29.91
C LEU E 271 22.63 -0.87 -29.44
N VAL E 272 22.94 0.05 -30.36
CA VAL E 272 23.55 1.32 -29.98
C VAL E 272 22.68 2.09 -29.00
N ASN E 273 21.37 2.17 -29.26
CA ASN E 273 20.48 2.89 -28.34
C ASN E 273 20.46 2.24 -26.96
N ASN E 274 20.45 0.91 -26.90
CA ASN E 274 20.53 0.24 -25.60
C ASN E 274 21.84 0.57 -24.89
N ALA E 275 22.95 0.62 -25.64
CA ALA E 275 24.23 1.01 -25.08
C ALA E 275 24.19 2.46 -24.57
N VAL E 276 23.66 3.37 -25.38
CA VAL E 276 23.55 4.77 -24.97
C VAL E 276 22.71 4.94 -23.72
N ASP E 277 21.57 4.26 -23.65
CA ASP E 277 20.72 4.35 -22.46
C ASP E 277 21.41 3.81 -21.21
N SER E 278 22.08 2.66 -21.33
CA SER E 278 22.85 2.11 -20.21
C SER E 278 23.96 3.07 -19.77
N LEU E 279 24.66 3.66 -20.73
CA LEU E 279 25.73 4.61 -20.40
C LEU E 279 25.18 5.87 -19.75
N ASN E 280 24.07 6.42 -20.24
CA ASN E 280 23.54 7.61 -19.59
C ASN E 280 23.07 7.33 -18.17
N GLN E 281 22.55 6.12 -17.92
CA GLN E 281 22.18 5.76 -16.55
C GLN E 281 23.39 5.61 -15.64
N LYS E 282 24.49 5.03 -16.13
CA LYS E 282 25.69 4.88 -15.32
C LYS E 282 26.49 6.16 -15.18
N TYR E 283 26.61 6.95 -16.25
CA TYR E 283 27.43 8.16 -16.23
C TYR E 283 26.57 9.36 -16.60
N PRO E 284 25.85 9.93 -15.64
CA PRO E 284 25.02 11.11 -15.93
C PRO E 284 25.86 12.30 -16.36
N GLU E 285 27.11 12.38 -15.91
CA GLU E 285 28.00 13.45 -16.32
C GLU E 285 29.03 12.88 -17.30
N TYR E 286 30.02 13.70 -17.63
CA TYR E 286 31.13 13.26 -18.46
C TYR E 286 32.06 12.36 -17.66
N ASP E 287 32.42 11.22 -18.25
CA ASP E 287 33.36 10.31 -17.62
C ASP E 287 34.24 9.68 -18.69
N THR E 288 35.53 9.50 -18.35
CA THR E 288 36.49 8.89 -19.26
C THR E 288 36.21 7.43 -19.54
N GLU E 289 35.50 6.74 -18.64
CA GLU E 289 35.08 5.35 -18.83
C GLU E 289 33.76 5.19 -19.56
N LYS E 290 33.12 6.30 -19.96
CA LYS E 290 31.88 6.27 -20.75
C LYS E 290 32.25 6.00 -22.22
N ARG E 291 32.66 4.76 -22.47
CA ARG E 291 33.19 4.36 -23.76
C ARG E 291 32.36 3.23 -24.33
N ILE E 292 32.35 3.15 -25.66
CA ILE E 292 31.69 2.09 -26.41
C ILE E 292 32.66 1.57 -27.47
N ILE E 293 32.67 0.27 -27.67
CA ILE E 293 33.48 -0.38 -28.69
C ILE E 293 32.55 -1.02 -29.70
N LEU E 294 32.75 -0.67 -30.97
CA LEU E 294 32.01 -1.18 -32.11
C LEU E 294 32.98 -1.90 -33.02
N GLU E 295 32.72 -3.17 -33.28
CA GLU E 295 33.62 -3.97 -34.07
C GLU E 295 32.82 -4.76 -35.09
N ASN E 296 33.46 -5.07 -36.21
CA ASN E 296 33.01 -6.11 -37.11
C ASN E 296 34.15 -7.10 -37.27
N SER E 297 33.77 -8.36 -37.49
CA SER E 297 34.74 -9.44 -37.64
C SER E 297 34.12 -10.55 -38.47
N ILE E 298 34.97 -11.44 -38.97
CA ILE E 298 34.52 -12.67 -39.59
C ILE E 298 34.65 -13.78 -38.55
N VAL E 299 33.54 -14.48 -38.29
CA VAL E 299 33.51 -15.61 -37.36
C VAL E 299 33.10 -16.88 -38.10
N GLU E 300 33.68 -17.99 -37.68
CA GLU E 300 33.34 -19.31 -38.21
C GLU E 300 32.63 -20.10 -37.13
N GLU E 301 31.46 -20.63 -37.45
CA GLU E 301 30.66 -21.40 -36.52
C GLU E 301 30.08 -22.58 -37.29
N ASN E 302 30.28 -23.78 -36.75
CA ASN E 302 29.84 -25.02 -37.40
C ASN E 302 30.33 -25.11 -38.84
N HIS E 303 31.60 -24.74 -39.05
CA HIS E 303 32.25 -24.72 -40.36
C HIS E 303 31.60 -23.76 -41.37
N LYS E 304 30.81 -22.81 -40.90
CA LYS E 304 30.25 -21.75 -41.74
C LYS E 304 30.82 -20.40 -41.29
N LYS E 305 31.16 -19.54 -42.25
CA LYS E 305 31.65 -18.20 -41.93
C LYS E 305 30.48 -17.23 -41.84
N TYR E 306 30.53 -16.39 -40.82
CA TYR E 306 29.55 -15.36 -40.55
C TYR E 306 30.27 -14.02 -40.43
N ALA E 307 29.65 -12.96 -40.93
CA ALA E 307 30.03 -11.60 -40.55
C ALA E 307 29.41 -11.29 -39.19
N GLU E 308 30.26 -11.01 -38.20
CA GLU E 308 29.84 -10.59 -36.87
C GLU E 308 29.98 -9.08 -36.71
N PHE E 309 28.87 -8.42 -36.38
CA PHE E 309 28.87 -7.02 -35.94
C PHE E 309 28.71 -7.02 -34.42
N SER E 310 29.67 -6.41 -33.72
CA SER E 310 29.72 -6.42 -32.26
C SER E 310 29.66 -5.01 -31.69
N ILE E 311 28.84 -4.82 -30.65
CA ILE E 311 28.75 -3.55 -29.93
C ILE E 311 28.94 -3.78 -28.43
N GLN E 312 30.06 -3.29 -27.89
CA GLN E 312 30.37 -3.45 -26.48
C GLN E 312 30.37 -2.06 -25.82
N ASP E 313 29.50 -1.88 -24.83
CA ASP E 313 29.47 -0.71 -23.97
C ASP E 313 29.97 -1.08 -22.59
N PHE E 314 30.55 -0.11 -21.88
CA PHE E 314 30.96 -0.35 -20.52
C PHE E 314 30.00 0.27 -19.50
N GLY E 315 28.71 0.32 -19.82
CA GLY E 315 27.74 0.89 -18.90
C GLY E 315 27.23 -0.05 -17.83
N THR E 316 25.95 0.09 -17.52
CA THR E 316 25.26 -0.59 -16.42
C THR E 316 25.04 -2.04 -16.79
N GLY E 317 25.84 -2.96 -16.24
CA GLY E 317 25.79 -4.35 -16.65
C GLY E 317 24.37 -4.89 -16.64
N ILE E 318 24.11 -6.09 -17.12
CA ILE E 318 22.77 -6.66 -17.13
C ILE E 318 22.67 -7.67 -16.00
N PRO E 319 21.82 -7.44 -15.00
CA PRO E 319 21.60 -8.41 -13.93
C PRO E 319 21.23 -9.81 -14.41
N ILE E 320 21.80 -10.81 -13.73
CA ILE E 320 21.70 -12.21 -14.12
C ILE E 320 20.25 -12.68 -14.13
N ASP E 321 19.42 -12.18 -13.20
CA ASP E 321 18.01 -12.55 -13.12
C ASP E 321 17.21 -12.13 -14.34
N ILE E 322 17.60 -11.03 -14.97
CA ILE E 322 16.86 -10.51 -16.11
C ILE E 322 17.44 -11.02 -17.43
N GLN E 323 18.66 -11.55 -17.42
CA GLN E 323 19.32 -12.00 -18.65
C GLN E 323 18.47 -12.96 -19.47
N LYS E 324 17.69 -13.82 -18.80
CA LYS E 324 16.82 -14.77 -19.48
C LYS E 324 15.59 -14.13 -20.12
N SER E 325 15.24 -12.90 -19.78
CA SER E 325 13.98 -12.29 -20.21
C SER E 325 14.16 -11.11 -21.17
N ILE E 326 15.38 -10.62 -21.38
CA ILE E 326 15.61 -9.42 -22.19
C ILE E 326 15.17 -9.53 -23.64
N PHE E 327 15.07 -10.73 -24.19
CA PHE E 327 14.58 -10.86 -25.56
C PHE E 327 13.08 -11.08 -25.68
N LYS E 328 12.35 -11.21 -24.58
CA LYS E 328 10.90 -11.32 -24.70
C LYS E 328 10.29 -10.00 -25.14
N THR E 329 9.32 -10.10 -26.05
CA THR E 329 8.55 -8.94 -26.52
C THR E 329 7.89 -8.21 -25.37
N PHE E 330 7.97 -6.88 -25.42
CA PHE E 330 7.47 -5.91 -24.44
C PHE E 330 8.20 -5.92 -23.10
N PHE E 331 9.29 -6.66 -22.97
CA PHE E 331 10.09 -6.59 -21.76
C PHE E 331 10.97 -5.35 -21.76
N THR E 332 10.83 -4.50 -20.74
CA THR E 332 11.66 -3.31 -20.63
C THR E 332 11.88 -2.99 -19.16
N THR E 333 13.08 -2.54 -18.84
CA THR E 333 13.31 -1.99 -17.51
C THR E 333 13.16 -0.48 -17.50
N LYS E 334 13.05 0.14 -18.67
CA LYS E 334 12.81 1.57 -18.77
C LYS E 334 11.31 1.83 -18.54
N SER E 335 10.85 1.37 -17.38
CA SER E 335 9.48 1.61 -16.94
C SER E 335 9.19 3.11 -16.87
N ALA E 336 8.92 3.67 -18.03
CA ALA E 336 8.54 5.06 -18.22
C ALA E 336 8.08 5.21 -19.66
N ASP E 337 7.83 6.44 -20.07
CA ASP E 337 7.48 6.72 -21.45
C ASP E 337 8.60 6.35 -22.41
N LYS E 338 9.83 6.18 -21.91
CA LYS E 338 10.97 5.97 -22.79
C LYS E 338 10.90 4.62 -23.50
N GLY E 339 10.94 3.52 -22.73
CA GLY E 339 11.22 2.22 -23.30
C GLY E 339 9.99 1.38 -23.62
N THR E 340 9.87 1.00 -24.89
CA THR E 340 8.80 0.17 -25.42
C THR E 340 9.04 -1.34 -25.25
N GLY E 341 10.25 -1.77 -24.89
CA GLY E 341 10.56 -3.18 -24.78
C GLY E 341 10.57 -3.98 -26.07
N LEU E 342 10.63 -3.30 -27.24
CA LEU E 342 10.59 -3.98 -28.53
C LEU E 342 11.95 -4.16 -29.21
N GLY E 343 12.98 -3.43 -28.79
CA GLY E 343 14.27 -3.45 -29.47
C GLY E 343 14.93 -4.80 -29.66
N LEU E 344 15.19 -5.49 -28.55
CA LEU E 344 15.91 -6.76 -28.63
C LEU E 344 15.09 -7.87 -29.28
N SER E 345 13.77 -7.89 -29.07
CA SER E 345 12.93 -8.91 -29.71
C SER E 345 12.82 -8.78 -31.22
N VAL E 346 12.70 -7.55 -31.74
CA VAL E 346 12.70 -7.36 -33.18
C VAL E 346 14.03 -7.71 -33.81
N SER E 347 15.14 -7.27 -33.20
CA SER E 347 16.45 -7.62 -33.72
C SER E 347 16.67 -9.13 -33.77
N LEU E 348 16.22 -9.84 -32.75
CA LEU E 348 16.33 -11.30 -32.78
C LEU E 348 15.49 -11.89 -33.90
N GLY E 349 14.27 -11.38 -34.10
CA GLY E 349 13.45 -11.85 -35.21
C GLY E 349 14.11 -11.63 -36.56
N ILE E 350 14.60 -10.40 -36.80
CA ILE E 350 15.31 -10.07 -38.03
C ILE E 350 16.55 -10.94 -38.21
N ALA E 351 17.34 -11.10 -37.14
CA ALA E 351 18.53 -11.94 -37.25
C ALA E 351 18.20 -13.37 -37.64
N LYS E 352 17.16 -13.96 -37.04
CA LYS E 352 16.78 -15.32 -37.44
C LYS E 352 16.26 -15.39 -38.87
N GLU E 353 15.48 -14.39 -39.29
CA GLU E 353 15.03 -14.30 -40.68
C GLU E 353 16.21 -14.21 -41.65
N HIS E 354 17.36 -13.72 -41.20
CA HIS E 354 18.56 -13.63 -42.02
C HIS E 354 19.49 -14.83 -41.87
N GLY E 355 19.03 -15.90 -41.24
CA GLY E 355 19.87 -17.06 -40.98
C GLY E 355 20.98 -16.81 -40.00
N GLY E 356 20.88 -15.73 -39.23
CA GLY E 356 21.89 -15.33 -38.29
C GLY E 356 21.48 -15.60 -36.85
N SER E 357 22.30 -15.10 -35.93
CA SER E 357 22.01 -15.19 -34.50
C SER E 357 22.30 -13.85 -33.85
N LEU E 358 21.62 -13.57 -32.75
CA LEU E 358 21.90 -12.42 -31.90
C LEU E 358 22.16 -12.93 -30.49
N ASN E 359 23.35 -12.64 -29.97
CA ASN E 359 23.80 -13.16 -28.69
C ASN E 359 24.43 -12.03 -27.87
N PHE E 360 24.75 -12.31 -26.61
CA PHE E 360 25.36 -11.29 -25.80
C PHE E 360 26.30 -11.88 -24.75
N GLU E 361 27.21 -11.03 -24.30
CA GLU E 361 28.08 -11.24 -23.15
C GLU E 361 27.97 -10.01 -22.26
N SER E 362 27.87 -10.23 -20.95
CA SER E 362 27.78 -9.12 -20.01
C SER E 362 28.34 -9.53 -18.65
N GLU E 363 29.07 -8.60 -18.04
CA GLU E 363 29.49 -8.74 -16.67
C GLU E 363 28.73 -7.67 -15.90
N PRO E 364 27.91 -8.07 -14.93
CA PRO E 364 27.13 -7.10 -14.15
C PRO E 364 27.97 -5.98 -13.54
N GLY E 365 27.50 -4.75 -13.73
CA GLY E 365 28.16 -3.56 -13.24
C GLY E 365 29.36 -3.12 -14.05
N ARG E 366 29.79 -3.90 -15.04
CA ARG E 366 30.97 -3.56 -15.84
C ARG E 366 30.65 -3.24 -17.30
N TYR E 367 30.12 -4.19 -18.07
CA TYR E 367 29.95 -3.98 -19.50
C TYR E 367 28.87 -4.91 -20.03
N THR E 368 28.36 -4.58 -21.22
CA THR E 368 27.57 -5.47 -22.04
C THR E 368 28.04 -5.44 -23.49
N ARG E 369 28.21 -6.61 -24.09
CA ARG E 369 28.52 -6.73 -25.52
C ARG E 369 27.43 -7.55 -26.20
N PHE E 370 26.66 -6.91 -27.07
CA PHE E 370 25.77 -7.59 -28.00
C PHE E 370 26.47 -7.80 -29.33
N TYR E 371 26.25 -8.97 -29.94
CA TYR E 371 26.81 -9.25 -31.25
C TYR E 371 25.80 -9.94 -32.16
N LEU E 372 25.68 -9.42 -33.37
CA LEU E 372 24.83 -9.97 -34.43
C LEU E 372 25.74 -10.72 -35.39
N ARG E 373 25.46 -12.01 -35.60
CA ARG E 373 26.15 -12.79 -36.61
C ARG E 373 25.22 -13.04 -37.80
N VAL E 374 25.71 -12.75 -39.00
CA VAL E 374 24.98 -13.04 -40.24
C VAL E 374 25.87 -13.84 -41.17
N PRO E 375 25.39 -14.92 -41.76
CA PRO E 375 26.22 -15.71 -42.67
C PRO E 375 26.73 -14.87 -43.84
N ILE E 376 28.02 -15.03 -44.15
CA ILE E 376 28.53 -14.43 -45.36
C ILE E 376 27.86 -15.11 -46.53
N PHE E 377 27.44 -14.35 -47.54
CA PHE E 377 27.03 -15.03 -48.76
C PHE E 377 28.24 -15.45 -49.57
N ASP E 378 28.46 -16.76 -49.62
CA ASP E 378 29.37 -17.49 -50.50
C ASP E 378 28.54 -18.26 -51.51
N PRO E 379 28.76 -18.16 -52.80
CA PRO E 379 28.15 -19.17 -53.69
C PRO E 379 29.05 -20.40 -53.80
N SER E 380 29.56 -20.87 -52.66
CA SER E 380 30.54 -21.94 -52.65
C SER E 380 30.59 -22.67 -51.30
N LYS F 3 21.13 27.63 -61.39
CA LYS F 3 22.18 28.21 -62.21
C LYS F 3 23.07 29.06 -61.33
N TRP F 4 24.39 29.02 -61.57
CA TRP F 4 25.25 30.02 -60.95
C TRP F 4 24.83 31.43 -61.36
N LYS F 5 25.12 32.39 -60.48
CA LYS F 5 24.87 33.81 -60.74
C LYS F 5 26.18 34.58 -60.68
N PHE F 6 26.61 35.14 -61.82
CA PHE F 6 27.86 35.88 -61.90
C PHE F 6 27.55 37.37 -62.05
N LEU F 7 28.08 38.18 -61.14
CA LEU F 7 27.97 39.64 -61.22
C LEU F 7 29.22 40.21 -61.90
N PHE F 8 29.01 40.92 -63.01
CA PHE F 8 30.08 41.60 -63.75
C PHE F 8 30.01 43.12 -63.51
N LEU F 9 31.04 43.65 -62.85
CA LEU F 9 31.26 45.10 -62.72
C LEU F 9 32.29 45.51 -63.76
N GLU F 10 31.82 46.02 -64.91
CA GLU F 10 32.66 46.25 -66.06
C GLU F 10 32.03 47.36 -66.90
N ASP F 11 32.83 48.36 -67.31
CA ASP F 11 32.28 49.42 -68.13
C ASP F 11 32.48 49.22 -69.63
N SER F 12 33.43 48.39 -70.03
CA SER F 12 33.65 48.09 -71.44
C SER F 12 32.82 46.87 -71.88
N LEU F 13 31.80 47.11 -72.71
CA LEU F 13 31.05 45.99 -73.28
C LEU F 13 31.95 45.08 -74.10
N VAL F 14 33.02 45.64 -74.69
CA VAL F 14 33.95 44.83 -75.47
C VAL F 14 34.71 43.87 -74.55
N ASP F 15 35.18 44.36 -73.39
CA ASP F 15 35.89 43.51 -72.43
C ASP F 15 34.94 42.52 -71.75
N LEU F 16 33.71 42.95 -71.45
CA LEU F 16 32.70 42.02 -70.95
C LEU F 16 32.48 40.85 -71.90
N GLU F 17 32.36 41.15 -73.20
CA GLU F 17 32.20 40.07 -74.18
C GLU F 17 33.42 39.16 -74.23
N LEU F 18 34.63 39.72 -74.12
CA LEU F 18 35.85 38.90 -74.07
C LEU F 18 35.84 37.96 -72.88
N ILE F 19 35.53 38.48 -71.68
CA ILE F 19 35.45 37.64 -70.49
C ILE F 19 34.40 36.55 -70.66
N GLN F 20 33.18 36.95 -71.07
CA GLN F 20 32.07 36.02 -71.26
C GLN F 20 32.38 34.99 -72.34
N ARG F 21 33.04 35.43 -73.42
CA ARG F 21 33.44 34.49 -74.47
C ARG F 21 34.32 33.38 -73.90
N GLN F 22 35.22 33.70 -72.96
CA GLN F 22 36.03 32.62 -72.39
C GLN F 22 35.18 31.68 -71.55
N LEU F 23 34.25 32.22 -70.76
CA LEU F 23 33.33 31.36 -70.00
C LEU F 23 32.37 30.62 -70.92
N ASN F 24 31.84 31.30 -71.95
CA ASN F 24 30.92 30.65 -72.88
C ASN F 24 31.57 29.52 -73.66
N ARG F 25 32.88 29.59 -73.95
CA ARG F 25 33.51 28.44 -74.58
C ARG F 25 33.39 27.23 -73.68
N ALA F 26 33.36 27.45 -72.37
CA ALA F 26 33.21 26.41 -71.38
C ALA F 26 31.73 26.19 -71.15
N LYS F 27 31.38 25.02 -70.63
CA LYS F 27 29.98 24.70 -70.43
C LYS F 27 29.50 25.13 -69.05
N ILE F 28 30.07 26.21 -68.52
CA ILE F 28 29.59 26.78 -67.26
C ILE F 28 28.20 27.38 -67.43
N ASP F 29 27.26 26.91 -66.60
CA ASP F 29 25.89 27.40 -66.56
C ASP F 29 25.84 28.59 -65.61
N TYR F 30 25.83 29.83 -66.13
CA TYR F 30 25.79 30.96 -65.22
C TYR F 30 24.76 31.98 -65.72
N TYR F 31 24.27 32.81 -64.80
CA TYR F 31 23.44 33.96 -65.17
C TYR F 31 24.26 35.25 -65.04
N PRO F 32 24.53 35.98 -66.13
CA PRO F 32 25.27 37.24 -66.01
C PRO F 32 24.42 38.40 -65.52
N ILE F 33 24.94 39.14 -64.56
CA ILE F 33 24.39 40.42 -64.11
C ILE F 33 25.49 41.45 -64.33
N HIS F 34 25.22 42.44 -65.18
CA HIS F 34 26.22 43.46 -65.51
C HIS F 34 25.81 44.80 -64.91
N VAL F 35 26.76 45.44 -64.25
CA VAL F 35 26.59 46.77 -63.65
C VAL F 35 27.85 47.58 -63.89
N SER F 36 27.69 48.89 -64.01
CA SER F 36 28.80 49.79 -64.26
C SER F 36 28.96 50.87 -63.19
N ASP F 37 28.09 50.92 -62.19
CA ASP F 37 28.14 51.93 -61.16
C ASP F 37 27.85 51.33 -59.79
N SER F 38 28.01 52.17 -58.77
CA SER F 38 27.87 51.73 -57.38
C SER F 38 26.43 51.40 -56.99
N GLU F 39 25.44 52.08 -57.56
CA GLU F 39 24.05 51.80 -57.20
C GLU F 39 23.59 50.45 -57.74
N GLY F 40 23.81 50.21 -59.04
CA GLY F 40 23.51 48.91 -59.60
C GLY F 40 24.27 47.76 -58.95
N PHE F 41 25.56 47.98 -58.67
CA PHE F 41 26.35 46.97 -57.97
C PHE F 41 25.78 46.68 -56.58
N SER F 42 25.47 47.73 -55.82
CA SER F 42 24.90 47.54 -54.48
C SER F 42 23.55 46.85 -54.54
N GLN F 43 22.70 47.29 -55.46
CA GLN F 43 21.40 46.65 -55.63
C GLN F 43 21.55 45.23 -56.11
N ALA F 44 22.43 44.99 -57.09
CA ALA F 44 22.55 43.64 -57.63
C ALA F 44 23.01 42.64 -56.58
N ILE F 45 23.94 43.03 -55.70
CA ILE F 45 24.35 42.13 -54.62
C ILE F 45 23.18 41.81 -53.69
N LEU F 46 22.42 42.84 -53.31
CA LEU F 46 21.35 42.66 -52.33
C LEU F 46 20.16 41.89 -52.91
N ASP F 47 19.68 42.30 -54.08
CA ASP F 47 18.44 41.72 -54.60
C ASP F 47 18.69 40.37 -55.26
N GLN F 48 19.76 40.26 -56.04
CA GLN F 48 20.02 39.09 -56.87
C GLN F 48 20.85 38.03 -56.19
N LYS F 49 21.63 38.39 -55.17
CA LYS F 49 22.56 37.50 -54.46
C LYS F 49 23.49 36.69 -55.35
N PRO F 50 24.45 37.34 -56.00
CA PRO F 50 25.36 36.64 -56.92
C PRO F 50 26.26 35.65 -56.17
N HIS F 51 26.62 34.57 -56.88
CA HIS F 51 27.54 33.56 -56.35
C HIS F 51 29.00 33.85 -56.63
N LEU F 52 29.31 34.77 -57.53
CA LEU F 52 30.68 35.17 -57.83
C LEU F 52 30.64 36.61 -58.34
N ILE F 53 31.62 37.41 -57.93
CA ILE F 53 31.79 38.78 -58.46
C ILE F 53 33.08 38.84 -59.26
N LEU F 54 32.96 39.32 -60.49
CA LEU F 54 34.10 39.62 -61.36
C LEU F 54 34.07 41.12 -61.58
N SER F 55 35.15 41.81 -61.18
CA SER F 55 35.15 43.26 -61.24
C SER F 55 36.35 43.79 -62.02
N ASP F 56 36.07 44.75 -62.91
CA ASP F 56 37.03 45.71 -63.43
C ASP F 56 37.47 46.71 -62.36
N PHE F 57 38.71 47.19 -62.50
CA PHE F 57 39.20 48.22 -61.59
C PHE F 57 38.72 49.62 -61.96
N SER F 58 38.67 49.96 -63.25
CA SER F 58 38.42 51.33 -63.68
C SER F 58 37.11 51.55 -64.42
N LEU F 59 36.06 51.80 -63.67
CA LEU F 59 34.88 52.19 -64.42
C LEU F 59 34.56 53.67 -64.26
N PRO F 60 34.04 54.35 -65.27
CA PRO F 60 33.83 55.79 -65.13
C PRO F 60 32.81 55.94 -64.00
N LYS F 61 33.05 56.85 -63.06
CA LYS F 61 32.20 57.00 -61.85
C LYS F 61 32.32 55.96 -60.73
N TYR F 62 33.12 54.91 -60.86
CA TYR F 62 33.19 53.85 -59.85
C TYR F 62 34.57 53.20 -59.92
N ASP F 63 35.00 52.62 -58.81
CA ASP F 63 36.31 51.99 -58.76
C ASP F 63 36.25 50.63 -58.06
N GLY F 64 37.15 49.74 -58.51
CA GLY F 64 37.23 48.41 -57.93
C GLY F 64 37.65 48.40 -56.47
N PHE F 65 38.29 49.47 -55.97
CA PHE F 65 38.55 49.55 -54.54
C PHE F 65 37.27 49.71 -53.75
N SER F 66 36.37 50.59 -54.21
CA SER F 66 35.07 50.76 -53.57
C SER F 66 34.23 49.49 -53.65
N ALA F 67 34.32 48.78 -54.78
CA ALA F 67 33.62 47.50 -54.93
C ALA F 67 34.11 46.47 -53.92
N LEU F 68 35.43 46.32 -53.79
CA LEU F 68 35.97 45.40 -52.80
C LEU F 68 35.56 45.78 -51.39
N LYS F 69 35.68 47.07 -51.06
CA LYS F 69 35.33 47.52 -49.71
C LYS F 69 33.86 47.29 -49.40
N LEU F 70 32.96 47.53 -50.37
CA LEU F 70 31.54 47.24 -50.19
C LEU F 70 31.25 45.75 -50.09
N ALA F 71 31.82 44.96 -51.00
CA ALA F 71 31.62 43.52 -51.01
C ALA F 71 32.05 42.87 -49.70
N LYS F 72 33.18 43.27 -49.13
CA LYS F 72 33.55 42.72 -47.84
C LYS F 72 32.55 43.12 -46.74
N LYS F 73 31.86 44.24 -46.88
CA LYS F 73 30.85 44.59 -45.89
C LYS F 73 29.52 43.85 -46.05
N ILE F 74 29.04 43.69 -47.28
CA ILE F 74 27.69 43.16 -47.52
C ILE F 74 27.68 41.64 -47.75
N CYS F 75 28.64 41.13 -48.52
CA CYS F 75 28.65 39.71 -48.89
C CYS F 75 30.04 39.11 -48.74
N PRO F 76 30.53 39.00 -47.50
CA PRO F 76 31.93 38.59 -47.28
C PRO F 76 32.30 37.23 -47.86
N THR F 77 31.34 36.31 -47.95
CA THR F 77 31.61 34.96 -48.43
C THR F 77 31.55 34.80 -49.95
N THR F 78 31.01 35.76 -50.67
CA THR F 78 30.97 35.63 -52.12
C THR F 78 32.38 35.82 -52.66
N PRO F 79 32.91 34.87 -53.42
CA PRO F 79 34.23 35.06 -54.03
C PRO F 79 34.23 36.30 -54.93
N PHE F 80 35.33 37.07 -54.84
CA PHE F 80 35.52 38.31 -55.57
C PHE F 80 36.85 38.27 -56.33
N ILE F 81 36.78 38.27 -57.65
CA ILE F 81 37.95 38.19 -58.53
C ILE F 81 38.03 39.51 -59.29
N PHE F 82 39.19 40.16 -59.26
CA PHE F 82 39.41 41.32 -60.11
C PHE F 82 39.82 40.86 -61.50
N VAL F 83 39.26 41.50 -62.53
CA VAL F 83 39.70 41.28 -63.91
C VAL F 83 39.97 42.63 -64.55
N SER F 84 41.22 43.08 -64.61
CA SER F 84 41.43 44.43 -65.10
C SER F 84 42.54 44.43 -66.14
N GLY F 85 42.42 45.33 -67.11
CA GLY F 85 43.47 45.67 -68.06
C GLY F 85 44.34 46.83 -67.63
N THR F 86 43.99 47.47 -66.52
CA THR F 86 44.64 48.65 -65.95
C THR F 86 45.95 48.45 -65.20
N TYR F 87 46.43 47.24 -64.92
CA TYR F 87 47.75 47.14 -64.32
C TYR F 87 48.44 45.82 -64.66
N GLY F 88 49.71 45.75 -64.27
CA GLY F 88 50.50 44.53 -64.33
C GLY F 88 50.29 43.59 -63.16
N GLU F 89 50.98 42.45 -63.28
CA GLU F 89 50.99 41.42 -62.24
C GLU F 89 51.50 41.86 -60.87
N GLU F 90 52.46 42.79 -60.79
CA GLU F 90 52.92 43.22 -59.46
C GLU F 90 51.79 43.89 -58.67
N ALA F 91 51.03 44.75 -59.35
CA ALA F 91 49.89 45.42 -58.73
C ALA F 91 48.77 44.45 -58.41
N ALA F 92 48.57 43.49 -59.31
CA ALA F 92 47.57 42.43 -59.14
C ALA F 92 47.84 41.56 -57.91
N ILE F 93 49.10 41.23 -57.67
CA ILE F 93 49.48 40.46 -56.48
C ILE F 93 49.04 41.21 -55.23
N GLN F 94 49.20 42.53 -55.22
CA GLN F 94 48.85 43.40 -54.10
C GLN F 94 47.36 43.30 -53.77
N THR F 95 46.51 43.22 -54.78
CA THR F 95 45.06 43.12 -54.58
C THR F 95 44.71 41.92 -53.69
N LEU F 96 45.43 40.80 -53.83
CA LEU F 96 45.18 39.68 -52.95
C LEU F 96 45.40 40.07 -51.49
N THR F 97 46.43 40.89 -51.21
CA THR F 97 46.62 41.35 -49.83
C THR F 97 45.40 42.15 -49.34
N MET F 98 44.70 42.86 -50.24
CA MET F 98 43.47 43.56 -49.89
C MET F 98 42.25 42.64 -49.77
N GLY F 99 42.42 41.33 -49.98
CA GLY F 99 41.37 40.36 -49.79
C GLY F 99 40.57 39.96 -51.01
N ALA F 100 41.02 40.31 -52.21
CA ALA F 100 40.49 39.70 -53.43
C ALA F 100 40.69 38.20 -53.44
N THR F 101 39.73 37.48 -54.01
CA THR F 101 39.83 36.02 -54.07
C THR F 101 40.86 35.58 -55.10
N ASP F 102 40.89 36.27 -56.24
CA ASP F 102 41.84 36.01 -57.32
C ASP F 102 41.99 37.26 -58.17
N TYR F 103 43.03 37.25 -58.99
CA TYR F 103 43.33 38.35 -59.90
C TYR F 103 43.64 37.89 -61.32
N VAL F 104 42.87 38.39 -62.29
CA VAL F 104 43.03 37.97 -63.68
C VAL F 104 43.38 39.22 -64.46
N LEU F 105 44.43 39.16 -65.26
CA LEU F 105 44.76 40.27 -66.14
C LEU F 105 43.97 40.19 -67.45
N LYS F 106 43.41 41.30 -67.91
CA LYS F 106 42.73 41.29 -69.20
C LYS F 106 43.66 40.88 -70.34
N ASP F 107 44.94 41.29 -70.27
CA ASP F 107 45.94 40.86 -71.25
C ASP F 107 46.34 39.39 -71.17
N ARG F 108 45.99 38.69 -70.09
CA ARG F 108 46.15 37.23 -70.01
C ARG F 108 44.81 36.69 -69.54
N ILE F 109 43.90 36.53 -70.49
CA ILE F 109 42.53 36.10 -70.19
C ILE F 109 42.43 34.60 -69.98
N GLU F 110 43.42 33.83 -70.46
CA GLU F 110 43.47 32.40 -70.18
C GLU F 110 43.48 32.08 -68.68
N LYS F 111 43.97 32.99 -67.85
CA LYS F 111 43.93 32.74 -66.41
C LYS F 111 42.54 32.93 -65.82
N LEU F 112 41.61 33.57 -66.54
CA LEU F 112 40.25 33.75 -66.02
C LEU F 112 39.56 32.42 -65.73
N LEU F 113 39.67 31.45 -66.63
CA LEU F 113 38.94 30.19 -66.47
C LEU F 113 39.34 29.37 -65.26
N PRO F 114 40.63 29.10 -65.02
CA PRO F 114 41.02 28.44 -63.76
C PRO F 114 40.56 29.16 -62.50
N ALA F 115 40.56 30.49 -62.49
CA ALA F 115 40.11 31.23 -61.33
C ALA F 115 38.62 31.01 -61.07
N VAL F 116 37.81 31.07 -62.13
CA VAL F 116 36.37 30.81 -62.00
C VAL F 116 36.13 29.35 -61.57
N GLN F 117 36.83 28.41 -62.21
CA GLN F 117 36.68 26.99 -61.89
C GLN F 117 37.04 26.71 -60.43
N ARG F 118 38.12 27.30 -59.94
CA ARG F 118 38.49 27.11 -58.55
C ARG F 118 37.39 27.61 -57.62
N ALA F 119 36.86 28.80 -57.88
CA ALA F 119 35.79 29.35 -57.07
C ALA F 119 34.56 28.45 -57.10
N LEU F 120 34.26 27.89 -58.28
CA LEU F 120 33.12 26.98 -58.45
C LEU F 120 33.34 25.64 -57.75
N HIS F 121 34.57 25.10 -57.80
CA HIS F 121 34.85 23.85 -57.10
C HIS F 121 34.62 23.98 -55.59
N GLU F 122 35.05 25.09 -54.99
CA GLU F 122 34.76 25.30 -53.57
C GLU F 122 33.26 25.38 -53.31
N LEU F 123 32.51 25.98 -54.24
CA LEU F 123 31.05 26.03 -54.13
C LEU F 123 30.45 24.62 -54.26
N GLU F 124 30.90 23.86 -55.27
CA GLU F 124 30.48 22.48 -55.48
C GLU F 124 30.78 21.60 -54.26
N ASP F 125 31.98 21.74 -53.70
CA ASP F 125 32.37 20.99 -52.51
C ASP F 125 31.38 21.25 -51.37
N HIS F 126 30.96 22.50 -51.23
CA HIS F 126 29.96 22.84 -50.20
C HIS F 126 28.63 22.17 -50.50
N GLU F 127 28.22 22.16 -51.78
CA GLU F 127 26.99 21.49 -52.18
C GLU F 127 27.05 20.01 -51.86
N LEU F 128 28.19 19.37 -52.10
CA LEU F 128 28.38 17.96 -51.76
C LEU F 128 28.20 17.70 -50.26
N ARG F 129 28.72 18.58 -49.41
CA ARG F 129 28.53 18.40 -47.97
C ARG F 129 27.05 18.46 -47.58
N ILE F 130 26.31 19.45 -48.06
CA ILE F 130 24.87 19.54 -47.78
C ILE F 130 24.15 18.30 -48.28
N LYS F 131 24.50 17.84 -49.47
CA LYS F 131 23.89 16.65 -50.05
C LYS F 131 24.16 15.44 -49.17
N ALA F 132 25.41 15.27 -48.73
CA ALA F 132 25.77 14.16 -47.85
C ALA F 132 25.01 14.23 -46.53
N GLU F 133 24.84 15.42 -45.96
CA GLU F 133 24.05 15.56 -44.73
C GLU F 133 22.59 15.23 -44.96
N LYS F 134 22.03 15.67 -46.09
CA LYS F 134 20.66 15.33 -46.45
C LYS F 134 20.48 13.82 -46.60
N GLU F 135 21.41 13.15 -47.30
CA GLU F 135 21.32 11.71 -47.43
C GLU F 135 21.37 11.04 -46.06
N ARG F 136 22.22 11.52 -45.15
CA ARG F 136 22.23 10.97 -43.80
C ARG F 136 20.88 11.15 -43.12
N TYR F 137 20.30 12.35 -43.26
CA TYR F 137 18.98 12.60 -42.68
C TYR F 137 17.91 11.68 -43.29
N GLU F 138 17.94 11.50 -44.62
CA GLU F 138 16.99 10.62 -45.29
C GLU F 138 17.14 9.17 -44.85
N LEU F 139 18.38 8.70 -44.70
CA LEU F 139 18.59 7.34 -44.20
C LEU F 139 18.11 7.22 -42.77
N GLU F 140 18.36 8.23 -41.94
CA GLU F 140 17.84 8.22 -40.58
C GLU F 140 16.31 8.17 -40.52
N GLU F 141 15.64 8.94 -41.39
CA GLU F 141 14.18 8.95 -41.43
C GLU F 141 13.61 7.63 -41.92
N GLN F 142 14.26 7.00 -42.90
CA GLN F 142 13.83 5.67 -43.31
C GLN F 142 13.92 4.65 -42.17
N LEU F 143 15.01 4.66 -41.40
CA LEU F 143 15.09 3.74 -40.27
C LEU F 143 14.01 4.02 -39.22
N ARG F 144 13.78 5.28 -38.88
CA ARG F 144 12.70 5.65 -37.95
C ARG F 144 11.31 5.25 -38.44
N GLN F 145 11.02 5.46 -39.73
CA GLN F 145 9.73 5.02 -40.25
C GLN F 145 9.60 3.50 -40.22
N SER F 146 10.68 2.79 -40.56
CA SER F 146 10.68 1.34 -40.51
C SER F 146 10.49 0.82 -39.09
N GLN F 147 11.17 1.43 -38.12
CA GLN F 147 10.95 1.04 -36.73
C GLN F 147 9.51 1.26 -36.29
N LYS F 148 8.87 2.34 -36.74
CA LYS F 148 7.44 2.51 -36.47
C LYS F 148 6.58 1.40 -37.09
N LEU F 149 6.86 1.02 -38.34
CA LEU F 149 6.11 -0.05 -39.01
C LEU F 149 6.36 -1.41 -38.36
N GLU F 150 7.58 -1.67 -37.95
CA GLU F 150 7.90 -2.91 -37.24
C GLU F 150 7.15 -3.01 -35.91
N ALA F 151 7.12 -1.92 -35.15
CA ALA F 151 6.33 -1.88 -33.91
C ALA F 151 4.83 -2.10 -34.15
N MET F 152 4.26 -1.53 -35.20
CA MET F 152 2.86 -1.81 -35.54
C MET F 152 2.68 -3.29 -35.88
N GLY F 153 3.65 -3.86 -36.59
CA GLY F 153 3.60 -5.26 -36.98
C GLY F 153 3.67 -6.19 -35.80
N VAL F 154 4.53 -5.89 -34.84
CA VAL F 154 4.60 -6.67 -33.61
C VAL F 154 3.30 -6.63 -32.83
N MET F 155 2.66 -5.46 -32.73
CA MET F 155 1.37 -5.47 -32.04
C MET F 155 0.30 -6.28 -32.78
N ALA F 156 0.26 -6.19 -34.11
CA ALA F 156 -0.69 -7.01 -34.86
C ALA F 156 -0.40 -8.50 -34.75
N GLY F 157 0.88 -8.86 -34.74
CA GLY F 157 1.29 -10.24 -34.55
C GLY F 157 0.99 -10.85 -33.18
N THR F 158 1.29 -10.12 -32.11
CA THR F 158 1.01 -10.66 -30.78
C THR F 158 -0.49 -10.78 -30.51
N MET F 159 -1.27 -9.81 -30.97
CA MET F 159 -2.71 -9.92 -30.77
C MET F 159 -3.31 -11.05 -31.61
N ALA F 160 -2.84 -11.21 -32.84
CA ALA F 160 -3.18 -12.37 -33.68
C ALA F 160 -2.78 -13.69 -33.05
N HIS F 161 -1.60 -13.74 -32.43
CA HIS F 161 -1.12 -14.96 -31.77
C HIS F 161 -1.95 -15.37 -30.56
N GLU F 162 -2.36 -14.44 -29.69
CA GLU F 162 -3.20 -14.82 -28.55
C GLU F 162 -4.63 -15.22 -28.94
N ILE F 163 -5.12 -14.69 -30.05
CA ILE F 163 -6.40 -14.98 -30.72
C ILE F 163 -6.48 -16.26 -31.57
N ASN F 164 -5.39 -16.67 -32.23
CA ASN F 164 -5.49 -17.80 -33.15
C ASN F 164 -5.96 -19.09 -32.49
N ASN F 165 -5.51 -19.41 -31.29
CA ASN F 165 -6.00 -20.63 -30.66
C ASN F 165 -7.53 -20.64 -30.48
N PRO F 166 -8.14 -19.65 -29.82
CA PRO F 166 -9.60 -19.63 -29.73
C PRO F 166 -10.33 -19.47 -31.05
N LEU F 167 -9.75 -18.78 -32.03
CA LEU F 167 -10.42 -18.70 -33.33
C LEU F 167 -10.52 -20.07 -33.98
N ILE F 168 -9.45 -20.86 -33.88
CA ILE F 168 -9.47 -22.23 -34.38
C ILE F 168 -10.53 -23.06 -33.64
N ALA F 169 -10.56 -22.98 -32.32
CA ALA F 169 -11.56 -23.71 -31.55
C ALA F 169 -12.99 -23.30 -31.90
N ILE F 170 -13.25 -22.00 -32.04
CA ILE F 170 -14.57 -21.54 -32.46
C ILE F 170 -14.94 -22.10 -33.83
N SER F 171 -14.01 -22.05 -34.78
CA SER F 171 -14.31 -22.53 -36.13
C SER F 171 -14.54 -24.03 -36.18
N GLU F 172 -13.74 -24.82 -35.46
CA GLU F 172 -13.94 -26.26 -35.38
C GLU F 172 -15.24 -26.67 -34.67
N TYR F 173 -15.50 -26.09 -33.50
CA TYR F 173 -16.74 -26.40 -32.79
C TYR F 173 -17.97 -26.02 -33.59
N ALA F 174 -17.95 -24.84 -34.22
CA ALA F 174 -19.08 -24.42 -35.04
C ALA F 174 -19.28 -25.33 -36.24
N ALA F 175 -18.20 -25.76 -36.88
CA ALA F 175 -18.30 -26.67 -38.01
C ALA F 175 -18.89 -28.02 -37.61
N MET F 176 -18.48 -28.54 -36.46
CA MET F 176 -19.04 -29.79 -35.97
C MET F 176 -20.55 -29.69 -35.72
N ILE F 177 -21.01 -28.62 -35.08
CA ILE F 177 -22.45 -28.44 -34.89
C ILE F 177 -23.19 -28.27 -36.22
N ALA F 178 -22.70 -27.39 -37.10
CA ALA F 178 -23.44 -27.16 -38.34
C ALA F 178 -23.46 -28.39 -39.25
N LYS F 179 -22.37 -29.15 -39.27
CA LYS F 179 -22.27 -30.40 -40.02
C LYS F 179 -23.03 -31.58 -39.40
N GLY F 180 -23.50 -31.46 -38.15
CA GLY F 180 -24.15 -32.57 -37.51
C GLY F 180 -23.27 -33.74 -37.11
N GLU F 181 -21.96 -33.54 -37.01
CA GLU F 181 -21.05 -34.62 -36.64
C GLU F 181 -21.07 -34.93 -35.14
N VAL F 182 -21.91 -34.24 -34.38
CA VAL F 182 -21.98 -34.32 -32.92
C VAL F 182 -23.44 -34.51 -32.50
N ASP F 183 -23.69 -35.36 -31.50
CA ASP F 183 -25.05 -35.46 -30.97
C ASP F 183 -25.50 -34.15 -30.30
N SER F 184 -26.81 -34.06 -30.04
CA SER F 184 -27.42 -32.85 -29.48
C SER F 184 -26.81 -32.42 -28.15
N GLU F 185 -26.32 -33.35 -27.34
CA GLU F 185 -25.81 -32.96 -26.03
C GLU F 185 -24.38 -32.43 -26.12
N LYS F 186 -23.56 -33.06 -26.95
CA LYS F 186 -22.25 -32.50 -27.26
C LYS F 186 -22.38 -31.16 -27.96
N ALA F 187 -23.40 -31.00 -28.83
CA ALA F 187 -23.61 -29.71 -29.49
C ALA F 187 -23.86 -28.58 -28.50
N LYS F 188 -24.66 -28.80 -27.47
CA LYS F 188 -24.80 -27.78 -26.43
C LYS F 188 -23.47 -27.51 -25.72
N GLN F 189 -22.71 -28.55 -25.42
CA GLN F 189 -21.41 -28.39 -24.78
C GLN F 189 -20.43 -27.61 -25.66
N LEU F 190 -20.37 -27.94 -26.96
CA LEU F 190 -19.51 -27.21 -27.88
C LEU F 190 -19.94 -25.75 -28.00
N ALA F 191 -21.25 -25.50 -28.02
CA ALA F 191 -21.76 -24.13 -28.01
C ALA F 191 -21.33 -23.39 -26.75
N SER F 192 -21.29 -24.07 -25.61
CA SER F 192 -20.75 -23.45 -24.41
C SER F 192 -19.27 -23.11 -24.58
N LYS F 193 -18.49 -24.03 -25.16
CA LYS F 193 -17.09 -23.76 -25.42
C LYS F 193 -16.91 -22.58 -26.36
N ILE F 194 -17.77 -22.49 -27.38
CA ILE F 194 -17.76 -21.33 -28.28
C ILE F 194 -17.98 -20.04 -27.52
N ARG F 195 -18.93 -20.03 -26.58
CA ARG F 195 -19.15 -18.83 -25.79
C ARG F 195 -17.91 -18.44 -25.00
N ASP F 196 -17.24 -19.42 -24.40
CA ASP F 196 -16.06 -19.14 -23.59
C ASP F 196 -14.89 -18.62 -24.43
N GLU F 197 -14.66 -19.21 -25.60
CA GLU F 197 -13.61 -18.70 -26.47
C GLU F 197 -13.91 -17.30 -27.01
N SER F 198 -15.18 -17.00 -27.29
CA SER F 198 -15.51 -15.64 -27.68
C SER F 198 -15.31 -14.67 -26.53
N ALA F 199 -15.66 -15.09 -25.31
CA ALA F 199 -15.40 -14.27 -24.13
C ALA F 199 -13.91 -14.11 -23.87
N ARG F 200 -13.13 -15.16 -24.13
CA ARG F 200 -11.68 -15.07 -24.03
C ARG F 200 -11.10 -14.05 -25.01
N ILE F 201 -11.52 -14.13 -26.28
CA ILE F 201 -11.06 -13.14 -27.25
C ILE F 201 -11.40 -11.72 -26.82
N SER F 202 -12.62 -11.47 -26.32
CA SER F 202 -12.94 -10.13 -25.86
C SER F 202 -12.06 -9.66 -24.70
N THR F 203 -11.67 -10.56 -23.80
CA THR F 203 -10.79 -10.15 -22.70
C THR F 203 -9.36 -9.89 -23.17
N ILE F 204 -8.85 -10.75 -24.04
CA ILE F 204 -7.53 -10.53 -24.61
C ILE F 204 -7.47 -9.19 -25.33
N MET F 205 -8.46 -8.92 -26.17
CA MET F 205 -8.47 -7.62 -26.85
C MET F 205 -8.61 -6.45 -25.89
N LYS F 206 -9.50 -6.56 -24.90
CA LYS F 206 -9.61 -5.48 -23.93
C LYS F 206 -8.35 -5.32 -23.08
N ASN F 207 -7.75 -6.42 -22.64
CA ASN F 207 -6.51 -6.33 -21.86
C ASN F 207 -5.34 -5.82 -22.69
N LEU F 208 -5.22 -6.27 -23.95
CA LEU F 208 -4.19 -5.72 -24.81
C LEU F 208 -4.42 -4.24 -25.07
N LEU F 209 -5.65 -3.88 -25.43
CA LEU F 209 -6.00 -2.49 -25.69
C LEU F 209 -5.91 -1.64 -24.43
N ARG F 210 -6.20 -2.22 -23.27
CA ARG F 210 -6.05 -1.50 -22.00
C ARG F 210 -4.59 -1.30 -21.62
N PHE F 211 -3.72 -2.25 -22.00
CA PHE F 211 -2.30 -2.02 -21.78
C PHE F 211 -1.76 -0.99 -22.76
N SER F 212 -2.31 -0.92 -23.98
CA SER F 212 -1.81 0.05 -24.94
C SER F 212 -2.42 1.43 -24.77
N ARG F 213 -3.56 1.52 -24.06
CA ARG F 213 -4.23 2.80 -23.85
C ARG F 213 -3.70 3.56 -22.65
N ASP F 214 -2.72 3.00 -21.94
CA ASP F 214 -2.30 3.47 -20.63
C ASP F 214 -2.15 4.99 -20.64
N ASP F 215 -2.83 5.63 -19.68
CA ASP F 215 -3.01 7.08 -19.70
C ASP F 215 -1.67 7.78 -19.86
N LYS F 216 -1.51 8.46 -20.99
CA LYS F 216 -0.32 9.26 -21.25
C LYS F 216 -0.19 10.43 -20.28
N GLY F 217 -1.08 10.51 -19.29
CA GLY F 217 -0.99 11.52 -18.26
C GLY F 217 -2.24 12.36 -18.15
N SER F 218 -2.47 12.93 -16.97
CA SER F 218 -3.44 13.99 -16.81
C SER F 218 -3.02 15.23 -17.59
N LEU F 219 -4.01 15.97 -18.06
CA LEU F 219 -3.78 17.32 -18.57
C LEU F 219 -3.32 18.26 -17.46
N TYR F 220 -2.34 19.10 -17.80
CA TYR F 220 -1.83 20.14 -16.92
C TYR F 220 -1.71 21.42 -17.73
N PRO F 221 -1.74 22.58 -17.07
CA PRO F 221 -1.55 23.86 -17.78
C PRO F 221 -0.12 23.96 -18.33
N VAL F 222 -0.04 24.23 -19.64
CA VAL F 222 1.22 24.48 -20.32
C VAL F 222 1.11 25.81 -21.06
N GLU F 223 2.16 26.60 -20.95
CA GLU F 223 2.28 27.88 -21.64
C GLU F 223 2.44 27.71 -23.15
N VAL F 224 1.64 28.46 -23.93
CA VAL F 224 1.64 28.34 -25.39
C VAL F 224 3.02 28.62 -25.95
N GLY F 225 3.75 29.53 -25.34
CA GLY F 225 5.08 29.85 -25.82
C GLY F 225 6.02 28.67 -25.70
N GLU F 226 5.87 27.84 -24.65
CA GLU F 226 6.77 26.70 -24.54
C GLU F 226 6.56 25.77 -25.72
N ILE F 227 5.31 25.62 -26.14
CA ILE F 227 5.02 24.79 -27.31
C ILE F 227 5.65 25.37 -28.59
N LEU F 228 5.55 26.69 -28.78
CA LEU F 228 6.11 27.28 -29.99
C LEU F 228 7.62 27.25 -30.02
N VAL F 229 8.27 27.53 -28.89
CA VAL F 229 9.73 27.44 -28.86
C VAL F 229 10.21 26.02 -29.11
N LYS F 230 9.56 25.04 -28.49
CA LYS F 230 9.91 23.65 -28.75
C LYS F 230 9.64 23.26 -30.19
N LEU F 231 8.48 23.65 -30.73
CA LEU F 231 8.21 23.36 -32.14
C LEU F 231 9.26 23.97 -33.06
N GLU F 232 9.61 25.25 -32.82
CA GLU F 232 10.66 25.89 -33.60
C GLU F 232 11.99 25.15 -33.53
N SER F 233 12.44 24.85 -32.31
CA SER F 233 13.71 24.16 -32.12
C SER F 233 13.76 22.83 -32.85
N ILE F 234 12.63 22.11 -32.94
CA ILE F 234 12.63 20.80 -33.60
C ILE F 234 12.56 20.91 -35.13
N THR F 235 11.91 21.94 -35.67
CA THR F 235 11.66 21.95 -37.10
C THR F 235 12.65 22.78 -37.89
N GLN F 236 13.44 23.64 -37.24
CA GLN F 236 14.46 24.43 -37.94
C GLN F 236 15.34 23.54 -38.81
N GLN F 237 15.81 22.42 -38.26
CA GLN F 237 16.66 21.50 -39.00
C GLN F 237 15.92 20.81 -40.14
N ILE F 238 14.63 20.52 -39.96
CA ILE F 238 13.84 19.93 -41.05
C ILE F 238 13.74 20.88 -42.24
N PHE F 239 13.41 22.15 -41.98
CA PHE F 239 13.30 23.14 -43.04
C PHE F 239 14.63 23.39 -43.73
N LYS F 240 15.72 23.49 -42.96
CA LYS F 240 17.05 23.66 -43.55
C LYS F 240 17.44 22.50 -44.46
N MET F 241 17.23 21.27 -44.01
CA MET F 241 17.56 20.11 -44.81
C MET F 241 16.74 20.02 -46.09
N ASN F 242 15.48 20.43 -46.03
CA ASN F 242 14.55 20.41 -47.16
C ASN F 242 14.56 21.68 -47.99
N ARG F 243 15.41 22.66 -47.66
CA ARG F 243 15.48 23.95 -48.36
C ARG F 243 14.12 24.65 -48.37
N ILE F 244 13.45 24.62 -47.22
CA ILE F 244 12.15 25.26 -47.06
C ILE F 244 12.36 26.60 -46.39
N ASP F 245 11.73 27.63 -46.92
CA ASP F 245 11.69 28.93 -46.25
C ASP F 245 10.55 28.99 -45.23
N ALA F 246 10.86 29.20 -43.95
CA ALA F 246 9.82 29.15 -42.94
C ALA F 246 9.68 30.56 -42.39
N SER F 247 8.49 31.11 -42.60
CA SER F 247 7.97 32.39 -42.14
C SER F 247 6.97 32.25 -40.99
N TRP F 248 7.03 33.16 -40.03
CA TRP F 248 6.13 33.10 -38.88
C TRP F 248 5.37 34.40 -39.04
N LYS F 249 4.04 34.33 -38.95
CA LYS F 249 3.19 35.51 -39.02
C LYS F 249 2.79 36.10 -37.68
N ASN F 250 2.57 35.27 -36.66
CA ASN F 250 2.14 35.80 -35.38
C ASN F 250 2.37 34.77 -34.30
N VAL F 251 2.61 35.25 -33.08
CA VAL F 251 2.67 34.37 -31.92
C VAL F 251 1.76 34.97 -30.86
N GLU F 252 1.28 34.14 -29.93
CA GLU F 252 0.56 34.73 -28.81
C GLU F 252 0.86 34.12 -27.45
N PRO F 253 2.14 33.94 -27.09
CA PRO F 253 2.47 33.43 -25.76
C PRO F 253 1.86 34.28 -24.66
N GLY F 254 1.69 33.65 -23.50
CA GLY F 254 1.21 34.23 -22.26
C GLY F 254 -0.24 33.85 -22.03
N HIS F 255 -0.71 32.93 -22.85
CA HIS F 255 -1.98 32.22 -22.82
C HIS F 255 -1.67 30.76 -22.51
N SER F 256 -2.37 30.16 -21.56
CA SER F 256 -2.05 28.77 -21.29
C SER F 256 -3.28 27.91 -21.58
N ILE F 257 -2.99 26.66 -21.93
CA ILE F 257 -3.96 25.60 -22.15
C ILE F 257 -3.68 24.39 -21.27
N GLN F 258 -4.77 23.73 -20.86
CA GLN F 258 -4.69 22.44 -20.18
C GLN F 258 -4.47 21.37 -21.26
N CYS F 259 -3.24 20.86 -21.34
CA CYS F 259 -2.90 19.89 -22.38
C CYS F 259 -1.86 18.90 -21.87
N ARG F 260 -1.68 17.83 -22.63
CA ARG F 260 -0.46 17.01 -22.58
C ARG F 260 0.46 17.57 -23.65
N GLU F 261 1.46 18.32 -23.22
CA GLU F 261 2.34 19.05 -24.14
C GLU F 261 2.90 18.15 -25.24
N GLY F 262 3.34 16.93 -24.89
CA GLY F 262 3.88 16.03 -25.89
C GLY F 262 2.93 15.68 -27.01
N GLN F 263 1.64 15.58 -26.70
CA GLN F 263 0.64 15.27 -27.72
C GLN F 263 0.34 16.48 -28.61
N ILE F 264 0.34 17.67 -28.03
CA ILE F 264 0.20 18.87 -28.85
C ILE F 264 1.37 18.98 -29.81
N LEU F 265 2.60 18.82 -29.30
CA LEU F 265 3.76 18.79 -30.19
C LEU F 265 3.65 17.67 -31.22
N GLN F 266 2.99 16.56 -30.89
CA GLN F 266 2.77 15.51 -31.88
C GLN F 266 1.85 15.95 -33.01
N ILE F 267 0.75 16.64 -32.68
CA ILE F 267 -0.10 17.20 -33.71
C ILE F 267 0.69 18.13 -34.61
N LEU F 268 1.36 19.12 -34.01
CA LEU F 268 2.05 20.14 -34.79
C LEU F 268 3.14 19.53 -35.67
N LEU F 269 3.91 18.60 -35.11
CA LEU F 269 4.94 17.91 -35.89
C LEU F 269 4.34 17.09 -37.03
N ASN F 270 3.17 16.47 -36.79
CA ASN F 270 2.49 15.73 -37.85
C ASN F 270 2.03 16.64 -38.98
N LEU F 271 1.49 17.82 -38.66
CA LEU F 271 1.12 18.78 -39.69
C LEU F 271 2.33 19.28 -40.47
N VAL F 272 3.43 19.58 -39.77
CA VAL F 272 4.69 19.98 -40.42
C VAL F 272 5.18 18.90 -41.38
N ASN F 273 5.15 17.64 -40.97
CA ASN F 273 5.59 16.58 -41.86
C ASN F 273 4.74 16.51 -43.11
N ASN F 274 3.42 16.69 -42.96
CA ASN F 274 2.54 16.76 -44.12
C ASN F 274 2.90 17.92 -45.03
N ALA F 275 3.22 19.07 -44.45
CA ALA F 275 3.67 20.20 -45.27
C ALA F 275 4.97 19.91 -46.01
N VAL F 276 5.97 19.36 -45.31
CA VAL F 276 7.23 19.01 -45.98
C VAL F 276 7.04 18.00 -47.11
N ASP F 277 6.24 16.94 -46.87
CA ASP F 277 6.00 15.97 -47.94
C ASP F 277 5.29 16.60 -49.14
N SER F 278 4.27 17.41 -48.88
CA SER F 278 3.59 18.14 -49.95
C SER F 278 4.54 19.07 -50.68
N LEU F 279 5.38 19.79 -49.95
CA LEU F 279 6.35 20.70 -50.55
C LEU F 279 7.40 19.97 -51.39
N ASN F 280 7.93 18.86 -50.89
CA ASN F 280 8.92 18.13 -51.68
C ASN F 280 8.32 17.55 -52.96
N GLN F 281 7.03 17.18 -52.91
CA GLN F 281 6.34 16.69 -54.10
C GLN F 281 6.14 17.78 -55.15
N LYS F 282 5.81 19.01 -54.72
CA LYS F 282 5.63 20.10 -55.67
C LYS F 282 6.96 20.68 -56.14
N TYR F 283 7.92 20.83 -55.24
CA TYR F 283 9.22 21.44 -55.52
C TYR F 283 10.29 20.41 -55.13
N PRO F 284 10.60 19.47 -56.01
CA PRO F 284 11.64 18.48 -55.69
C PRO F 284 13.02 19.08 -55.45
N GLU F 285 13.33 20.20 -56.09
CA GLU F 285 14.60 20.90 -55.87
C GLU F 285 14.34 22.18 -55.07
N TYR F 286 15.35 23.03 -54.96
CA TYR F 286 15.18 24.32 -54.31
C TYR F 286 14.34 25.26 -55.17
N ASP F 287 13.35 25.88 -54.55
CA ASP F 287 12.49 26.85 -55.20
C ASP F 287 12.14 27.95 -54.20
N THR F 288 12.08 29.19 -54.69
CA THR F 288 11.73 30.33 -53.86
C THR F 288 10.31 30.28 -53.32
N GLU F 289 9.40 29.57 -54.00
CA GLU F 289 8.04 29.41 -53.51
C GLU F 289 7.85 28.23 -52.56
N LYS F 290 8.92 27.49 -52.28
CA LYS F 290 8.88 26.38 -51.31
C LYS F 290 8.94 26.96 -49.89
N ARG F 291 7.82 27.58 -49.50
CA ARG F 291 7.72 28.32 -48.27
C ARG F 291 6.64 27.73 -47.38
N ILE F 292 6.80 27.96 -46.08
CA ILE F 292 5.85 27.55 -45.05
C ILE F 292 5.61 28.73 -44.12
N ILE F 293 4.36 28.89 -43.70
CA ILE F 293 3.95 29.90 -42.75
C ILE F 293 3.46 29.17 -41.52
N LEU F 294 4.04 29.51 -40.37
CA LEU F 294 3.70 28.98 -39.06
C LEU F 294 3.22 30.12 -38.19
N GLU F 295 2.00 30.01 -37.68
CA GLU F 295 1.43 31.10 -36.90
C GLU F 295 0.79 30.51 -35.65
N ASN F 296 0.75 31.33 -34.60
CA ASN F 296 -0.15 31.11 -33.49
C ASN F 296 -1.01 32.36 -33.32
N SER F 297 -2.21 32.17 -32.82
CA SER F 297 -3.13 33.29 -32.63
C SER F 297 -4.12 32.94 -31.54
N ILE F 298 -4.78 33.95 -31.01
CA ILE F 298 -5.91 33.75 -30.12
C ILE F 298 -7.15 33.92 -30.98
N VAL F 299 -8.01 32.92 -30.98
CA VAL F 299 -9.27 32.95 -31.71
C VAL F 299 -10.42 32.83 -30.72
N GLU F 300 -11.51 33.50 -31.04
CA GLU F 300 -12.73 33.47 -30.27
C GLU F 300 -13.77 32.73 -31.09
N GLU F 301 -14.39 31.71 -30.50
CA GLU F 301 -15.40 30.91 -31.15
C GLU F 301 -16.50 30.69 -30.13
N ASN F 302 -17.73 31.01 -30.56
CA ASN F 302 -18.92 30.94 -29.72
C ASN F 302 -18.69 31.68 -28.40
N HIS F 303 -18.07 32.86 -28.51
CA HIS F 303 -17.72 33.71 -27.36
C HIS F 303 -16.79 33.02 -26.35
N LYS F 304 -16.11 31.97 -26.78
CA LYS F 304 -15.07 31.30 -26.00
C LYS F 304 -13.77 31.49 -26.77
N LYS F 305 -12.69 31.78 -26.05
CA LYS F 305 -11.38 31.93 -26.66
C LYS F 305 -10.60 30.62 -26.72
N TYR F 306 -9.96 30.40 -27.87
CA TYR F 306 -9.11 29.26 -28.18
C TYR F 306 -7.77 29.80 -28.66
N ALA F 307 -6.70 29.12 -28.27
CA ALA F 307 -5.41 29.26 -28.93
C ALA F 307 -5.40 28.46 -30.23
N GLU F 308 -5.19 29.15 -31.35
CA GLU F 308 -5.05 28.51 -32.65
C GLU F 308 -3.57 28.42 -33.01
N PHE F 309 -3.11 27.19 -33.26
CA PHE F 309 -1.80 26.94 -33.86
C PHE F 309 -2.06 26.58 -35.32
N SER F 310 -1.45 27.34 -36.23
CA SER F 310 -1.66 27.20 -37.67
C SER F 310 -0.39 26.86 -38.43
N ILE F 311 -0.51 25.92 -39.36
CA ILE F 311 0.60 25.58 -40.24
C ILE F 311 0.12 25.64 -41.69
N GLN F 312 0.64 26.62 -42.45
CA GLN F 312 0.26 26.80 -43.84
C GLN F 312 1.47 26.55 -44.73
N ASP F 313 1.35 25.57 -45.63
CA ASP F 313 2.34 25.32 -46.68
C ASP F 313 1.79 25.72 -48.03
N PHE F 314 2.69 26.12 -48.93
CA PHE F 314 2.29 26.44 -50.29
C PHE F 314 2.66 25.33 -51.28
N GLY F 315 2.66 24.08 -50.84
CA GLY F 315 2.98 23.00 -51.75
C GLY F 315 1.73 22.66 -52.52
N THR F 316 1.54 21.36 -52.78
CA THR F 316 0.46 20.91 -53.64
C THR F 316 -0.86 20.99 -52.87
N GLY F 317 -1.93 21.19 -53.60
CA GLY F 317 -3.21 21.43 -52.97
C GLY F 317 -3.85 20.09 -52.70
N ILE F 318 -4.98 20.09 -51.99
CA ILE F 318 -5.67 18.84 -51.68
C ILE F 318 -6.87 18.78 -52.62
N PRO F 319 -6.94 17.81 -53.52
CA PRO F 319 -8.12 17.63 -54.37
C PRO F 319 -9.43 17.51 -53.60
N ILE F 320 -10.47 18.17 -54.14
CA ILE F 320 -11.75 18.29 -53.42
C ILE F 320 -12.33 16.91 -53.14
N ASP F 321 -12.12 15.96 -54.05
CA ASP F 321 -12.63 14.61 -53.90
C ASP F 321 -11.99 13.90 -52.72
N ILE F 322 -10.74 14.24 -52.40
CA ILE F 322 -10.05 13.56 -51.31
C ILE F 322 -10.18 14.34 -50.00
N GLN F 323 -10.57 15.61 -50.07
CA GLN F 323 -10.65 16.47 -48.87
C GLN F 323 -11.50 15.85 -47.77
N LYS F 324 -12.56 15.13 -48.14
CA LYS F 324 -13.44 14.47 -47.18
C LYS F 324 -12.81 13.24 -46.52
N SER F 325 -11.72 12.70 -47.05
CA SER F 325 -11.19 11.44 -46.57
C SER F 325 -9.85 11.52 -45.86
N ILE F 326 -9.18 12.68 -45.88
CA ILE F 326 -7.84 12.80 -45.32
C ILE F 326 -7.75 12.52 -43.82
N PHE F 327 -8.85 12.65 -43.07
CA PHE F 327 -8.83 12.31 -41.65
C PHE F 327 -9.22 10.89 -41.32
N LYS F 328 -9.63 10.08 -42.29
CA LYS F 328 -9.92 8.69 -41.99
C LYS F 328 -8.62 7.94 -41.68
N THR F 329 -8.67 7.08 -40.66
CA THR F 329 -7.53 6.24 -40.30
C THR F 329 -7.07 5.39 -41.48
N PHE F 330 -5.75 5.33 -41.64
CA PHE F 330 -4.99 4.64 -42.68
C PHE F 330 -5.16 5.23 -44.08
N PHE F 331 -5.83 6.37 -44.24
CA PHE F 331 -5.88 7.00 -45.56
C PHE F 331 -4.56 7.70 -45.83
N THR F 332 -3.90 7.31 -46.93
CA THR F 332 -2.65 7.92 -47.36
C THR F 332 -2.52 7.87 -48.87
N THR F 333 -1.94 8.93 -49.44
CA THR F 333 -1.56 8.91 -50.84
C THR F 333 -0.11 8.51 -51.04
N LYS F 334 0.67 8.42 -49.96
CA LYS F 334 2.06 7.97 -50.04
C LYS F 334 2.01 6.44 -50.12
N SER F 335 1.72 5.94 -51.32
CA SER F 335 1.75 4.50 -51.56
C SER F 335 3.10 3.89 -51.20
N ALA F 336 4.15 4.30 -51.92
CA ALA F 336 5.50 3.88 -51.56
C ALA F 336 5.96 4.74 -50.38
N ASP F 337 7.24 4.63 -50.02
CA ASP F 337 7.86 5.39 -48.95
C ASP F 337 7.23 5.13 -47.58
N LYS F 338 6.41 4.09 -47.46
CA LYS F 338 5.80 3.69 -46.19
C LYS F 338 5.00 4.84 -45.56
N GLY F 339 3.97 5.29 -46.28
CA GLY F 339 3.03 6.19 -45.64
C GLY F 339 2.06 5.38 -44.82
N THR F 340 1.98 5.63 -43.51
CA THR F 340 1.04 4.88 -42.69
C THR F 340 -0.38 5.43 -42.70
N GLY F 341 -0.61 6.63 -43.21
CA GLY F 341 -1.95 7.19 -43.17
C GLY F 341 -2.50 7.49 -41.79
N LEU F 342 -1.64 7.55 -40.76
CA LEU F 342 -2.11 7.76 -39.39
C LEU F 342 -1.98 9.17 -38.86
N GLY F 343 -1.17 10.02 -39.49
CA GLY F 343 -0.91 11.34 -38.93
C GLY F 343 -2.15 12.16 -38.66
N LEU F 344 -2.96 12.42 -39.68
CA LEU F 344 -4.11 13.29 -39.49
C LEU F 344 -5.19 12.67 -38.61
N SER F 345 -5.40 11.36 -38.69
CA SER F 345 -6.39 10.70 -37.84
C SER F 345 -6.02 10.70 -36.37
N VAL F 346 -4.75 10.45 -36.04
CA VAL F 346 -4.34 10.57 -34.64
C VAL F 346 -4.41 12.00 -34.15
N SER F 347 -3.93 12.94 -34.97
CA SER F 347 -3.99 14.35 -34.60
C SER F 347 -5.42 14.83 -34.38
N LEU F 348 -6.36 14.40 -35.22
CA LEU F 348 -7.75 14.78 -34.99
C LEU F 348 -8.27 14.19 -33.69
N GLY F 349 -7.91 12.94 -33.39
CA GLY F 349 -8.29 12.34 -32.13
C GLY F 349 -7.75 13.09 -30.92
N ILE F 350 -6.46 13.41 -30.94
CA ILE F 350 -5.84 14.17 -29.86
C ILE F 350 -6.49 15.54 -29.69
N ALA F 351 -6.76 16.25 -30.78
CA ALA F 351 -7.39 17.57 -30.65
C ALA F 351 -8.72 17.50 -29.95
N LYS F 352 -9.57 16.52 -30.28
CA LYS F 352 -10.84 16.38 -29.61
C LYS F 352 -10.70 16.00 -28.13
N GLU F 353 -9.76 15.11 -27.80
CA GLU F 353 -9.50 14.77 -26.40
C GLU F 353 -9.12 15.99 -25.57
N HIS F 354 -8.58 17.02 -26.21
CA HIS F 354 -8.23 18.27 -25.56
C HIS F 354 -9.34 19.31 -25.64
N GLY F 355 -10.54 18.91 -26.06
CA GLY F 355 -11.62 19.85 -26.23
C GLY F 355 -11.44 20.81 -27.37
N GLY F 356 -10.51 20.51 -28.28
CA GLY F 356 -10.19 21.35 -29.40
C GLY F 356 -10.75 20.83 -30.71
N SER F 357 -10.34 21.49 -31.79
CA SER F 357 -10.70 21.04 -33.13
C SER F 357 -9.45 21.13 -34.01
N LEU F 358 -9.40 20.29 -35.04
CA LEU F 358 -8.37 20.35 -36.07
C LEU F 358 -9.05 20.50 -37.43
N ASN F 359 -8.74 21.58 -38.13
CA ASN F 359 -9.39 21.91 -39.38
C ASN F 359 -8.36 22.32 -40.43
N PHE F 360 -8.83 22.47 -41.65
CA PHE F 360 -7.95 22.87 -42.74
C PHE F 360 -8.71 23.67 -43.78
N GLU F 361 -7.95 24.46 -44.53
CA GLU F 361 -8.38 25.14 -45.74
C GLU F 361 -7.34 24.83 -46.81
N SER F 362 -7.79 24.54 -48.03
CA SER F 362 -6.85 24.25 -49.10
C SER F 362 -7.45 24.62 -50.45
N GLU F 363 -6.62 25.23 -51.28
CA GLU F 363 -6.91 25.46 -52.68
C GLU F 363 -5.97 24.59 -53.52
N PRO F 364 -6.50 23.69 -54.34
CA PRO F 364 -5.65 22.82 -55.16
C PRO F 364 -4.63 23.60 -55.99
N GLY F 365 -3.38 23.13 -55.93
CA GLY F 365 -2.27 23.75 -56.63
C GLY F 365 -1.68 25.01 -56.02
N ARG F 366 -2.29 25.55 -54.96
CA ARG F 366 -1.80 26.79 -54.36
C ARG F 366 -1.23 26.60 -52.95
N TYR F 367 -2.05 26.19 -52.00
CA TYR F 367 -1.61 26.13 -50.60
C TYR F 367 -2.50 25.16 -49.83
N THR F 368 -2.02 24.74 -48.66
CA THR F 368 -2.85 24.10 -47.65
C THR F 368 -2.54 24.72 -46.29
N ARG F 369 -3.58 25.07 -45.54
CA ARG F 369 -3.44 25.54 -44.16
C ARG F 369 -4.21 24.64 -43.20
N PHE F 370 -3.48 23.91 -42.35
CA PHE F 370 -4.10 23.25 -41.20
C PHE F 370 -3.99 24.12 -39.96
N TYR F 371 -5.06 24.14 -39.15
CA TYR F 371 -5.05 24.88 -37.90
C TYR F 371 -5.69 24.08 -36.76
N LEU F 372 -4.96 24.02 -35.64
CA LEU F 372 -5.39 23.39 -34.40
C LEU F 372 -5.85 24.44 -33.40
N ARG F 373 -7.08 24.30 -32.92
CA ARG F 373 -7.61 25.14 -31.84
C ARG F 373 -7.68 24.33 -30.55
N VAL F 374 -7.12 24.89 -29.47
CA VAL F 374 -7.23 24.27 -28.15
C VAL F 374 -7.79 25.33 -27.21
N PRO F 375 -8.78 25.01 -26.38
CA PRO F 375 -9.32 26.03 -25.46
C PRO F 375 -8.26 26.59 -24.54
N ILE F 376 -8.27 27.92 -24.40
CA ILE F 376 -7.45 28.62 -23.42
C ILE F 376 -7.92 28.27 -22.01
N PHE F 377 -6.96 28.03 -21.12
CA PHE F 377 -7.24 27.92 -19.70
C PHE F 377 -7.43 29.34 -19.16
N ASP F 378 -8.65 29.64 -18.68
CA ASP F 378 -8.90 30.89 -17.98
C ASP F 378 -9.01 30.64 -16.49
N PRO F 379 -8.20 31.30 -15.66
CA PRO F 379 -8.27 31.11 -14.21
C PRO F 379 -9.54 31.70 -13.58
N SER F 380 -9.63 31.62 -12.25
CA SER F 380 -10.80 32.11 -11.53
C SER F 380 -10.90 33.64 -11.61
PG ACP G . 15.22 26.52 25.13
O1G ACP G . 13.76 26.56 24.75
O2G ACP G . 15.99 27.70 24.50
O3G ACP G . 15.91 25.20 24.72
PB ACP G . 14.49 28.11 27.58
O1B ACP G . 14.88 28.39 29.02
O2B ACP G . 12.98 27.72 27.56
C3B ACP G . 15.43 26.70 26.91
PA ACP G . 13.39 30.11 26.26
O1A ACP G . 12.50 29.24 25.45
O2A ACP G . 13.77 31.39 25.51
O3A ACP G . 14.76 29.40 26.64
O5' ACP G . 12.78 30.48 27.67
C5' ACP G . 13.18 31.68 28.36
C4' ACP G . 12.78 31.56 29.82
O4' ACP G . 11.51 32.24 30.02
C3' ACP G . 12.53 30.14 30.31
O3' ACP G . 13.74 29.48 30.67
C2' ACP G . 11.61 30.38 31.51
O2' ACP G . 12.32 30.77 32.68
C1' ACP G . 10.75 31.56 31.01
N9 ACP G . 9.48 31.15 30.43
C8 ACP G . 9.12 31.16 29.11
N7 ACP G . 7.91 30.73 28.87
C5 ACP G . 7.43 30.41 30.13
C6 ACP G . 6.19 29.88 30.57
N6 ACP G . 5.17 29.60 29.76
N1 ACP G . 6.04 29.68 31.90
C2 ACP G . 7.05 29.96 32.72
N3 ACP G . 8.26 30.46 32.42
C4 ACP G . 8.38 30.65 31.10
MG MG H . -23.94 -14.63 49.95
BE BEF I . -22.35 -16.66 47.98
F1 BEF I . -22.76 -16.93 46.49
F2 BEF I . -21.18 -17.53 48.51
F3 BEF I . -23.54 -16.42 48.96
MG MG J . 12.05 27.21 25.74
S SO4 K . -4.22 -12.72 60.24
O1 SO4 K . -5.49 -12.71 60.94
O2 SO4 K . -4.16 -13.84 59.32
O3 SO4 K . -4.07 -11.47 59.50
O4 SO4 K . -3.13 -12.82 61.20
PG ACP L . 22.93 15.43 8.91
O1G ACP L . 23.10 13.98 9.23
O2G ACP L . 24.16 16.24 9.35
O3G ACP L . 21.69 16.03 9.63
PB ACP L . 23.93 14.78 6.13
O1B ACP L . 23.89 15.25 4.69
O2B ACP L . 23.54 13.28 6.15
C3B ACP L . 22.72 15.71 7.14
PA ACP L . 26.20 13.67 6.90
O1A ACP L . 25.55 12.75 7.85
O2A ACP L . 27.63 14.02 7.31
O3A ACP L . 25.41 15.02 6.73
O5' ACP L . 26.26 13.14 5.41
C5' ACP L . 27.44 13.31 4.60
C4' ACP L . 27.09 12.81 3.22
O4' ACP L . 27.57 11.45 3.08
C3' ACP L . 25.61 12.73 2.93
O3' ACP L . 25.09 13.99 2.50
C2' ACP L . 25.55 11.65 1.84
O2' ACP L . 25.81 12.13 0.53
C1' ACP L . 26.66 10.70 2.29
N9 ACP L . 26.20 9.55 3.06
C8 ACP L . 26.33 9.34 4.40
N7 ACP L . 25.81 8.21 4.82
C5 ACP L . 25.29 7.64 3.68
C6 ACP L . 24.61 6.44 3.43
N6 ACP L . 24.31 5.55 4.39
N1 ACP L . 24.23 6.16 2.17
C2 ACP L . 24.52 7.05 1.21
N3 ACP L . 25.16 8.21 1.31
C4 ACP L . 25.52 8.46 2.58
MG MG M . -18.07 -21.92 -11.60
BE BEF N . -20.10 -20.32 -9.52
F1 BEF N . -20.60 -20.62 -8.07
F2 BEF N . -20.88 -19.19 -10.23
F3 BEF N . -19.77 -21.55 -10.42
MG MG O . 23.48 12.37 8.03
PG ACP P . -43.94 -27.64 22.69
O1G ACP P . -43.71 -27.02 24.03
O2G ACP P . -44.43 -29.11 22.80
O3G ACP P . -42.67 -27.63 21.81
PB ACP P . -46.40 -25.89 22.91
O1B ACP P . -47.56 -25.35 22.12
O2B ACP P . -45.65 -24.67 23.52
C3B ACP P . -45.26 -26.78 21.80
PA ACP P . -46.86 -26.18 25.52
O1A ACP P . -45.50 -25.80 26.01
O2A ACP P . -47.57 -27.13 26.50
O3A ACP P . -46.84 -26.89 24.09
O5' ACP P . -47.82 -24.96 25.28
C5' ACP P . -49.14 -24.92 25.85
C4' ACP P . -49.84 -23.72 25.28
O4' ACP P . -49.98 -22.72 26.29
C3' ACP P . -49.06 -23.05 24.14
O3' ACP P . -49.41 -23.64 22.88
C2' ACP P . -49.47 -21.58 24.26
O2' ACP P . -50.62 -21.25 23.50
C1' ACP P . -49.75 -21.42 25.76
N9 ACP P . -48.68 -20.79 26.53
C8 ACP P . -47.82 -21.38 27.41
N7 ACP P . -46.97 -20.56 27.97
C5 ACP P . -47.29 -19.33 27.43
C6 ACP P . -46.76 -18.04 27.60
N6 ACP P . -45.74 -17.76 28.43
N1 ACP P . -47.31 -17.02 26.89
C2 ACP P . -48.32 -17.30 26.06
N3 ACP P . -48.91 -18.48 25.81
C4 ACP P . -48.35 -19.45 26.53
MG MG Q . -16.95 26.46 8.67
BE BEF R . -14.62 24.53 7.39
F1 BEF R . -13.41 24.02 8.23
F2 BEF R . -14.51 24.30 5.85
F3 BEF R . -15.14 25.93 7.80
MG MG S . -43.96 -25.09 24.76
PG ACP T . -29.88 -42.12 16.28
O1G ACP T . -29.12 -41.58 15.12
O2G ACP T . -31.26 -42.69 15.87
O3G ACP T . -30.09 -41.03 17.36
PB ACP T . -28.22 -44.52 15.79
O1B ACP T . -27.57 -45.73 16.39
O2B ACP T . -27.12 -43.64 15.14
C3B ACP T . -29.02 -43.50 17.07
PA ACP T . -28.76 -44.78 13.12
O1A ACP T . -28.47 -43.37 12.74
O2A ACP T . -29.78 -45.43 12.21
O3A ACP T . -29.30 -44.94 14.64
O5' ACP T . -27.47 -45.70 13.08
C5' ACP T . -27.55 -47.07 12.66
C4' ACP T . -26.34 -47.81 13.17
O4' ACP T . -25.42 -48.03 12.09
C3' ACP T . -25.54 -47.08 14.25
O3' ACP T . -26.04 -47.31 15.56
C2' ACP T . -24.14 -47.65 14.05
O2' ACP T . -23.98 -48.90 14.70
C1' ACP T . -24.10 -47.81 12.53
N9 ACP T . -23.54 -46.67 11.80
C8 ACP T . -24.22 -45.64 11.21
N7 ACP T . -23.45 -44.75 10.62
C5 ACP T . -22.17 -45.22 10.85
C6 ACP T . -20.90 -44.73 10.50
N6 ACP T . -20.70 -43.61 9.80
N1 ACP T . -19.81 -45.44 10.89
C2 ACP T . -20.01 -46.55 11.59
N3 ACP T . -21.16 -47.12 11.98
C4 ACP T . -22.20 -46.40 11.58
MG MG U . 23.77 -16.03 26.15
BE BEF V . 21.99 -13.68 27.73
F1 BEF V . 21.39 -12.49 26.93
F2 BEF V . 21.92 -13.45 29.26
F3 BEF V . 23.34 -14.20 27.11
MG MG W . -27.49 -41.95 13.97
PG ACP X . 13.18 0.14 -27.39
O1G ACP X . 14.59 -0.17 -27.74
O2G ACP X . 12.24 -0.97 -27.93
O3G ACP X . 12.69 1.49 -27.95
PB ACP X . 13.88 -1.13 -24.73
O1B ACP X . 13.48 -1.20 -23.28
O2B ACP X . 15.38 -0.73 -24.83
C3B ACP X . 12.92 0.17 -25.61
PA ACP X . 15.00 -3.38 -25.52
O1A ACP X . 15.95 -2.79 -26.49
O2A ACP X . 14.66 -4.83 -25.84
O3A ACP X . 13.63 -2.55 -25.45
O5' ACP X . 15.47 -3.35 -24.02
C5' ACP X . 14.87 -4.23 -23.04
C4' ACP X . 15.69 -4.22 -21.78
O4' ACP X . 16.94 -4.91 -21.99
C3' ACP X . 16.11 -2.84 -21.28
O3' ACP X . 15.04 -2.20 -20.60
C2' ACP X . 17.28 -3.20 -20.36
O2' ACP X . 16.83 -3.60 -19.08
C1' ACP X . 17.91 -4.39 -21.09
N9 ACP X . 19.11 -4.06 -21.86
C8 ACP X . 19.33 -4.31 -23.19
N7 ACP X . 20.49 -3.90 -23.63
C5 ACP X . 21.09 -3.34 -22.51
C6 ACP X . 22.34 -2.73 -22.30
N6 ACP X . 23.26 -2.58 -23.27
N1 ACP X . 22.63 -2.28 -21.06
C2 ACP X . 21.71 -2.44 -20.10
N3 ACP X . 20.51 -2.99 -20.17
C4 ACP X . 20.25 -3.43 -21.41
MG MG Y . 60.32 32.91 -13.22
BE BEF Z . 58.54 35.36 -14.29
F1 BEF Z . 58.56 35.74 -15.79
F2 BEF Z . 57.69 36.29 -13.36
F3 BEF Z . 59.92 34.88 -13.71
MG MG AA . 16.31 -0.74 -26.73
S SO4 BA . -18.00 -27.81 -45.23
O1 SO4 BA . -18.89 -26.92 -44.47
O2 SO4 BA . -18.84 -28.73 -46.00
O3 SO4 BA . -17.17 -27.02 -46.13
O4 SO4 BA . -17.15 -28.58 -44.32
S SO4 CA . 15.46 -2.51 -46.86
O1 SO4 CA . 15.06 -2.97 -45.53
O2 SO4 CA . 15.31 -3.59 -47.83
O3 SO4 CA . 14.62 -1.39 -47.26
O4 SO4 CA . 16.87 -2.11 -46.83
S SO4 DA . -26.18 -17.22 -18.79
O1 SO4 DA . -26.50 -17.26 -17.36
O2 SO4 DA . -26.29 -18.55 -19.35
O3 SO4 DA . -27.14 -16.35 -19.47
O4 SO4 DA . -24.82 -16.73 -18.96
PG ACP EA . 2.27 9.50 -41.96
O1G ACP EA . 2.34 10.99 -41.94
O2G ACP EA . 1.32 8.98 -40.84
O3G ACP EA . 3.64 8.81 -41.76
PB ACP EA . 0.37 10.11 -44.19
O1B ACP EA . 0.00 9.75 -45.60
O2B ACP EA . 1.03 11.52 -44.25
C3B ACP EA . 1.59 8.92 -43.52
PA ACP EA . -1.47 11.59 -42.91
O1A ACP EA . -0.47 12.36 -42.13
O2A ACP EA . -2.78 11.46 -42.15
O3A ACP EA . -0.95 10.11 -43.24
O5' ACP EA . -1.86 12.12 -44.34
C5' ACP EA . -3.17 11.89 -44.89
C4' ACP EA . -3.18 12.28 -46.35
O4' ACP EA . -3.78 13.59 -46.50
C3' ACP EA . -1.81 12.41 -46.99
O3' ACP EA . -1.33 11.15 -47.45
C2' ACP EA . -2.08 13.38 -48.14
O2' ACP EA . -2.65 12.72 -49.26
C1' ACP EA . -3.10 14.33 -47.50
N9 ACP EA . -2.51 15.51 -46.89
C8 ACP EA . -2.37 15.77 -45.54
N7 ACP EA . -1.80 16.92 -45.27
C5 ACP EA . -1.53 17.46 -46.51
C6 ACP EA . -0.93 18.66 -46.92
N6 ACP EA . -0.47 19.58 -46.07
N1 ACP EA . -0.83 18.90 -48.25
C2 ACP EA . -1.28 17.98 -49.11
N3 ACP EA . -1.86 16.81 -48.84
C4 ACP EA . -1.96 16.60 -47.53
MG MG FA . 37.09 49.87 -67.09
BE BEF GA . 39.60 48.10 -66.00
F1 BEF GA . 40.21 48.29 -64.59
F2 BEF GA . 40.40 47.26 -67.03
F3 BEF GA . 38.99 49.40 -66.56
MG MG HA . 1.56 12.65 -42.58
#